data_4F1N
#
_entry.id   4F1N
#
_cell.length_a   171.553
_cell.length_b   171.553
_cell.length_c   83.177
_cell.angle_alpha   90.00
_cell.angle_beta   90.00
_cell.angle_gamma   120.00
#
_symmetry.space_group_name_H-M   'P 32'
#
loop_
_entity.id
_entity.type
_entity.pdbx_description
1 polymer KpAGO
2 polymer "RNA 5'-R(P*UP*AP*AP*AP*AP*AP*AP*AP*A)-3'"
3 water water
#
loop_
_entity_poly.entity_id
_entity_poly.type
_entity_poly.pdbx_seq_one_letter_code
_entity_poly.pdbx_strand_id
1 'polypeptide(L)'
;STEKTVDQPKEDTHAIYKVENRHDYGTKGTKVDILTNHILLAVGNDVPTEKIDKELVPKLDGWWKTAFIFTYHIDFKPQQ
KGPPRRGKPVPPQELSKPKKYELIEALLDEDEILYKYRDRIAFNGEDTIYSHVPLEEFTLFDGCWEVSNKQKKKVVPGMG
APSNKASLQKKIDPELEEMVSQITLKFSGKVGLKDIYNDTTTQDTEVQESRMSAIDKTCLLSLLGAKFMSTDDLIFQVQG
NKFFIFNNFAKAIPFQIGGYLLQGFTVSLTHVYGGVALNTVSVPAPFIKHTKYLPGDPRFKNNEKEQFTLMDWIIECYHQ
SKAIRDIRYNPKTAPPPSVKDLNYFVEKNTDISALLKGLKVYRPYINYSINKDGTPKPPRKRSSKGIVGFTRESAVSMRF
NVLESSLKKNSAPKPNEKPININTIDYFKRKYDITLKYPDMKLVNLGGKNDVVPPECLTIVPGQKLKGQIFDTKTYIDFS
AIRPTEKFDLISRLSMPAIKRGLTDSEKEESSAPHNSAYQFMRVPSRILDAPVVQFKESTFEYKDKSYGTKHEESKGNWN
MKGHQFISTPAKQVNLRAIFINNANTAPPASMESELDISMDKFASDVKQLGVDFNVSGKPILINQFGPPIKKFQGGGRGG
RGGRGSRGGRGGRGAPSGPPTFETSPGEISLLNLLENIPSNTYILYVLRRGNDSAVYDRLKYITDLKFGALNSCVVWDNF
KKNSIQYNSNVVMKMNLKLLGSNHSLSIENNKLLIDKESNLPILVLGSDVTHYPEKDQNSIASLVGSYDDKFTQFPGDYM
LQDGPGEEIITNVGSLMLNRLKIYQKHNNGKLPTKIMYFRDGVSVDQFSQVVKIEVKSIKESVRKFGPQLNGGNKYDPPV
TCIATVKRNQVRFIPIQENAKNEKGEEVAVQSMGNVMPGTVVDRGITSVAHFDFFIQSHQALKGTGVPCHYWCLYDENQS
TSDYLQEICNNLCYIFGRSTTSVKVPAPVYYADLLCTRATCFFKAGFELNMAQAPKEKGSKDQPTVSKNVLLPQVNDNIK
SVMYYI
;
A,B
2 'polyribonucleotide' UAAAAAAAA E,F
#
# COMPACT_ATOMS: atom_id res chain seq x y z
N ASP A 12 52.91 -3.80 30.27
CA ASP A 12 53.66 -2.76 30.95
C ASP A 12 52.86 -1.43 31.13
N THR A 13 52.98 -0.53 30.16
CA THR A 13 52.35 0.79 30.23
C THR A 13 51.57 1.13 28.94
N HIS A 14 50.39 1.75 29.08
CA HIS A 14 49.65 2.24 27.90
C HIS A 14 50.50 3.26 27.13
N ALA A 15 50.15 3.53 25.88
CA ALA A 15 50.95 4.45 25.05
C ALA A 15 50.40 5.87 25.22
N ILE A 16 51.08 6.91 24.71
CA ILE A 16 50.52 8.20 25.05
C ILE A 16 50.08 9.11 23.91
N TYR A 17 48.79 9.14 23.67
CA TYR A 17 48.25 9.95 22.61
C TYR A 17 48.15 11.40 23.09
N LYS A 18 49.21 12.17 22.85
CA LYS A 18 49.21 13.57 23.22
C LYS A 18 48.91 14.44 22.00
N VAL A 19 48.13 15.50 22.18
CA VAL A 19 47.92 16.44 21.08
C VAL A 19 49.22 17.10 20.62
N GLU A 20 49.43 17.10 19.31
CA GLU A 20 50.64 17.63 18.67
C GLU A 20 50.89 19.11 18.91
N ASN A 21 52.12 19.39 19.26
CA ASN A 21 52.62 20.73 19.44
C ASN A 21 53.01 21.31 18.09
N ARG A 22 52.88 22.61 17.92
CA ARG A 22 53.33 23.23 16.68
C ARG A 22 54.84 23.10 16.61
N HIS A 23 55.39 22.82 15.43
CA HIS A 23 56.84 22.71 15.30
C HIS A 23 57.47 23.63 14.27
N ASP A 24 56.64 24.21 13.41
CA ASP A 24 57.14 25.25 12.51
C ASP A 24 56.06 26.21 12.07
N TYR A 25 56.46 27.15 11.23
CA TYR A 25 55.53 28.02 10.54
C TYR A 25 55.80 27.86 9.05
N GLY A 26 54.84 28.16 8.19
CA GLY A 26 55.04 27.98 6.76
C GLY A 26 55.80 29.14 6.18
N THR A 27 56.30 28.97 4.96
CA THR A 27 57.16 29.99 4.36
C THR A 27 56.69 30.37 2.96
N LYS A 28 56.00 29.45 2.30
CA LYS A 28 55.70 29.59 0.87
C LYS A 28 54.53 30.50 0.63
N GLY A 29 54.43 31.02 -0.60
CA GLY A 29 53.33 31.86 -1.00
C GLY A 29 53.69 33.33 -1.12
N THR A 30 52.85 34.06 -1.87
CA THR A 30 52.95 35.52 -1.99
C THR A 30 52.52 36.22 -0.71
N LYS A 31 53.37 37.07 -0.16
CA LYS A 31 53.11 37.76 1.12
C LYS A 31 52.29 39.06 1.02
N VAL A 32 51.25 39.17 1.86
CA VAL A 32 50.49 40.41 2.03
C VAL A 32 49.91 40.48 3.43
N ASP A 33 49.87 41.68 4.01
CA ASP A 33 49.18 41.84 5.28
C ASP A 33 47.67 42.00 5.04
N ILE A 34 46.88 41.46 5.95
CA ILE A 34 45.44 41.56 5.86
C ILE A 34 44.94 41.94 7.25
N LEU A 35 43.67 42.32 7.36
CA LEU A 35 43.13 42.65 8.66
C LEU A 35 42.23 41.55 9.12
N THR A 36 42.16 41.31 10.41
CA THR A 36 41.19 40.35 10.93
C THR A 36 40.33 41.00 12.01
N ASN A 37 39.13 40.49 12.21
CA ASN A 37 38.21 41.05 13.21
C ASN A 37 38.59 40.71 14.65
N HIS A 38 39.84 40.99 15.03
CA HIS A 38 40.28 40.78 16.38
C HIS A 38 40.87 42.08 16.90
N ILE A 39 40.75 42.30 18.20
CA ILE A 39 41.45 43.37 18.87
C ILE A 39 42.37 42.79 19.92
N LEU A 40 43.59 43.31 20.01
CA LEU A 40 44.51 42.91 21.07
C LEU A 40 44.16 43.59 22.41
N LEU A 41 43.80 42.78 23.41
CA LEU A 41 43.53 43.31 24.73
C LEU A 41 44.84 43.49 25.46
N ALA A 42 45.67 42.45 25.43
CA ALA A 42 46.87 42.50 26.24
C ALA A 42 47.99 41.68 25.65
N VAL A 43 49.22 42.04 26.06
CA VAL A 43 50.37 41.23 25.77
C VAL A 43 50.62 40.39 27.01
N GLY A 44 50.94 39.10 26.82
CA GLY A 44 51.13 38.18 27.93
C GLY A 44 52.13 38.66 28.97
N ASN A 45 51.91 38.25 30.21
CA ASN A 45 52.80 38.64 31.30
C ASN A 45 54.19 38.04 31.15
N ASP A 46 54.27 36.89 30.47
CA ASP A 46 55.52 36.17 30.27
C ASP A 46 56.23 36.54 28.98
N VAL A 47 55.93 37.71 28.46
CA VAL A 47 56.64 38.20 27.30
C VAL A 47 57.52 39.32 27.81
N PRO A 48 58.83 39.22 27.56
CA PRO A 48 59.83 40.18 28.06
C PRO A 48 59.57 41.59 27.56
N THR A 49 59.72 42.59 28.42
CA THR A 49 59.43 43.99 28.05
C THR A 49 60.24 44.47 26.85
N GLU A 50 61.35 43.77 26.58
CA GLU A 50 62.30 44.12 25.54
C GLU A 50 61.97 43.43 24.21
N LYS A 51 60.70 43.11 24.00
CA LYS A 51 60.26 42.27 22.87
C LYS A 51 59.38 43.02 21.91
N ILE A 52 58.25 43.51 22.42
CA ILE A 52 57.34 44.29 21.63
C ILE A 52 57.59 45.74 21.97
N ASP A 53 57.56 46.58 20.95
CA ASP A 53 57.69 48.02 21.13
C ASP A 53 56.67 48.47 22.15
N LYS A 54 57.07 49.42 22.99
CA LYS A 54 56.20 49.97 24.02
C LYS A 54 54.99 50.69 23.44
N GLU A 55 55.03 51.00 22.14
CA GLU A 55 53.95 51.72 21.49
C GLU A 55 52.93 50.78 20.90
N LEU A 56 53.38 49.60 20.48
CA LEU A 56 52.51 48.60 19.86
C LEU A 56 51.69 47.80 20.88
N VAL A 57 52.13 47.79 22.14
CA VAL A 57 51.34 47.20 23.21
C VAL A 57 50.14 48.08 23.54
N PRO A 58 48.94 47.47 23.55
CA PRO A 58 47.64 48.12 23.67
C PRO A 58 47.44 48.81 24.99
N LYS A 59 47.23 50.14 24.94
CA LYS A 59 46.88 50.94 26.12
C LYS A 59 45.50 50.62 26.60
N LEU A 60 45.28 49.40 27.06
CA LEU A 60 44.05 49.15 27.77
C LEU A 60 44.43 48.41 29.04
N ASP A 61 44.16 49.04 30.19
CA ASP A 61 44.20 48.32 31.45
C ASP A 61 42.79 48.40 32.01
N GLY A 62 42.57 47.81 33.18
CA GLY A 62 41.24 47.79 33.76
C GLY A 62 40.99 46.61 34.67
N TRP A 63 39.74 46.41 35.03
CA TRP A 63 39.36 45.33 35.95
C TRP A 63 39.66 44.01 35.30
N TRP A 64 39.40 43.95 34.01
CA TRP A 64 39.55 42.73 33.23
C TRP A 64 41.00 42.27 33.17
N LYS A 65 41.92 43.11 33.63
CA LYS A 65 43.33 42.75 33.66
C LYS A 65 43.76 42.33 35.06
N THR A 66 43.14 42.91 36.08
CA THR A 66 43.67 42.83 37.43
C THR A 66 42.51 42.88 38.41
N ALA A 67 41.76 41.80 38.51
CA ALA A 67 40.61 41.81 39.39
C ALA A 67 40.37 40.44 39.95
N PHE A 68 39.67 40.41 41.07
CA PHE A 68 39.25 39.16 41.68
C PHE A 68 37.75 39.13 41.77
N ILE A 69 37.15 38.12 41.13
CA ILE A 69 35.71 38.08 40.96
C ILE A 69 35.09 37.05 41.90
N PHE A 70 34.02 37.46 42.57
CA PHE A 70 33.29 36.55 43.44
C PHE A 70 32.43 35.71 42.53
N THR A 71 32.36 34.41 42.80
CA THR A 71 31.48 33.53 42.03
C THR A 71 30.56 32.78 42.97
N TYR A 72 29.35 32.54 42.50
CA TYR A 72 28.34 31.89 43.32
C TYR A 72 27.70 30.84 42.45
N HIS A 73 27.56 29.62 42.97
CA HIS A 73 26.80 28.60 42.28
C HIS A 73 25.34 28.90 42.57
N ILE A 74 24.43 28.49 41.70
CA ILE A 74 23.03 28.89 41.83
C ILE A 74 22.03 27.90 41.19
N ASP A 75 21.14 27.36 42.02
CA ASP A 75 20.10 26.44 41.55
C ASP A 75 18.74 27.13 41.46
N PHE A 76 17.80 26.53 40.75
CA PHE A 76 16.52 27.17 40.48
C PHE A 76 15.29 26.30 40.77
N LYS A 77 14.42 26.77 41.68
CA LYS A 77 12.99 26.40 41.72
C LYS A 77 12.30 26.95 42.97
N LEU A 95 12.49 26.24 34.76
CA LEU A 95 13.55 25.39 34.25
C LEU A 95 14.09 25.91 32.91
N SER A 96 13.21 26.44 32.06
CA SER A 96 13.62 27.02 30.79
C SER A 96 14.52 28.22 31.06
N LYS A 97 15.69 28.30 30.42
CA LYS A 97 16.54 29.50 30.49
C LYS A 97 15.79 30.83 30.37
N PRO A 98 14.81 30.92 29.45
CA PRO A 98 13.95 32.11 29.39
C PRO A 98 13.53 32.61 30.77
N LYS A 99 12.92 31.75 31.57
CA LYS A 99 12.46 32.12 32.90
C LYS A 99 13.63 32.46 33.84
N LYS A 100 14.69 31.64 33.88
CA LYS A 100 15.82 31.96 34.77
C LYS A 100 16.45 33.29 34.45
N TYR A 101 16.82 33.44 33.19
CA TYR A 101 17.44 34.68 32.74
C TYR A 101 16.55 35.87 33.06
N GLU A 102 15.28 35.78 32.64
CA GLU A 102 14.29 36.80 32.97
C GLU A 102 14.24 37.03 34.47
N LEU A 103 14.26 35.94 35.24
CA LEU A 103 14.24 36.02 36.69
C LEU A 103 15.40 36.86 37.24
N ILE A 104 16.62 36.66 36.73
CA ILE A 104 17.76 37.40 37.24
C ILE A 104 17.70 38.90 36.94
N GLU A 105 17.42 39.29 35.70
CA GLU A 105 17.35 40.71 35.36
C GLU A 105 16.26 41.41 36.15
N ALA A 106 15.16 40.69 36.39
CA ALA A 106 14.08 41.22 37.21
C ALA A 106 14.63 41.73 38.54
N LEU A 107 15.31 40.87 39.29
CA LEU A 107 15.97 41.27 40.53
C LEU A 107 16.95 42.43 40.31
N LEU A 108 17.82 42.27 39.32
CA LEU A 108 18.80 43.29 39.00
C LEU A 108 18.16 44.60 38.56
N ASP A 109 16.90 44.54 38.16
CA ASP A 109 16.22 45.73 37.67
C ASP A 109 15.14 46.24 38.64
N GLU A 110 14.49 45.34 39.37
CA GLU A 110 13.51 45.82 40.35
C GLU A 110 13.98 45.83 41.79
N ASP A 111 15.03 46.62 41.99
CA ASP A 111 15.63 46.90 43.29
C ASP A 111 16.64 48.01 43.06
N GLU A 112 16.35 49.21 43.58
CA GLU A 112 17.20 50.37 43.32
C GLU A 112 18.59 50.24 43.92
N ILE A 113 18.74 49.23 44.78
CA ILE A 113 20.01 48.94 45.46
C ILE A 113 20.98 48.11 44.59
N LEU A 114 20.45 47.05 43.98
CA LEU A 114 21.25 46.14 43.17
C LEU A 114 21.49 46.73 41.80
N TYR A 115 20.51 47.49 41.34
CA TYR A 115 20.51 48.11 40.03
C TYR A 115 21.79 48.86 39.74
N LYS A 116 22.38 49.42 40.78
CA LYS A 116 23.62 50.17 40.66
C LYS A 116 24.79 49.23 40.32
N TYR A 117 24.58 47.95 40.56
CA TYR A 117 25.62 46.94 40.34
C TYR A 117 25.27 46.00 39.21
N ARG A 118 24.44 46.47 38.29
CA ARG A 118 23.91 45.60 37.27
C ARG A 118 24.89 45.52 36.09
N ASP A 119 25.94 46.31 36.14
CA ASP A 119 27.01 46.24 35.15
C ASP A 119 28.18 45.47 35.76
N ARG A 120 27.96 44.92 36.95
CA ARG A 120 29.00 44.23 37.69
C ARG A 120 28.55 42.85 38.15
N ILE A 121 27.33 42.47 37.76
CA ILE A 121 26.82 41.14 38.10
C ILE A 121 26.32 40.44 36.83
N ALA A 122 26.68 39.18 36.67
CA ALA A 122 26.38 38.47 35.43
C ALA A 122 25.96 37.04 35.68
N PHE A 123 25.12 36.52 34.79
CA PHE A 123 24.62 35.15 34.87
C PHE A 123 25.33 34.25 33.86
N ASN A 124 25.49 32.98 34.21
CA ASN A 124 26.39 32.08 33.48
C ASN A 124 25.95 31.42 32.15
N GLY A 125 24.73 31.03 31.87
CA GLY A 125 23.44 31.33 32.42
C GLY A 125 22.69 30.08 32.78
N GLU A 126 23.29 29.30 33.67
CA GLU A 126 22.55 28.25 34.33
C GLU A 126 23.16 27.86 35.68
N ASP A 127 24.47 27.72 35.70
CA ASP A 127 25.15 27.30 36.93
C ASP A 127 25.47 28.44 37.87
N THR A 128 26.35 29.34 37.44
CA THR A 128 26.90 30.33 38.35
C THR A 128 26.47 31.77 38.10
N ILE A 129 26.89 32.64 39.01
CA ILE A 129 26.72 34.08 38.88
C ILE A 129 28.05 34.73 39.18
N TYR A 130 28.48 35.64 38.32
CA TYR A 130 29.72 36.35 38.56
C TYR A 130 29.42 37.75 39.08
N SER A 131 30.20 38.21 40.05
CA SER A 131 30.00 39.54 40.58
C SER A 131 31.31 40.23 40.94
N HIS A 132 31.44 41.50 40.56
CA HIS A 132 32.61 42.29 40.91
C HIS A 132 32.64 42.47 42.42
N VAL A 133 31.47 42.48 43.04
CA VAL A 133 31.32 42.75 44.47
C VAL A 133 30.82 41.48 45.16
N PRO A 134 30.80 41.45 46.51
CA PRO A 134 30.24 40.25 47.12
C PRO A 134 28.73 40.32 47.25
N LEU A 135 28.03 39.19 47.09
CA LEU A 135 26.57 39.19 47.09
C LEU A 135 25.98 39.10 48.49
N GLU A 136 26.82 38.77 49.44
CA GLU A 136 26.40 38.70 50.84
C GLU A 136 26.21 40.09 51.46
N GLU A 137 26.65 41.13 50.75
CA GLU A 137 26.47 42.50 51.24
C GLU A 137 25.12 43.06 50.78
N PHE A 138 24.24 42.18 50.33
CA PHE A 138 22.95 42.61 49.84
C PHE A 138 21.86 42.13 50.76
N THR A 139 21.09 43.10 51.27
CA THR A 139 20.00 42.84 52.19
C THR A 139 18.86 42.15 51.46
N LEU A 140 19.22 41.35 50.47
CA LEU A 140 18.25 40.71 49.63
C LEU A 140 18.28 39.19 49.83
N PHE A 141 19.43 38.61 49.55
CA PHE A 141 19.59 37.16 49.55
C PHE A 141 19.78 36.63 50.95
N ASP A 142 19.24 37.34 51.93
CA ASP A 142 19.32 36.91 53.33
C ASP A 142 18.41 35.69 53.50
N GLY A 143 19.01 34.50 53.46
CA GLY A 143 18.23 33.27 53.47
C GLY A 143 18.09 32.71 52.07
N CYS A 144 19.20 32.73 51.33
CA CYS A 144 19.27 32.06 50.04
C CYS A 144 20.45 31.08 50.02
N TRP A 145 21.11 30.94 51.16
CA TRP A 145 22.43 30.27 51.19
C TRP A 145 22.44 28.85 51.80
N GLU A 177 11.13 40.07 45.96
CA GLU A 177 11.02 39.64 47.36
C GLU A 177 10.41 38.25 47.48
N GLU A 178 9.40 37.98 46.64
CA GLU A 178 8.73 36.69 46.64
C GLU A 178 9.37 35.79 45.60
N MET A 179 9.76 36.39 44.48
CA MET A 179 10.42 35.68 43.39
C MET A 179 11.81 35.20 43.80
N VAL A 180 12.49 36.00 44.64
CA VAL A 180 13.82 35.69 45.16
C VAL A 180 13.88 34.32 45.84
N SER A 181 12.73 33.66 45.96
CA SER A 181 12.60 32.38 46.66
C SER A 181 12.81 31.20 45.73
N GLN A 182 13.01 31.49 44.44
CA GLN A 182 13.24 30.46 43.43
C GLN A 182 14.74 30.33 43.19
N ILE A 183 15.51 31.11 43.94
CA ILE A 183 16.97 31.05 43.85
C ILE A 183 17.65 30.52 45.12
N THR A 184 18.74 29.80 44.90
CA THR A 184 19.61 29.35 45.97
C THR A 184 21.01 29.83 45.64
N LEU A 185 21.63 30.52 46.58
CA LEU A 185 22.98 31.02 46.37
C LEU A 185 24.01 30.19 47.14
N LYS A 186 25.18 30.03 46.53
CA LYS A 186 26.28 29.34 47.18
C LYS A 186 27.61 29.84 46.67
N PHE A 187 28.29 30.61 47.50
CA PHE A 187 29.56 31.20 47.14
C PHE A 187 30.58 30.12 46.72
N SER A 188 30.99 30.13 45.47
CA SER A 188 31.86 29.07 44.99
C SER A 188 33.29 29.52 44.73
N GLY A 189 33.75 30.54 45.44
CA GLY A 189 35.13 30.95 45.35
C GLY A 189 35.33 32.23 44.56
N LYS A 190 36.58 32.69 44.51
CA LYS A 190 36.90 33.83 43.69
C LYS A 190 37.77 33.46 42.49
N VAL A 191 37.71 34.28 41.45
CA VAL A 191 38.45 34.04 40.23
C VAL A 191 39.33 35.25 39.91
N GLY A 192 40.65 35.08 39.97
CA GLY A 192 41.56 36.11 39.53
C GLY A 192 41.57 36.18 38.00
N LEU A 193 41.22 37.33 37.45
CA LEU A 193 41.08 37.48 36.01
C LEU A 193 42.43 37.67 35.35
N LYS A 194 43.47 37.90 36.14
CA LYS A 194 44.75 38.25 35.58
C LYS A 194 45.58 37.05 35.20
N ASP A 195 45.06 35.86 35.49
CA ASP A 195 45.75 34.63 35.13
C ASP A 195 45.47 34.29 33.68
N ILE A 196 44.44 34.93 33.13
CA ILE A 196 44.12 34.89 31.70
C ILE A 196 45.33 35.29 30.89
N TYR A 197 46.11 36.21 31.46
CA TYR A 197 47.24 36.83 30.79
C TYR A 197 48.54 36.17 31.17
N ASN A 198 48.47 34.92 31.61
CA ASN A 198 49.65 34.25 32.05
C ASN A 198 50.42 33.45 31.01
N ASP A 199 50.10 32.17 30.86
CA ASP A 199 50.99 31.27 30.12
C ASP A 199 50.89 31.43 28.58
N THR A 200 51.08 32.64 28.10
CA THR A 200 50.84 32.96 26.68
C THR A 200 52.00 32.61 25.75
N THR A 201 53.01 31.94 26.30
CA THR A 201 54.19 31.56 25.55
C THR A 201 54.37 30.08 25.75
N THR A 202 53.83 29.61 26.86
CA THR A 202 53.96 28.22 27.28
C THR A 202 53.70 27.20 26.17
N GLN A 203 54.71 26.41 25.85
CA GLN A 203 54.58 25.47 24.77
C GLN A 203 54.15 24.10 25.25
N ASP A 204 52.98 24.07 25.89
CA ASP A 204 52.40 22.82 26.38
C ASP A 204 50.95 22.76 25.96
N THR A 205 50.67 21.90 24.99
CA THR A 205 49.32 21.82 24.43
C THR A 205 48.26 21.39 25.43
N GLU A 206 48.68 20.90 26.60
CA GLU A 206 47.72 20.47 27.62
C GLU A 206 47.32 21.64 28.50
N VAL A 207 48.30 22.49 28.78
CA VAL A 207 48.11 23.73 29.51
C VAL A 207 47.23 24.67 28.72
N GLN A 208 47.59 24.84 27.46
CA GLN A 208 46.86 25.75 26.60
C GLN A 208 45.42 25.32 26.36
N GLU A 209 45.15 24.05 26.60
CA GLU A 209 43.84 23.48 26.46
C GLU A 209 42.99 23.93 27.59
N SER A 210 43.58 23.85 28.77
CA SER A 210 42.89 24.10 30.01
C SER A 210 42.68 25.59 30.09
N ARG A 211 43.53 26.32 29.39
CA ARG A 211 43.42 27.76 29.30
C ARG A 211 42.31 28.20 28.33
N MET A 212 42.13 27.47 27.22
CA MET A 212 41.15 27.85 26.19
C MET A 212 39.73 27.72 26.67
N SER A 213 39.49 26.71 27.49
CA SER A 213 38.17 26.45 28.05
C SER A 213 38.36 26.56 29.53
N ALA A 214 38.43 27.79 30.00
CA ALA A 214 38.77 28.06 31.40
C ALA A 214 37.68 28.86 32.07
N ILE A 215 37.61 28.78 33.40
CA ILE A 215 36.64 29.57 34.12
C ILE A 215 36.91 31.06 33.99
N ASP A 216 38.16 31.50 34.15
CA ASP A 216 38.47 32.92 34.06
C ASP A 216 38.07 33.53 32.72
N LYS A 217 38.29 32.79 31.63
CA LYS A 217 37.89 33.27 30.31
C LYS A 217 36.36 33.44 30.19
N THR A 218 35.62 32.46 30.69
CA THR A 218 34.16 32.50 30.68
C THR A 218 33.60 33.60 31.58
N CYS A 219 34.26 33.81 32.69
CA CYS A 219 33.91 34.87 33.62
C CYS A 219 34.04 36.24 32.93
N LEU A 220 35.25 36.58 32.49
CA LEU A 220 35.51 37.83 31.78
C LEU A 220 34.52 38.08 30.65
N LEU A 221 34.35 37.09 29.79
CA LEU A 221 33.39 37.22 28.71
C LEU A 221 31.99 37.54 29.25
N SER A 222 31.57 36.83 30.28
CA SER A 222 30.21 37.03 30.74
C SER A 222 30.02 38.38 31.43
N LEU A 223 31.06 38.85 32.11
CA LEU A 223 31.03 40.17 32.74
C LEU A 223 31.08 41.29 31.72
N LEU A 224 31.74 41.06 30.59
CA LEU A 224 31.69 42.03 29.49
C LEU A 224 30.28 42.16 28.98
N GLY A 225 29.54 41.05 28.95
CA GLY A 225 28.15 41.06 28.56
C GLY A 225 27.34 41.96 29.48
N ALA A 226 27.63 41.89 30.77
CA ALA A 226 26.98 42.76 31.73
C ALA A 226 27.16 44.22 31.35
N LYS A 227 28.38 44.60 31.00
CA LYS A 227 28.68 45.98 30.63
C LYS A 227 27.94 46.38 29.35
N PHE A 228 27.93 45.47 28.36
CA PHE A 228 27.27 45.75 27.09
C PHE A 228 25.81 46.03 27.37
N MET A 229 25.26 45.30 28.34
CA MET A 229 23.83 45.31 28.61
C MET A 229 23.39 46.56 29.38
N SER A 230 24.33 47.16 30.09
CA SER A 230 24.02 48.36 30.83
C SER A 230 24.25 49.58 29.96
N THR A 231 23.25 49.90 29.15
CA THR A 231 23.28 51.14 28.39
C THR A 231 21.87 51.65 28.44
N ASP A 232 21.70 52.95 28.22
CA ASP A 232 20.35 53.52 28.18
C ASP A 232 19.61 53.12 26.89
N ASP A 233 20.35 52.61 25.91
CA ASP A 233 19.75 52.11 24.67
C ASP A 233 19.02 50.79 24.88
N LEU A 234 18.08 50.49 23.97
CA LEU A 234 17.34 49.24 24.06
C LEU A 234 18.22 48.15 23.52
N ILE A 235 18.42 47.10 24.31
CA ILE A 235 19.35 46.06 23.88
C ILE A 235 18.87 44.64 24.23
N PHE A 236 19.09 43.71 23.30
CA PHE A 236 18.57 42.36 23.40
C PHE A 236 19.69 41.35 23.58
N GLN A 237 19.51 40.41 24.50
CA GLN A 237 20.45 39.33 24.67
C GLN A 237 19.83 38.04 24.17
N VAL A 238 20.52 37.37 23.25
CA VAL A 238 20.00 36.16 22.65
C VAL A 238 21.06 35.08 22.80
N GLN A 239 20.70 33.99 23.47
CA GLN A 239 21.61 32.87 23.70
C GLN A 239 22.86 33.31 24.46
N GLY A 240 22.68 34.22 25.41
CA GLY A 240 23.75 34.61 26.30
C GLY A 240 24.90 35.45 25.76
N ASN A 241 25.29 35.28 24.51
CA ASN A 241 26.49 35.99 24.02
C ASN A 241 26.26 36.82 22.75
N LYS A 242 25.05 36.76 22.20
CA LYS A 242 24.68 37.59 21.06
C LYS A 242 23.82 38.80 21.44
N PHE A 243 24.35 40.00 21.20
CA PHE A 243 23.69 41.24 21.55
C PHE A 243 23.21 42.02 20.35
N PHE A 244 21.94 42.41 20.39
CA PHE A 244 21.34 43.23 19.35
C PHE A 244 20.91 44.60 19.88
N ILE A 245 21.39 45.68 19.28
CA ILE A 245 20.98 47.01 19.74
C ILE A 245 19.93 47.63 18.82
N PHE A 246 18.83 48.10 19.40
CA PHE A 246 17.69 48.54 18.63
C PHE A 246 17.55 50.06 18.71
N ASN A 247 18.53 50.79 18.20
CA ASN A 247 18.39 52.24 18.06
C ASN A 247 18.09 52.64 16.61
N ASN A 248 18.05 53.93 16.34
CA ASN A 248 17.72 54.42 14.99
C ASN A 248 18.81 54.16 13.95
N PHE A 249 19.94 53.63 14.41
CA PHE A 249 21.09 53.36 13.56
C PHE A 249 21.21 51.88 13.22
N ALA A 250 20.29 51.08 13.75
CA ALA A 250 20.34 49.64 13.61
C ALA A 250 20.07 49.23 12.18
N LYS A 251 20.60 48.08 11.78
CA LYS A 251 20.33 47.56 10.45
C LYS A 251 19.20 46.55 10.56
N ALA A 252 18.04 46.87 9.99
CA ALA A 252 16.87 46.02 10.10
C ALA A 252 15.97 46.09 8.87
N ILE A 253 15.37 44.97 8.52
CA ILE A 253 14.42 44.88 7.42
C ILE A 253 13.21 44.06 7.84
N PRO A 254 12.03 44.37 7.29
CA PRO A 254 10.84 43.59 7.61
C PRO A 254 11.06 42.17 7.09
N PHE A 255 10.64 41.16 7.86
CA PHE A 255 11.04 39.80 7.56
C PHE A 255 9.97 38.93 6.93
N GLN A 256 9.18 38.25 7.75
CA GLN A 256 8.25 37.28 7.20
C GLN A 256 6.84 37.69 7.50
N ILE A 257 6.32 37.14 8.59
CA ILE A 257 5.03 37.56 9.12
C ILE A 257 5.22 38.22 10.48
N GLY A 258 4.84 39.50 10.57
CA GLY A 258 4.98 40.28 11.79
C GLY A 258 6.39 40.33 12.37
N GLY A 259 7.40 40.15 11.54
CA GLY A 259 8.76 40.11 12.05
C GLY A 259 9.76 40.89 11.24
N TYR A 260 10.87 41.25 11.89
CA TYR A 260 12.02 41.88 11.25
C TYR A 260 13.35 41.14 11.52
N LEU A 261 14.33 41.33 10.65
CA LEU A 261 15.67 40.82 10.89
C LEU A 261 16.50 41.96 11.43
N LEU A 262 17.47 41.65 12.27
CA LEU A 262 18.24 42.68 12.92
C LEU A 262 19.66 42.21 13.03
N GLN A 263 20.61 43.10 12.78
CA GLN A 263 22.04 42.77 12.86
C GLN A 263 22.58 43.09 14.22
N GLY A 264 23.06 42.05 14.91
CA GLY A 264 23.69 42.21 16.20
C GLY A 264 25.15 41.84 16.11
N PHE A 265 25.81 41.74 17.26
CA PHE A 265 27.21 41.38 17.29
C PHE A 265 27.45 40.42 18.42
N THR A 266 28.59 39.76 18.40
CA THR A 266 28.92 38.83 19.48
C THR A 266 30.42 38.85 19.68
N VAL A 267 30.86 38.69 20.91
CA VAL A 267 32.31 38.64 21.17
C VAL A 267 32.71 37.37 21.90
N SER A 268 33.92 36.92 21.61
CA SER A 268 34.53 35.81 22.30
C SER A 268 36.00 36.13 22.33
N LEU A 269 36.72 35.58 23.29
CA LEU A 269 38.14 35.87 23.33
C LEU A 269 38.99 34.64 23.05
N THR A 270 39.99 34.84 22.19
CA THR A 270 40.83 33.78 21.69
C THR A 270 42.24 34.07 22.17
N HIS A 271 42.93 33.04 22.68
CA HIS A 271 44.31 33.19 23.07
C HIS A 271 45.18 33.08 21.83
N VAL A 272 46.07 34.03 21.64
CA VAL A 272 47.06 33.96 20.57
C VAL A 272 48.41 33.90 21.23
N TYR A 273 49.46 33.71 20.44
CA TYR A 273 50.79 33.64 21.03
C TYR A 273 51.21 34.97 21.65
N GLY A 274 51.16 35.04 22.98
CA GLY A 274 51.65 36.16 23.76
C GLY A 274 51.13 37.57 23.50
N GLY A 275 49.85 37.84 23.71
CA GLY A 275 48.95 36.89 24.34
C GLY A 275 47.46 36.87 24.01
N VAL A 276 46.72 37.94 24.28
CA VAL A 276 45.25 37.80 24.37
C VAL A 276 44.40 38.73 23.49
N ALA A 277 43.65 38.13 22.58
CA ALA A 277 42.88 38.89 21.60
C ALA A 277 41.39 38.76 21.82
N LEU A 278 40.63 39.75 21.35
CA LEU A 278 39.18 39.73 21.44
C LEU A 278 38.62 39.73 20.04
N ASN A 279 37.65 38.87 19.78
CA ASN A 279 37.18 38.64 18.44
C ASN A 279 35.73 39.10 18.36
N THR A 280 35.36 39.83 17.30
CA THR A 280 33.97 40.25 17.16
C THR A 280 33.43 40.03 15.76
N VAL A 281 32.19 39.58 15.69
CA VAL A 281 31.55 39.30 14.41
C VAL A 281 30.05 39.58 14.58
N SER A 282 29.40 40.04 13.51
CA SER A 282 27.98 40.31 13.50
C SER A 282 27.09 39.07 13.38
N VAL A 283 25.90 39.17 13.97
CA VAL A 283 24.98 38.04 13.98
C VAL A 283 23.59 38.50 13.63
N PRO A 284 22.94 37.80 12.70
CA PRO A 284 21.56 38.12 12.34
C PRO A 284 20.56 37.38 13.22
N ALA A 285 19.50 38.07 13.64
CA ALA A 285 18.36 37.38 14.26
C ALA A 285 17.02 37.97 13.87
N PRO A 286 16.01 37.09 13.77
CA PRO A 286 14.63 37.55 13.56
C PRO A 286 13.98 37.83 14.89
N PHE A 287 13.23 38.91 14.93
CA PHE A 287 12.46 39.29 16.10
C PHE A 287 11.04 39.68 15.68
N ILE A 288 10.10 39.67 16.61
CA ILE A 288 8.74 40.14 16.32
C ILE A 288 8.69 41.67 16.35
N LYS A 289 8.01 42.24 15.37
CA LYS A 289 7.97 43.70 15.17
C LYS A 289 7.22 44.31 16.32
N HIS A 290 7.82 45.30 16.98
CA HIS A 290 7.15 45.88 18.13
C HIS A 290 7.04 47.37 17.96
N THR A 291 7.29 47.82 16.74
CA THR A 291 7.27 49.23 16.41
C THR A 291 6.51 49.45 15.13
N LYS A 292 5.98 50.66 14.95
CA LYS A 292 5.29 51.02 13.73
C LYS A 292 6.27 50.93 12.57
N TYR A 293 7.45 51.51 12.77
CA TYR A 293 8.48 51.60 11.75
C TYR A 293 9.79 51.02 12.26
N LEU A 294 10.64 50.54 11.34
CA LEU A 294 11.90 49.92 11.73
C LEU A 294 13.05 50.90 11.56
N PRO A 295 14.11 50.71 12.35
CA PRO A 295 15.25 51.64 12.35
C PRO A 295 15.75 51.93 10.94
N GLY A 296 16.21 53.15 10.68
CA GLY A 296 16.63 53.52 9.35
C GLY A 296 15.59 54.36 8.60
N ASP A 297 14.40 53.79 8.47
CA ASP A 297 13.22 54.52 7.97
C ASP A 297 13.12 55.90 8.63
N PRO A 298 12.95 56.96 7.84
CA PRO A 298 12.97 58.29 8.46
C PRO A 298 11.74 58.62 9.33
N ARG A 299 10.67 57.86 9.18
CA ARG A 299 9.51 58.00 10.04
C ARG A 299 9.75 57.37 11.41
N PHE A 300 10.93 56.79 11.57
CA PHE A 300 11.32 56.19 12.83
C PHE A 300 12.14 57.19 13.66
N LYS A 301 13.07 57.90 13.01
CA LYS A 301 13.93 58.89 13.66
C LYS A 301 13.15 59.97 14.38
N ASN A 302 12.01 60.33 13.80
CA ASN A 302 11.12 61.33 14.38
C ASN A 302 10.32 60.77 15.55
N ASN A 303 9.45 59.80 15.28
CA ASN A 303 8.76 59.12 16.35
C ASN A 303 9.09 57.64 16.44
N GLU A 304 10.15 57.33 17.18
CA GLU A 304 10.49 55.95 17.48
C GLU A 304 9.38 55.31 18.29
N LYS A 305 8.62 56.14 18.98
CA LYS A 305 7.57 55.69 19.89
C LYS A 305 6.18 56.13 19.42
N GLU A 306 5.98 56.11 18.11
CA GLU A 306 4.68 56.37 17.48
C GLU A 306 3.76 55.16 17.67
N GLN A 307 2.50 55.41 18.03
CA GLN A 307 1.60 54.34 18.48
C GLN A 307 1.51 53.12 17.54
N PHE A 308 1.90 51.97 18.08
CA PHE A 308 1.80 50.71 17.36
C PHE A 308 1.30 49.71 18.37
N THR A 309 0.00 49.43 18.30
CA THR A 309 -0.68 48.56 19.25
C THR A 309 -0.60 47.14 18.76
N LEU A 310 -1.26 46.22 19.48
CA LEU A 310 -1.34 44.83 19.07
C LEU A 310 -2.17 44.69 17.80
N MET A 311 -3.26 45.45 17.71
CA MET A 311 -4.09 45.43 16.51
C MET A 311 -3.28 45.78 15.26
N ASP A 312 -2.51 46.86 15.36
CA ASP A 312 -1.72 47.36 14.25
C ASP A 312 -0.82 46.26 13.73
N TRP A 313 -0.37 45.42 14.65
CA TRP A 313 0.47 44.27 14.34
C TRP A 313 -0.30 43.19 13.58
N ILE A 314 -1.51 42.87 14.04
CA ILE A 314 -2.31 41.79 13.43
C ILE A 314 -2.73 42.12 12.00
N ILE A 315 -3.07 43.39 11.76
CA ILE A 315 -3.39 43.84 10.41
C ILE A 315 -2.22 43.59 9.50
N GLU A 316 -1.03 43.96 9.97
CA GLU A 316 0.19 43.78 9.18
C GLU A 316 0.29 42.31 8.83
N CYS A 317 0.28 41.46 9.85
CA CYS A 317 0.38 40.02 9.67
C CYS A 317 -0.67 39.51 8.69
N TYR A 318 -1.88 40.06 8.75
CA TYR A 318 -2.91 39.70 7.79
C TYR A 318 -2.42 39.99 6.38
N HIS A 319 -2.19 41.26 6.08
CA HIS A 319 -1.76 41.69 4.75
C HIS A 319 -0.57 40.89 4.27
N GLN A 320 0.48 40.86 5.08
CA GLN A 320 1.69 40.10 4.80
C GLN A 320 1.35 38.67 4.42
N SER A 321 0.56 38.01 5.28
CA SER A 321 0.23 36.59 5.11
C SER A 321 -0.48 36.27 3.79
N LYS A 322 -1.45 37.08 3.42
CA LYS A 322 -2.15 36.86 2.18
C LYS A 322 -1.30 37.29 0.98
N ALA A 323 -0.41 38.27 1.18
CA ALA A 323 0.39 38.78 0.06
C ALA A 323 1.44 37.77 -0.37
N ILE A 324 1.68 36.79 0.50
CA ILE A 324 2.68 35.76 0.27
C ILE A 324 2.06 34.37 0.14
N ARG A 325 0.80 34.22 0.56
CA ARG A 325 0.04 32.99 0.33
C ARG A 325 -0.84 33.14 -0.93
N ASP A 326 -0.99 34.38 -1.40
CA ASP A 326 -1.67 34.69 -2.65
C ASP A 326 -0.78 35.70 -3.39
N ILE A 327 -0.91 35.80 -4.70
CA ILE A 327 -0.01 36.71 -5.41
C ILE A 327 -0.76 37.89 -6.02
N ARG A 328 -0.07 39.02 -6.09
CA ARG A 328 -0.61 40.28 -6.59
C ARG A 328 -1.76 40.62 -5.66
N TYR A 329 -1.59 40.24 -4.41
CA TYR A 329 -2.53 40.58 -3.38
C TYR A 329 -2.46 42.10 -3.19
N ASN A 330 -1.24 42.60 -3.14
CA ASN A 330 -0.96 44.03 -2.93
C ASN A 330 -1.75 44.70 -1.80
N PRO A 331 -1.15 44.72 -0.60
CA PRO A 331 -1.68 45.44 0.55
C PRO A 331 -1.93 46.94 0.29
N LYS A 332 -1.21 47.54 -0.67
CA LYS A 332 -1.40 48.96 -0.95
C LYS A 332 -2.77 49.23 -1.59
N THR A 333 -3.36 48.22 -2.21
CA THR A 333 -4.70 48.34 -2.76
C THR A 333 -5.71 47.59 -1.91
N ALA A 334 -5.44 46.31 -1.70
CA ALA A 334 -6.34 45.36 -1.02
C ALA A 334 -7.22 45.94 0.08
N PRO A 335 -8.52 45.62 0.04
CA PRO A 335 -9.45 46.20 1.01
C PRO A 335 -9.12 45.77 2.43
N PRO A 336 -9.12 46.73 3.36
CA PRO A 336 -8.78 46.40 4.75
C PRO A 336 -9.79 45.43 5.33
N PRO A 337 -9.34 44.45 6.13
CA PRO A 337 -10.22 43.47 6.77
C PRO A 337 -11.27 44.13 7.63
N SER A 338 -12.52 43.79 7.32
CA SER A 338 -13.68 44.32 8.03
C SER A 338 -14.05 43.41 9.20
N VAL A 339 -13.02 42.82 9.79
CA VAL A 339 -13.08 42.26 11.14
C VAL A 339 -13.80 40.90 11.27
N LYS A 340 -14.55 40.48 10.26
CA LYS A 340 -15.12 39.12 10.28
C LYS A 340 -14.10 38.11 9.75
N ASP A 341 -13.40 38.52 8.69
CA ASP A 341 -12.22 37.81 8.23
C ASP A 341 -11.25 37.71 9.39
N LEU A 342 -10.95 38.87 9.96
CA LEU A 342 -9.86 39.10 10.90
C LEU A 342 -10.04 38.45 12.26
N ASN A 343 -11.13 37.71 12.46
CA ASN A 343 -11.32 37.00 13.71
C ASN A 343 -11.08 35.52 13.47
N TYR A 344 -11.54 35.04 12.32
CA TYR A 344 -11.26 33.70 11.83
C TYR A 344 -9.74 33.53 11.71
N PHE A 345 -9.09 34.52 11.09
CA PHE A 345 -7.65 34.54 10.91
C PHE A 345 -6.95 34.29 12.24
N VAL A 346 -7.11 35.23 13.15
CA VAL A 346 -6.42 35.24 14.43
C VAL A 346 -6.79 34.05 15.35
N GLU A 347 -7.43 33.04 14.79
CA GLU A 347 -7.87 31.88 15.58
C GLU A 347 -7.57 30.56 14.86
N LYS A 348 -7.89 30.48 13.58
CA LYS A 348 -7.68 29.24 12.84
C LYS A 348 -6.49 29.29 11.87
N ASN A 349 -5.73 30.38 11.90
CA ASN A 349 -4.60 30.56 10.98
C ASN A 349 -3.26 30.54 11.69
N THR A 350 -2.54 29.43 11.55
CA THR A 350 -1.30 29.18 12.29
C THR A 350 -0.18 30.17 11.98
N ASP A 351 -0.35 30.93 10.90
CA ASP A 351 0.61 31.94 10.51
C ASP A 351 0.67 33.08 11.53
N ILE A 352 -0.23 33.07 12.50
CA ILE A 352 -0.26 34.08 13.54
C ILE A 352 -0.69 33.53 14.92
N SER A 353 -1.43 32.44 14.93
CA SER A 353 -1.80 31.77 16.16
C SER A 353 -0.52 31.40 16.94
N ALA A 354 0.42 30.75 16.26
CA ALA A 354 1.69 30.32 16.87
C ALA A 354 2.47 31.50 17.45
N LEU A 355 2.37 32.65 16.79
CA LEU A 355 3.07 33.84 17.24
C LEU A 355 2.42 34.48 18.46
N LEU A 356 1.10 34.47 18.51
CA LEU A 356 0.40 35.03 19.66
C LEU A 356 0.55 34.10 20.86
N LYS A 357 0.39 32.80 20.63
CA LYS A 357 0.62 31.79 21.65
C LYS A 357 1.89 32.14 22.43
N GLY A 358 1.69 32.86 23.54
CA GLY A 358 2.79 33.19 24.43
C GLY A 358 3.31 34.61 24.35
N LEU A 359 2.99 35.31 23.25
CA LEU A 359 3.45 36.68 23.00
C LEU A 359 3.26 37.57 24.22
N LYS A 360 4.33 38.21 24.67
CA LYS A 360 4.23 39.05 25.86
C LYS A 360 3.85 40.49 25.50
N VAL A 361 2.85 41.03 26.18
CA VAL A 361 2.27 42.32 25.81
C VAL A 361 2.29 43.30 27.00
N TYR A 362 2.06 44.59 26.71
CA TYR A 362 2.01 45.64 27.73
C TYR A 362 0.60 46.18 27.86
N ARG A 363 0.30 46.76 29.03
CA ARG A 363 -0.96 47.47 29.21
C ARG A 363 -0.69 48.95 29.49
N PRO A 364 -0.37 49.72 28.43
CA PRO A 364 0.05 51.12 28.51
C PRO A 364 -0.88 52.04 29.30
N TYR A 365 -2.14 51.62 29.50
CA TYR A 365 -3.13 52.45 30.17
C TYR A 365 -3.13 52.34 31.70
N ILE A 366 -2.07 51.75 32.25
CA ILE A 366 -1.94 51.61 33.69
C ILE A 366 -0.63 52.28 34.11
N ASN A 367 -0.73 53.38 34.82
CA ASN A 367 0.43 54.26 35.00
C ASN A 367 0.77 54.64 36.44
N ARG A 382 6.99 48.15 33.58
CA ARG A 382 7.94 47.05 33.52
C ARG A 382 7.37 45.75 34.08
N SER A 383 6.16 45.40 33.65
CA SER A 383 5.59 44.09 33.95
C SER A 383 4.75 43.68 32.76
N SER A 384 5.29 42.78 31.95
CA SER A 384 4.61 42.33 30.75
C SER A 384 3.91 41.01 30.95
N LYS A 385 2.59 41.05 30.99
CA LYS A 385 1.82 39.81 31.01
C LYS A 385 1.83 39.19 29.61
N GLY A 386 2.12 37.91 29.51
CA GLY A 386 1.99 37.20 28.24
C GLY A 386 0.54 36.84 28.01
N ILE A 387 0.24 36.24 26.85
CA ILE A 387 -1.15 35.89 26.53
C ILE A 387 -1.41 34.39 26.61
N VAL A 388 -2.68 34.00 26.55
CA VAL A 388 -3.07 32.59 26.56
C VAL A 388 -3.83 32.19 25.29
N GLY A 389 -4.63 33.12 24.76
CA GLY A 389 -5.35 32.89 23.52
C GLY A 389 -6.39 33.96 23.24
N PHE A 390 -7.35 33.62 22.38
CA PHE A 390 -8.45 34.52 22.04
C PHE A 390 -9.79 33.98 22.51
N THR A 391 -10.54 34.84 23.19
CA THR A 391 -11.87 34.49 23.69
C THR A 391 -12.85 34.36 22.53
N ARG A 392 -14.13 34.22 22.86
CA ARG A 392 -15.19 34.18 21.86
C ARG A 392 -15.98 35.49 21.85
N GLU A 393 -16.18 36.06 23.02
CA GLU A 393 -16.94 37.30 23.16
C GLU A 393 -16.25 38.55 22.56
N SER A 394 -17.07 39.45 22.01
CA SER A 394 -16.57 40.69 21.40
C SER A 394 -16.20 41.72 22.46
N ALA A 395 -15.82 42.92 22.02
CA ALA A 395 -15.48 44.00 22.93
C ALA A 395 -16.75 44.71 23.34
N VAL A 396 -17.81 44.48 22.57
CA VAL A 396 -19.12 45.02 22.88
C VAL A 396 -19.97 43.99 23.64
N SER A 397 -19.84 42.74 23.22
CA SER A 397 -20.58 41.63 23.81
C SER A 397 -19.83 41.09 25.03
N MET A 398 -19.47 42.00 25.93
CA MET A 398 -18.71 41.67 27.13
C MET A 398 -19.24 42.48 28.27
N ARG A 399 -20.07 41.86 29.11
CA ARG A 399 -20.64 42.61 30.21
C ARG A 399 -20.49 41.82 31.52
N ASN A 423 -20.05 47.01 30.83
CA ASN A 423 -19.48 46.81 29.48
C ASN A 423 -18.00 47.26 29.29
N THR A 424 -17.28 46.49 28.49
CA THR A 424 -15.85 46.72 28.20
C THR A 424 -15.56 48.08 27.56
N ILE A 425 -16.25 48.38 26.46
CA ILE A 425 -16.08 49.67 25.77
C ILE A 425 -16.47 50.78 26.74
N ASP A 426 -17.52 50.52 27.51
CA ASP A 426 -17.96 51.43 28.56
C ASP A 426 -16.89 51.58 29.64
N TYR A 427 -16.32 50.47 30.09
CA TYR A 427 -15.20 50.50 31.04
C TYR A 427 -14.11 51.43 30.50
N PHE A 428 -13.58 51.11 29.33
CA PHE A 428 -12.49 51.90 28.77
C PHE A 428 -12.90 53.32 28.37
N LYS A 429 -14.12 53.52 27.89
CA LYS A 429 -14.58 54.85 27.50
C LYS A 429 -14.67 55.76 28.71
N ARG A 430 -15.29 55.25 29.76
CA ARG A 430 -15.47 56.01 30.98
C ARG A 430 -14.19 56.03 31.82
N LYS A 431 -13.78 54.85 32.27
CA LYS A 431 -12.74 54.73 33.30
C LYS A 431 -11.31 54.89 32.83
N TYR A 432 -11.12 55.03 31.51
CA TYR A 432 -9.79 55.28 30.93
C TYR A 432 -9.81 56.32 29.80
N ASP A 433 -11.00 56.80 29.46
CA ASP A 433 -11.17 57.84 28.44
C ASP A 433 -10.63 57.43 27.06
N ILE A 434 -10.94 56.21 26.63
CA ILE A 434 -10.51 55.73 25.32
C ILE A 434 -11.63 55.09 24.51
N THR A 435 -11.65 55.37 23.22
CA THR A 435 -12.73 54.94 22.35
C THR A 435 -12.28 53.76 21.52
N LEU A 436 -12.87 52.59 21.77
CA LEU A 436 -12.51 51.38 21.05
C LEU A 436 -12.85 51.43 19.55
N LYS A 437 -11.83 51.45 18.71
CA LYS A 437 -12.03 51.61 17.27
C LYS A 437 -12.49 50.31 16.62
N TYR A 438 -12.04 49.18 17.14
CA TYR A 438 -12.53 47.90 16.65
C TYR A 438 -13.19 47.16 17.81
N PRO A 439 -14.44 47.54 18.13
CA PRO A 439 -15.16 47.03 19.29
C PRO A 439 -15.84 45.70 18.96
N ASP A 440 -15.88 45.37 17.68
CA ASP A 440 -16.45 44.13 17.23
C ASP A 440 -15.38 43.05 17.25
N MET A 441 -14.12 43.47 17.40
CA MET A 441 -13.00 42.53 17.43
C MET A 441 -13.05 41.70 18.70
N LYS A 442 -12.89 40.39 18.54
CA LYS A 442 -12.69 39.48 19.67
C LYS A 442 -11.61 40.07 20.57
N LEU A 443 -11.71 39.84 21.87
CA LEU A 443 -10.62 40.29 22.73
C LEU A 443 -9.71 39.14 23.15
N VAL A 444 -8.52 39.50 23.62
CA VAL A 444 -7.54 38.53 24.09
C VAL A 444 -7.60 38.45 25.60
N ASN A 445 -7.18 37.32 26.16
CA ASN A 445 -7.04 37.24 27.60
C ASN A 445 -5.61 36.99 28.05
N LEU A 446 -5.26 37.62 29.16
CA LEU A 446 -3.95 37.49 29.75
C LEU A 446 -4.12 36.75 31.07
N GLY A 447 -4.50 35.47 30.97
CA GLY A 447 -4.65 34.61 32.13
C GLY A 447 -5.73 35.03 33.11
N GLY A 448 -5.83 34.28 34.19
CA GLY A 448 -6.77 34.57 35.27
C GLY A 448 -6.50 35.88 35.99
N LYS A 449 -7.41 36.26 36.88
CA LYS A 449 -8.66 35.54 37.11
C LYS A 449 -9.61 35.86 35.96
N ASN A 450 -9.92 37.13 35.82
CA ASN A 450 -10.58 37.68 34.65
C ASN A 450 -9.84 38.95 34.29
N ASP A 451 -8.66 38.80 33.68
CA ASP A 451 -7.90 39.95 33.22
C ASP A 451 -7.84 39.90 31.70
N VAL A 452 -8.91 40.43 31.11
CA VAL A 452 -9.15 40.37 29.67
C VAL A 452 -9.22 41.82 29.11
N VAL A 453 -8.61 42.04 27.95
CA VAL A 453 -8.38 43.37 27.43
C VAL A 453 -8.42 43.29 25.90
N PRO A 454 -8.78 44.39 25.20
CA PRO A 454 -8.80 44.27 23.74
C PRO A 454 -7.45 44.55 23.08
N PRO A 455 -7.17 43.87 21.97
CA PRO A 455 -5.90 44.02 21.23
C PRO A 455 -5.65 45.49 20.84
N GLU A 456 -6.71 46.24 20.61
CA GLU A 456 -6.58 47.60 20.16
C GLU A 456 -5.76 48.52 21.08
N CYS A 457 -5.61 48.15 22.34
CA CYS A 457 -4.82 48.93 23.27
C CYS A 457 -3.95 48.01 24.13
N LEU A 458 -2.87 47.56 23.53
CA LEU A 458 -2.06 46.51 24.12
C LEU A 458 -0.79 46.44 23.29
N THR A 459 0.25 47.15 23.71
CA THR A 459 1.50 47.17 22.96
C THR A 459 2.34 45.91 23.18
N ILE A 460 3.29 45.66 22.28
CA ILE A 460 4.06 44.43 22.32
C ILE A 460 5.47 44.63 22.87
N VAL A 461 5.89 43.78 23.81
CA VAL A 461 7.19 43.95 24.44
C VAL A 461 8.32 43.57 23.46
N PRO A 462 9.30 44.46 23.31
CA PRO A 462 10.38 44.31 22.33
C PRO A 462 11.27 43.11 22.57
N GLY A 463 12.02 42.74 21.54
CA GLY A 463 13.11 41.80 21.70
C GLY A 463 12.72 40.35 21.75
N GLN A 464 11.47 40.05 21.44
CA GLN A 464 11.01 38.66 21.47
C GLN A 464 11.40 37.93 20.21
N LYS A 465 12.05 36.79 20.38
CA LYS A 465 12.47 35.95 19.26
C LYS A 465 11.28 35.62 18.35
N LEU A 466 11.52 35.55 17.05
CA LEU A 466 10.47 35.20 16.12
C LEU A 466 10.54 33.71 15.95
N LYS A 467 9.78 33.01 16.78
CA LYS A 467 9.77 31.56 16.77
C LYS A 467 9.18 31.02 15.47
N GLY A 468 9.73 29.92 14.99
CA GLY A 468 9.26 29.32 13.76
C GLY A 468 10.42 28.84 12.92
N GLN A 469 10.11 28.20 11.80
CA GLN A 469 11.13 27.81 10.85
C GLN A 469 11.26 28.97 9.86
N ILE A 470 12.47 29.29 9.43
CA ILE A 470 12.64 30.26 8.37
C ILE A 470 12.09 29.66 7.07
N PHE A 471 11.11 30.34 6.48
CA PHE A 471 10.62 29.92 5.17
C PHE A 471 11.04 30.86 4.05
N ASP A 472 11.21 32.14 4.37
CA ASP A 472 11.75 33.11 3.40
C ASP A 472 13.27 33.13 3.50
N THR A 473 13.89 32.05 3.05
CA THR A 473 15.33 31.90 3.13
C THR A 473 16.07 32.98 2.36
N LYS A 474 15.57 33.36 1.20
CA LYS A 474 16.29 34.34 0.38
C LYS A 474 16.51 35.65 1.11
N THR A 475 15.46 36.19 1.72
CA THR A 475 15.56 37.43 2.48
C THR A 475 16.55 37.26 3.63
N TYR A 476 16.44 36.14 4.34
CA TYR A 476 17.28 35.84 5.49
C TYR A 476 18.76 35.81 5.09
N ILE A 477 19.02 35.20 3.94
CA ILE A 477 20.38 35.03 3.50
C ILE A 477 21.00 36.32 2.94
N ASP A 478 20.27 37.00 2.07
CA ASP A 478 20.70 38.27 1.53
C ASP A 478 20.97 39.32 2.60
N PHE A 479 20.30 39.21 3.73
CA PHE A 479 20.42 40.18 4.80
C PHE A 479 21.85 40.20 5.33
N SER A 480 22.49 39.03 5.37
CA SER A 480 23.79 38.86 6.01
C SER A 480 24.93 38.74 5.00
N ALA A 481 24.58 38.60 3.73
CA ALA A 481 25.57 38.45 2.68
C ALA A 481 26.24 39.79 2.30
N ILE A 482 27.00 40.32 3.25
CA ILE A 482 27.69 41.59 3.13
C ILE A 482 29.17 41.35 2.76
N ARG A 483 29.73 42.19 1.89
CA ARG A 483 31.11 42.04 1.46
C ARG A 483 32.02 42.51 2.59
N PRO A 484 33.32 42.14 2.57
CA PRO A 484 34.11 42.42 3.78
C PRO A 484 34.21 43.89 4.18
N THR A 485 34.44 44.78 3.24
CA THR A 485 34.53 46.20 3.59
C THR A 485 33.30 46.68 4.33
N GLU A 486 32.14 46.43 3.75
CA GLU A 486 30.86 46.76 4.38
C GLU A 486 30.61 46.00 5.70
N LYS A 487 31.13 44.78 5.83
CA LYS A 487 30.87 43.96 7.00
C LYS A 487 31.82 44.28 8.16
N PHE A 488 33.00 44.80 7.86
CA PHE A 488 33.95 45.15 8.90
C PHE A 488 33.55 46.48 9.52
N ASP A 489 32.94 47.31 8.69
CA ASP A 489 32.41 48.59 9.15
C ASP A 489 31.31 48.29 10.13
N LEU A 490 30.40 47.42 9.70
CA LEU A 490 29.27 47.00 10.52
C LEU A 490 29.70 46.48 11.88
N ILE A 491 30.66 45.55 11.88
CA ILE A 491 31.21 45.01 13.11
C ILE A 491 31.81 46.11 13.97
N SER A 492 32.60 46.99 13.36
CA SER A 492 33.18 48.11 14.07
C SER A 492 32.11 49.06 14.64
N ARG A 493 31.08 49.31 13.84
CA ARG A 493 30.03 50.26 14.19
C ARG A 493 29.03 49.72 15.25
N LEU A 494 28.88 48.40 15.36
CA LEU A 494 28.04 47.80 16.39
C LEU A 494 28.83 47.42 17.67
N SER A 495 30.00 46.82 17.49
CA SER A 495 30.89 46.38 18.58
C SER A 495 31.52 47.50 19.41
N MET A 496 32.29 48.35 18.75
CA MET A 496 33.21 49.26 19.44
C MET A 496 32.64 50.13 20.56
N PRO A 497 31.49 50.79 20.33
CA PRO A 497 30.83 51.41 21.48
C PRO A 497 30.76 50.46 22.68
N ALA A 498 30.11 49.31 22.50
CA ALA A 498 29.88 48.37 23.59
C ALA A 498 31.18 47.88 24.23
N ILE A 499 32.18 47.66 23.40
CA ILE A 499 33.46 47.19 23.93
C ILE A 499 34.18 48.29 24.72
N LYS A 500 34.15 49.52 24.22
CA LYS A 500 34.75 50.65 24.93
C LYS A 500 34.06 50.81 26.27
N ARG A 501 32.73 50.71 26.27
CA ARG A 501 31.92 50.77 27.50
C ARG A 501 32.33 49.66 28.44
N GLY A 502 32.60 48.48 27.87
CA GLY A 502 32.98 47.32 28.64
C GLY A 502 34.33 47.41 29.30
N LEU A 503 35.33 47.85 28.54
CA LEU A 503 36.71 47.85 29.00
C LEU A 503 37.15 49.12 29.75
N THR A 504 36.21 49.86 30.33
CA THR A 504 36.56 51.01 31.16
C THR A 504 35.94 50.84 32.53
N ASP A 505 36.59 51.43 33.54
CA ASP A 505 36.28 51.16 34.94
C ASP A 505 35.02 51.84 35.50
N SER A 506 34.23 51.05 36.22
CA SER A 506 32.85 51.40 36.63
C SER A 506 32.64 52.68 37.46
N GLU A 507 33.08 53.82 36.93
CA GLU A 507 32.79 55.12 37.54
C GLU A 507 32.78 56.25 36.51
N ASN A 516 42.00 54.72 22.01
CA ASN A 516 41.22 54.65 20.76
C ASN A 516 42.04 54.14 19.55
N SER A 517 43.36 54.28 19.64
CA SER A 517 44.34 53.63 18.76
C SER A 517 44.53 52.19 19.22
N ALA A 518 43.93 51.89 20.38
CA ALA A 518 43.97 50.54 20.92
C ALA A 518 42.81 49.71 20.36
N TYR A 519 41.70 50.38 20.06
CA TYR A 519 40.52 49.75 19.47
C TYR A 519 40.59 49.78 17.95
N GLN A 520 41.46 48.95 17.41
CA GLN A 520 41.54 48.79 15.96
C GLN A 520 41.94 47.37 15.60
N PHE A 521 41.48 46.94 14.44
CA PHE A 521 41.62 45.57 14.02
C PHE A 521 43.06 45.18 13.85
N MET A 522 43.38 43.99 14.36
CA MET A 522 44.70 43.42 14.20
C MET A 522 45.07 43.30 12.74
N ARG A 523 46.34 43.55 12.46
CA ARG A 523 46.85 43.36 11.14
C ARG A 523 47.83 42.19 11.20
N VAL A 524 47.55 41.14 10.46
CA VAL A 524 48.37 39.94 10.51
C VAL A 524 48.91 39.70 9.13
N PRO A 525 50.01 38.94 9.04
CA PRO A 525 50.57 38.52 7.75
C PRO A 525 49.89 37.30 7.18
N SER A 526 49.78 37.28 5.85
CA SER A 526 49.21 36.17 5.15
C SER A 526 50.11 35.85 3.99
N ARG A 527 49.88 34.68 3.41
CA ARG A 527 50.67 34.22 2.31
C ARG A 527 49.66 33.56 1.40
N ILE A 528 49.76 33.82 0.11
CA ILE A 528 48.81 33.28 -0.82
C ILE A 528 49.43 32.16 -1.63
N LEU A 529 48.97 30.93 -1.39
CA LEU A 529 49.45 29.76 -2.10
C LEU A 529 48.91 29.65 -3.53
N ASP A 530 49.75 29.16 -4.44
CA ASP A 530 49.33 28.96 -5.82
C ASP A 530 48.25 27.90 -5.86
N ALA A 531 47.36 28.03 -6.84
CA ALA A 531 46.36 26.99 -7.03
C ALA A 531 47.04 25.82 -7.69
N PRO A 532 46.49 24.61 -7.51
CA PRO A 532 47.10 23.50 -8.19
C PRO A 532 46.68 23.52 -9.64
N VAL A 533 47.11 22.51 -10.38
CA VAL A 533 46.71 22.43 -11.76
C VAL A 533 45.50 21.49 -11.79
N VAL A 534 44.40 21.98 -12.35
CA VAL A 534 43.23 21.13 -12.50
C VAL A 534 43.40 20.35 -13.78
N GLN A 535 43.23 19.03 -13.71
CA GLN A 535 43.35 18.17 -14.90
C GLN A 535 41.99 17.70 -15.39
N PHE A 536 41.74 17.87 -16.71
CA PHE A 536 40.60 17.22 -17.34
C PHE A 536 41.13 16.07 -18.18
N LYS A 537 40.36 15.61 -19.15
CA LYS A 537 40.79 14.47 -19.95
C LYS A 537 42.01 14.75 -20.81
N GLU A 538 42.04 15.91 -21.49
CA GLU A 538 43.20 16.25 -22.35
C GLU A 538 43.54 17.73 -22.30
N SER A 539 43.36 18.33 -21.13
CA SER A 539 43.38 19.79 -21.00
C SER A 539 43.72 20.09 -19.55
N THR A 540 44.17 21.31 -19.28
CA THR A 540 44.42 21.73 -17.90
C THR A 540 43.84 23.10 -17.60
N PHE A 541 43.71 23.42 -16.32
CA PHE A 541 43.42 24.79 -15.93
C PHE A 541 44.28 25.25 -14.77
N GLU A 542 45.29 26.08 -15.08
CA GLU A 542 46.13 26.66 -14.06
C GLU A 542 45.88 28.13 -14.07
N TYR A 543 45.58 28.70 -12.90
CA TYR A 543 45.44 30.13 -12.80
C TYR A 543 46.84 30.74 -12.90
N LYS A 544 47.00 31.71 -13.80
CA LYS A 544 48.24 32.47 -13.91
C LYS A 544 47.95 33.81 -13.26
N ASP A 545 48.81 34.20 -12.32
CA ASP A 545 48.60 35.42 -11.56
C ASP A 545 48.58 36.61 -12.52
N LYS A 546 47.88 37.69 -12.15
CA LYS A 546 47.82 38.89 -12.97
C LYS A 546 47.37 40.06 -12.09
N SER A 547 47.52 41.29 -12.58
CA SER A 547 47.19 42.51 -11.79
C SER A 547 45.70 42.68 -11.59
N TYR A 548 45.36 43.42 -10.54
CA TYR A 548 43.97 43.54 -10.13
C TYR A 548 43.09 44.37 -11.09
N GLY A 549 43.71 45.05 -12.05
CA GLY A 549 42.96 45.71 -13.13
C GLY A 549 41.65 45.13 -13.70
N THR A 550 41.74 44.14 -14.57
CA THR A 550 40.54 43.51 -15.11
C THR A 550 39.99 42.64 -14.01
N LYS A 551 39.02 41.78 -14.31
CA LYS A 551 38.55 40.90 -13.24
C LYS A 551 39.11 39.48 -13.26
N HIS A 552 40.40 39.37 -13.60
CA HIS A 552 41.06 38.07 -13.81
C HIS A 552 41.12 37.19 -12.60
N GLU A 553 41.29 37.81 -11.44
CA GLU A 553 41.31 37.13 -10.14
C GLU A 553 40.10 36.21 -9.93
N GLU A 554 38.97 36.57 -10.52
CA GLU A 554 37.77 35.84 -10.20
C GLU A 554 37.78 34.43 -10.76
N SER A 555 38.85 34.06 -11.46
CA SER A 555 38.86 32.73 -12.04
C SER A 555 39.74 31.75 -11.27
N LYS A 556 40.52 32.26 -10.31
CA LYS A 556 41.33 31.35 -9.50
C LYS A 556 40.39 30.49 -8.68
N GLY A 557 40.49 29.16 -8.85
CA GLY A 557 39.60 28.26 -8.13
C GLY A 557 38.16 28.47 -8.58
N ASN A 558 38.01 28.82 -9.85
CA ASN A 558 36.67 29.01 -10.40
C ASN A 558 36.65 28.89 -11.90
N TRP A 559 36.56 27.66 -12.40
CA TRP A 559 36.56 27.40 -13.83
C TRP A 559 35.20 26.91 -14.29
N ASN A 560 35.18 26.39 -15.52
CA ASN A 560 34.00 25.70 -16.06
C ASN A 560 34.38 24.57 -16.99
N MET A 561 33.40 23.76 -17.35
CA MET A 561 33.70 22.56 -18.10
C MET A 561 33.82 22.80 -19.59
N LYS A 562 33.64 24.05 -20.01
CA LYS A 562 33.61 24.37 -21.44
C LYS A 562 34.89 24.13 -22.18
N GLY A 563 34.79 23.41 -23.29
CA GLY A 563 35.95 23.06 -24.08
C GLY A 563 36.75 22.02 -23.33
N HIS A 564 36.10 21.36 -22.38
CA HIS A 564 36.77 20.34 -21.60
C HIS A 564 35.93 19.06 -21.57
N GLN A 565 36.56 17.94 -21.23
CA GLN A 565 35.86 16.68 -21.05
C GLN A 565 36.26 16.06 -19.72
N PHE A 566 35.40 15.19 -19.20
CA PHE A 566 35.69 14.43 -17.99
C PHE A 566 36.83 13.45 -18.24
N ILE A 567 37.59 13.18 -17.20
CA ILE A 567 38.74 12.29 -17.27
C ILE A 567 38.36 10.85 -17.61
N SER A 568 37.34 10.35 -16.94
CA SER A 568 36.95 8.95 -17.05
C SER A 568 35.44 8.84 -17.08
N THR A 569 34.92 8.21 -18.11
CA THR A 569 33.50 8.13 -18.32
C THR A 569 33.14 6.70 -18.66
N PRO A 570 31.89 6.32 -18.38
CA PRO A 570 31.42 4.95 -18.60
C PRO A 570 31.79 4.44 -19.98
N ALA A 571 32.25 3.20 -20.05
CA ALA A 571 32.73 2.60 -21.30
C ALA A 571 31.58 2.46 -22.28
N LYS A 572 30.47 1.97 -21.74
CA LYS A 572 29.26 1.66 -22.48
C LYS A 572 28.27 2.81 -22.44
N GLN A 573 27.49 2.97 -23.50
CA GLN A 573 26.32 3.85 -23.42
C GLN A 573 25.42 3.27 -22.34
N VAL A 574 24.87 4.12 -21.49
CA VAL A 574 24.02 3.65 -20.40
C VAL A 574 22.61 4.20 -20.57
N ASN A 575 21.62 3.48 -20.03
CA ASN A 575 20.22 3.85 -20.18
C ASN A 575 19.73 4.83 -19.13
N LEU A 576 19.32 5.99 -19.59
CA LEU A 576 18.82 7.01 -18.70
C LEU A 576 17.31 7.04 -18.78
N ARG A 577 16.65 6.85 -17.64
CA ARG A 577 15.21 6.71 -17.63
C ARG A 577 14.52 7.71 -16.72
N ALA A 578 13.69 8.56 -17.33
CA ALA A 578 12.95 9.57 -16.60
C ALA A 578 11.83 8.94 -15.79
N ILE A 579 11.73 9.32 -14.52
CA ILE A 579 10.53 9.05 -13.76
C ILE A 579 10.06 10.38 -13.17
N PHE A 580 8.86 10.79 -13.57
CA PHE A 580 8.32 12.06 -13.12
C PHE A 580 7.56 11.86 -11.82
N ILE A 581 8.19 12.22 -10.70
CA ILE A 581 7.50 12.19 -9.43
C ILE A 581 6.57 13.39 -9.42
N ASN A 582 5.26 13.15 -9.27
CA ASN A 582 4.27 14.21 -9.33
C ASN A 582 3.80 14.66 -7.96
N ASN A 583 4.73 15.09 -7.13
CA ASN A 583 4.43 15.52 -5.76
C ASN A 583 3.59 16.82 -5.68
N ALA A 584 2.40 16.78 -6.26
CA ALA A 584 1.48 17.90 -6.20
C ALA A 584 0.05 17.38 -6.20
N ASN A 585 -0.88 18.24 -5.79
CA ASN A 585 -2.29 17.88 -5.66
C ASN A 585 -3.06 18.09 -6.95
N THR A 586 -2.33 18.21 -8.05
CA THR A 586 -2.92 18.41 -9.36
C THR A 586 -2.08 17.67 -10.39
N ALA A 587 -2.73 17.10 -11.40
CA ALA A 587 -1.99 16.40 -12.45
C ALA A 587 -1.22 17.42 -13.30
N PRO A 588 -0.06 17.01 -13.85
CA PRO A 588 0.78 17.96 -14.60
C PRO A 588 0.19 18.33 -15.96
N PRO A 589 0.45 19.56 -16.42
CA PRO A 589 0.00 20.09 -17.71
C PRO A 589 0.23 19.10 -18.87
N ALA A 590 -0.60 19.19 -19.91
CA ALA A 590 -0.49 18.28 -21.07
C ALA A 590 0.81 18.52 -21.82
N SER A 591 1.30 19.76 -21.73
CA SER A 591 2.48 20.18 -22.45
C SER A 591 3.73 19.84 -21.69
N MET A 592 3.63 18.90 -20.76
CA MET A 592 4.81 18.51 -19.99
C MET A 592 5.48 17.26 -20.58
N GLU A 593 4.68 16.29 -21.04
CA GLU A 593 5.21 15.07 -21.66
C GLU A 593 6.13 15.47 -22.80
N SER A 594 5.60 16.26 -23.71
CA SER A 594 6.38 16.80 -24.81
C SER A 594 7.58 17.63 -24.33
N GLU A 595 7.39 18.38 -23.25
CA GLU A 595 8.43 19.27 -22.74
C GLU A 595 9.59 18.48 -22.16
N LEU A 596 9.27 17.37 -21.54
CA LEU A 596 10.27 16.53 -20.91
C LEU A 596 11.01 15.70 -21.97
N ASP A 597 10.26 15.15 -22.92
CA ASP A 597 10.91 14.41 -24.02
C ASP A 597 11.90 15.33 -24.69
N ILE A 598 11.53 16.59 -24.84
CA ILE A 598 12.45 17.58 -25.36
C ILE A 598 13.67 17.69 -24.46
N SER A 599 13.44 17.88 -23.16
CA SER A 599 14.50 18.09 -22.19
C SER A 599 15.47 16.92 -22.07
N MET A 600 14.93 15.72 -21.96
CA MET A 600 15.73 14.51 -21.93
C MET A 600 16.67 14.38 -23.14
N ASP A 601 16.13 14.63 -24.33
CA ASP A 601 16.90 14.50 -25.57
C ASP A 601 18.08 15.46 -25.57
N LYS A 602 17.81 16.71 -25.19
CA LYS A 602 18.83 17.74 -25.17
C LYS A 602 19.88 17.42 -24.12
N PHE A 603 19.42 16.93 -22.98
CA PHE A 603 20.33 16.56 -21.90
C PHE A 603 21.29 15.50 -22.36
N ALA A 604 20.76 14.49 -23.05
CA ALA A 604 21.57 13.39 -23.53
C ALA A 604 22.59 13.87 -24.56
N SER A 605 22.24 14.92 -25.29
CA SER A 605 23.10 15.51 -26.31
C SER A 605 24.19 16.41 -25.73
N ASP A 606 23.86 17.17 -24.70
CA ASP A 606 24.82 18.08 -24.08
C ASP A 606 25.93 17.27 -23.43
N VAL A 607 25.56 16.28 -22.63
CA VAL A 607 26.56 15.60 -21.82
C VAL A 607 27.44 14.70 -22.66
N LYS A 608 26.98 14.35 -23.85
CA LYS A 608 27.83 13.62 -24.80
C LYS A 608 29.11 14.41 -25.03
N GLN A 609 28.99 15.73 -25.04
CA GLN A 609 30.15 16.59 -25.29
C GLN A 609 31.16 16.52 -24.15
N LEU A 610 30.70 16.14 -22.96
CA LEU A 610 31.62 15.94 -21.83
C LEU A 610 32.21 14.54 -21.80
N GLY A 611 31.62 13.64 -22.55
CA GLY A 611 32.13 12.29 -22.60
C GLY A 611 31.15 11.25 -22.10
N VAL A 612 29.91 11.68 -21.86
CA VAL A 612 28.94 10.74 -21.32
C VAL A 612 27.84 10.33 -22.29
N ASP A 613 27.84 9.04 -22.65
CA ASP A 613 26.86 8.54 -23.59
C ASP A 613 25.65 8.00 -22.84
N PHE A 614 24.57 8.78 -22.82
CA PHE A 614 23.29 8.26 -22.35
C PHE A 614 22.36 7.91 -23.50
N ASN A 615 21.76 6.73 -23.41
CA ASN A 615 20.61 6.42 -24.25
C ASN A 615 19.34 6.79 -23.53
N VAL A 616 18.73 7.87 -23.99
CA VAL A 616 17.63 8.44 -23.28
C VAL A 616 16.32 8.00 -23.95
N SER A 617 16.41 7.03 -24.84
CA SER A 617 15.28 6.66 -25.69
C SER A 617 14.23 5.79 -25.01
N GLY A 618 14.23 5.77 -23.68
CA GLY A 618 13.13 5.16 -22.95
C GLY A 618 11.89 6.04 -23.09
N LYS A 619 10.88 5.77 -22.30
CA LYS A 619 9.74 6.67 -22.24
C LYS A 619 9.51 7.07 -20.79
N PRO A 620 9.51 8.38 -20.52
CA PRO A 620 9.26 8.88 -19.16
C PRO A 620 8.01 8.28 -18.56
N ILE A 621 8.10 7.98 -17.26
CA ILE A 621 7.06 7.31 -16.49
C ILE A 621 6.54 8.25 -15.39
N LEU A 622 5.23 8.48 -15.37
CA LEU A 622 4.65 9.39 -14.39
C LEU A 622 4.14 8.66 -13.15
N ILE A 623 4.43 9.23 -11.98
CA ILE A 623 4.02 8.63 -10.73
C ILE A 623 3.32 9.67 -9.87
N ASN A 624 2.00 9.55 -9.77
CA ASN A 624 1.23 10.47 -8.94
C ASN A 624 1.16 9.93 -7.53
N GLN A 625 0.65 10.78 -6.63
CA GLN A 625 0.37 10.37 -5.25
C GLN A 625 1.60 9.87 -4.48
N PHE A 626 2.81 9.99 -5.02
CA PHE A 626 3.98 9.51 -4.29
C PHE A 626 4.21 10.29 -3.00
N GLY A 627 4.53 9.57 -1.93
CA GLY A 627 4.70 10.17 -0.63
C GLY A 627 5.00 9.15 0.45
N PRO A 628 5.41 9.62 1.63
CA PRO A 628 5.76 8.76 2.77
C PRO A 628 4.53 8.03 3.30
N PRO A 629 4.71 6.83 3.89
CA PRO A 629 3.67 6.10 4.58
C PRO A 629 2.78 7.02 5.37
N ILE A 630 1.50 6.67 5.41
CA ILE A 630 0.50 7.54 6.04
C ILE A 630 -0.50 6.63 6.75
N LYS A 631 -1.04 7.13 7.85
CA LYS A 631 -1.94 6.40 8.73
C LYS A 631 -3.29 6.08 8.10
N PRO A 660 -1.10 2.76 16.47
CA PRO A 660 -1.31 3.45 15.18
C PRO A 660 -0.81 2.62 14.00
N THR A 661 -1.40 2.84 12.83
CA THR A 661 -1.03 2.05 11.63
C THR A 661 -0.87 2.89 10.37
N PHE A 662 0.20 2.64 9.63
CA PHE A 662 0.44 3.27 8.32
C PHE A 662 0.48 2.19 7.29
N GLU A 663 0.05 2.51 6.06
CA GLU A 663 0.23 1.60 4.93
C GLU A 663 0.83 2.40 3.76
N THR A 664 1.71 1.74 3.02
CA THR A 664 2.41 2.33 1.88
C THR A 664 1.43 3.07 0.98
N SER A 665 1.89 4.16 0.39
CA SER A 665 1.06 4.91 -0.52
C SER A 665 1.34 4.42 -1.93
N PRO A 666 0.46 4.76 -2.87
CA PRO A 666 0.89 4.81 -4.26
C PRO A 666 1.55 6.18 -4.39
N GLY A 667 2.33 6.45 -5.43
CA GLY A 667 2.83 5.42 -6.30
C GLY A 667 4.16 4.98 -5.75
N GLU A 668 4.24 4.86 -4.43
CA GLU A 668 5.38 4.18 -3.86
C GLU A 668 5.16 2.72 -4.25
N ILE A 669 3.92 2.27 -4.12
CA ILE A 669 3.50 0.97 -4.63
C ILE A 669 3.89 0.84 -6.09
N SER A 670 3.62 1.88 -6.88
CA SER A 670 3.98 1.87 -8.30
C SER A 670 5.49 1.82 -8.47
N LEU A 671 6.17 2.71 -7.75
CA LEU A 671 7.59 2.85 -7.92
C LEU A 671 8.32 1.57 -7.57
N LEU A 672 7.88 0.92 -6.49
CA LEU A 672 8.52 -0.30 -6.02
C LEU A 672 8.47 -1.35 -7.10
N ASN A 673 7.29 -1.57 -7.65
CA ASN A 673 7.14 -2.47 -8.78
C ASN A 673 8.16 -2.16 -9.86
N LEU A 674 8.24 -0.88 -10.20
CA LEU A 674 9.11 -0.39 -11.24
C LEU A 674 10.56 -0.72 -10.95
N LEU A 675 10.96 -0.57 -9.69
CA LEU A 675 12.35 -0.72 -9.27
C LEU A 675 12.85 -2.17 -9.23
N GLU A 676 11.94 -3.11 -8.97
CA GLU A 676 12.36 -4.50 -8.89
C GLU A 676 12.30 -5.18 -10.24
N ASN A 677 11.82 -4.44 -11.23
CA ASN A 677 11.77 -4.92 -12.60
C ASN A 677 12.57 -3.97 -13.48
N ILE A 678 13.58 -3.36 -12.89
CA ILE A 678 14.38 -2.41 -13.64
C ILE A 678 15.39 -3.18 -14.50
N PRO A 679 15.49 -2.79 -15.77
CA PRO A 679 16.52 -3.24 -16.70
C PRO A 679 17.93 -3.04 -16.15
N SER A 680 18.87 -3.78 -16.72
CA SER A 680 20.27 -3.61 -16.40
C SER A 680 20.74 -2.32 -17.04
N ASN A 681 21.82 -1.76 -16.51
CA ASN A 681 22.45 -0.59 -17.10
C ASN A 681 21.49 0.57 -17.15
N THR A 682 20.65 0.70 -16.12
CA THR A 682 19.70 1.79 -16.10
C THR A 682 19.97 2.82 -15.01
N TYR A 683 20.08 4.09 -15.41
CA TYR A 683 20.19 5.20 -14.45
C TYR A 683 18.83 5.90 -14.34
N ILE A 684 18.33 6.02 -13.11
CA ILE A 684 17.06 6.70 -12.88
C ILE A 684 17.17 8.21 -12.68
N LEU A 685 16.46 8.97 -13.49
CA LEU A 685 16.42 10.40 -13.31
C LEU A 685 15.07 10.80 -12.75
N TYR A 686 15.00 11.07 -11.45
CA TYR A 686 13.76 11.50 -10.83
C TYR A 686 13.50 12.97 -11.13
N VAL A 687 12.42 13.26 -11.83
CA VAL A 687 12.07 14.63 -12.08
C VAL A 687 10.96 15.08 -11.13
N LEU A 688 11.30 15.87 -10.12
CA LEU A 688 10.33 16.32 -9.12
C LEU A 688 9.52 17.50 -9.63
N ARG A 689 8.21 17.46 -9.42
CA ARG A 689 7.32 18.52 -9.90
C ARG A 689 7.45 19.79 -9.06
N ARG A 690 7.33 19.62 -7.75
CA ARG A 690 7.67 20.67 -6.80
C ARG A 690 9.01 20.33 -6.16
N GLY A 691 9.93 21.29 -6.15
CA GLY A 691 11.13 21.12 -5.38
C GLY A 691 10.82 21.33 -3.91
N ASN A 692 11.82 21.06 -3.05
CA ASN A 692 11.73 21.31 -1.62
C ASN A 692 10.86 20.37 -0.81
N ASP A 693 10.61 19.18 -1.34
CA ASP A 693 9.76 18.22 -0.65
C ASP A 693 10.63 17.30 0.17
N SER A 694 11.07 17.79 1.32
CA SER A 694 11.96 17.05 2.20
C SER A 694 11.45 15.63 2.40
N ALA A 695 10.17 15.49 2.73
CA ALA A 695 9.58 14.18 2.99
C ALA A 695 9.63 13.24 1.79
N VAL A 696 9.48 13.81 0.59
CA VAL A 696 9.49 13.05 -0.65
C VAL A 696 10.92 12.69 -1.05
N TYR A 697 11.82 13.66 -1.01
CA TYR A 697 13.20 13.40 -1.36
C TYR A 697 13.78 12.30 -0.47
N ASP A 698 13.57 12.42 0.84
CA ASP A 698 14.05 11.44 1.80
C ASP A 698 13.58 10.03 1.47
N ARG A 699 12.34 9.92 0.99
CA ARG A 699 11.77 8.61 0.67
C ARG A 699 12.36 8.05 -0.62
N LEU A 700 12.35 8.87 -1.67
CA LEU A 700 12.94 8.48 -2.95
C LEU A 700 14.36 7.94 -2.76
N LYS A 701 15.12 8.61 -1.91
CA LYS A 701 16.47 8.19 -1.62
C LYS A 701 16.46 6.93 -0.75
N TYR A 702 15.63 6.93 0.28
CA TYR A 702 15.47 5.76 1.16
C TYR A 702 15.14 4.49 0.40
N ILE A 703 14.20 4.59 -0.53
CA ILE A 703 13.77 3.44 -1.31
C ILE A 703 14.81 3.06 -2.35
N THR A 704 15.24 4.06 -3.12
CA THR A 704 16.12 3.77 -4.27
C THR A 704 17.57 3.50 -3.90
N ASP A 705 18.11 4.30 -2.98
CA ASP A 705 19.48 4.09 -2.53
C ASP A 705 19.53 2.91 -1.58
N LEU A 706 18.85 3.04 -0.45
CA LEU A 706 19.02 2.10 0.66
C LEU A 706 18.42 0.74 0.40
N LYS A 707 17.11 0.71 0.12
CA LYS A 707 16.42 -0.53 -0.16
C LYS A 707 16.93 -1.18 -1.45
N PHE A 708 16.85 -0.45 -2.56
CA PHE A 708 17.18 -1.02 -3.86
C PHE A 708 18.61 -0.93 -4.37
N GLY A 709 19.37 0.06 -3.91
CA GLY A 709 20.74 0.22 -4.36
C GLY A 709 20.77 0.46 -5.85
N ALA A 710 19.86 1.31 -6.32
CA ALA A 710 19.81 1.69 -7.72
C ALA A 710 20.40 3.07 -7.92
N LEU A 711 21.18 3.25 -8.97
CA LEU A 711 21.77 4.56 -9.26
C LEU A 711 20.69 5.58 -9.64
N ASN A 712 20.67 6.72 -8.95
CA ASN A 712 19.66 7.74 -9.21
C ASN A 712 20.03 9.15 -8.84
N SER A 713 19.63 10.09 -9.68
CA SER A 713 19.78 11.50 -9.37
C SER A 713 18.42 12.18 -9.42
N CYS A 714 18.18 13.10 -8.49
CA CYS A 714 16.99 13.93 -8.53
C CYS A 714 17.28 15.27 -9.22
N VAL A 715 16.24 15.82 -9.84
CA VAL A 715 16.34 17.04 -10.60
C VAL A 715 14.97 17.72 -10.41
N VAL A 716 14.93 19.05 -10.28
CA VAL A 716 13.66 19.75 -10.00
C VAL A 716 13.04 20.36 -11.28
N TRP A 717 11.81 19.94 -11.61
CA TRP A 717 11.28 20.16 -12.95
C TRP A 717 11.43 21.59 -13.44
N ASP A 718 11.11 22.54 -12.58
CA ASP A 718 11.12 23.95 -13.01
C ASP A 718 12.52 24.45 -13.35
N ASN A 719 13.55 23.70 -12.94
CA ASN A 719 14.91 23.99 -13.35
C ASN A 719 15.24 23.24 -14.61
N PHE A 720 14.95 21.94 -14.58
CA PHE A 720 15.42 21.04 -15.61
C PHE A 720 14.84 21.46 -16.94
N LYS A 721 13.62 21.98 -16.90
CA LYS A 721 12.88 22.28 -18.11
C LYS A 721 13.39 23.50 -18.84
N LYS A 722 14.17 24.35 -18.15
CA LYS A 722 14.80 25.49 -18.79
C LYS A 722 15.90 25.07 -19.76
N ASN A 723 16.33 23.81 -19.66
CA ASN A 723 17.30 23.27 -20.59
C ASN A 723 18.59 24.07 -20.73
N SER A 724 19.15 24.55 -19.61
CA SER A 724 20.47 25.18 -19.60
C SER A 724 21.57 24.14 -19.74
N ILE A 725 22.45 24.29 -20.73
CA ILE A 725 23.59 23.37 -20.84
C ILE A 725 24.46 23.42 -19.59
N GLN A 726 24.43 24.54 -18.86
CA GLN A 726 25.22 24.62 -17.65
C GLN A 726 24.58 23.80 -16.54
N TYR A 727 23.25 23.78 -16.52
CA TYR A 727 22.53 23.00 -15.53
C TYR A 727 22.77 21.54 -15.81
N ASN A 728 22.58 21.16 -17.07
CA ASN A 728 22.79 19.79 -17.47
C ASN A 728 24.22 19.35 -17.21
N SER A 729 25.19 20.23 -17.45
CA SER A 729 26.59 19.88 -17.20
C SER A 729 26.93 19.68 -15.75
N ASN A 730 26.28 20.43 -14.84
CA ASN A 730 26.50 20.24 -13.41
C ASN A 730 25.81 19.01 -12.85
N VAL A 731 24.88 18.46 -13.64
CA VAL A 731 24.09 17.31 -13.22
C VAL A 731 24.82 16.00 -13.52
N VAL A 732 25.36 15.85 -14.73
CA VAL A 732 26.11 14.65 -15.09
C VAL A 732 27.32 14.47 -14.22
N MET A 733 27.89 15.60 -13.79
CA MET A 733 29.05 15.58 -12.91
C MET A 733 28.78 14.63 -11.76
N LYS A 734 27.60 14.74 -11.18
CA LYS A 734 27.21 13.83 -10.11
C LYS A 734 26.99 12.41 -10.63
N MET A 735 26.24 12.31 -11.71
CA MET A 735 25.91 11.02 -12.31
C MET A 735 27.18 10.25 -12.63
N ASN A 736 28.16 10.93 -13.21
CA ASN A 736 29.37 10.29 -13.64
C ASN A 736 30.08 9.69 -12.45
N LEU A 737 30.20 10.47 -11.38
CA LEU A 737 30.80 9.98 -10.15
C LEU A 737 30.13 8.71 -9.69
N LYS A 738 28.79 8.71 -9.79
CA LYS A 738 27.97 7.59 -9.33
C LYS A 738 28.21 6.36 -10.22
N LEU A 739 28.52 6.61 -11.49
CA LEU A 739 28.83 5.56 -12.44
C LEU A 739 30.32 5.26 -12.42
N LEU A 740 30.95 5.56 -11.29
CA LEU A 740 32.39 5.31 -11.02
C LEU A 740 33.37 6.10 -11.87
N GLY A 741 32.91 7.14 -12.54
CA GLY A 741 33.80 7.91 -13.40
C GLY A 741 34.68 8.82 -12.58
N SER A 742 35.30 9.77 -13.27
CA SER A 742 36.14 10.78 -12.64
C SER A 742 35.97 12.00 -13.52
N ASN A 743 35.72 13.16 -12.93
CA ASN A 743 35.49 14.35 -13.75
C ASN A 743 36.76 15.14 -13.98
N HIS A 744 37.23 15.84 -12.96
CA HIS A 744 38.55 16.44 -13.03
C HIS A 744 39.36 15.96 -11.84
N SER A 745 40.70 15.97 -11.96
CA SER A 745 41.55 15.60 -10.84
C SER A 745 42.62 16.64 -10.71
N LEU A 746 43.63 16.35 -9.90
CA LEU A 746 44.75 17.27 -9.84
C LEU A 746 45.78 16.88 -10.91
N SER A 747 46.81 17.70 -11.10
CA SER A 747 47.78 17.38 -12.13
C SER A 747 48.60 16.19 -11.65
N ILE A 748 49.37 15.58 -12.54
CA ILE A 748 50.23 14.46 -12.14
C ILE A 748 51.25 14.84 -11.04
N GLU A 749 51.74 16.08 -11.04
CA GLU A 749 52.75 16.51 -10.08
C GLU A 749 52.12 16.81 -8.75
N ASN A 750 50.93 17.39 -8.79
CA ASN A 750 50.20 17.69 -7.60
C ASN A 750 49.84 16.46 -6.79
N ASN A 751 49.52 15.37 -7.49
CA ASN A 751 49.14 14.13 -6.84
C ASN A 751 50.34 13.41 -6.26
N LYS A 752 51.52 13.79 -6.73
CA LYS A 752 52.72 13.14 -6.25
C LYS A 752 52.92 13.36 -4.76
N LEU A 753 52.37 14.44 -4.23
CA LEU A 753 52.63 14.71 -2.80
C LEU A 753 51.59 14.14 -1.83
N LEU A 754 50.70 13.32 -2.35
CA LEU A 754 49.81 12.51 -1.52
C LEU A 754 50.13 11.03 -1.81
N ILE A 755 51.33 10.81 -2.32
CA ILE A 755 51.80 9.46 -2.57
C ILE A 755 53.02 9.23 -1.68
N ASP A 756 53.02 8.13 -0.94
CA ASP A 756 54.16 7.75 -0.12
C ASP A 756 55.27 7.31 -1.05
N LYS A 757 56.40 8.00 -1.01
CA LYS A 757 57.51 7.72 -1.91
C LYS A 757 58.12 6.37 -1.61
N GLU A 758 58.10 6.01 -0.34
CA GLU A 758 58.73 4.79 0.14
C GLU A 758 58.11 3.52 -0.42
N SER A 759 56.84 3.58 -0.82
CA SER A 759 56.17 2.40 -1.37
C SER A 759 55.47 2.70 -2.69
N ASN A 760 55.59 3.93 -3.18
CA ASN A 760 54.86 4.37 -4.36
C ASN A 760 53.42 3.92 -4.24
N LEU A 761 52.84 4.26 -3.10
CA LEU A 761 51.51 3.84 -2.76
C LEU A 761 50.86 5.07 -2.20
N PRO A 762 49.73 5.48 -2.79
CA PRO A 762 49.07 6.71 -2.38
C PRO A 762 48.67 6.65 -0.93
N ILE A 763 48.34 7.81 -0.38
CA ILE A 763 47.93 7.93 0.99
C ILE A 763 46.46 7.58 1.05
N LEU A 764 46.05 6.99 2.17
CA LEU A 764 44.63 6.80 2.41
C LEU A 764 44.14 8.06 3.09
N VAL A 765 43.37 8.86 2.36
CA VAL A 765 42.79 10.06 2.91
C VAL A 765 41.39 9.74 3.43
N LEU A 766 41.13 9.99 4.71
CA LEU A 766 39.79 9.81 5.27
C LEU A 766 39.12 11.15 5.60
N GLY A 767 37.79 11.20 5.52
CA GLY A 767 37.06 12.30 6.12
C GLY A 767 35.96 11.76 7.03
N SER A 768 35.77 12.36 8.19
CA SER A 768 34.63 11.99 9.03
C SER A 768 33.88 13.20 9.56
N ASP A 769 32.55 13.10 9.59
CA ASP A 769 31.72 14.14 10.17
C ASP A 769 30.75 13.50 11.15
N VAL A 770 30.15 14.31 12.02
CA VAL A 770 29.04 13.88 12.87
C VAL A 770 27.95 14.91 12.85
N THR A 771 26.74 14.48 12.49
CA THR A 771 25.55 15.31 12.55
C THR A 771 24.80 14.89 13.78
N HIS A 772 24.07 15.81 14.40
CA HIS A 772 23.37 15.48 15.63
C HIS A 772 21.87 15.58 15.48
N TYR A 773 21.16 14.81 16.27
CA TYR A 773 19.70 14.89 16.32
C TYR A 773 19.02 14.83 14.95
N PRO A 774 18.98 13.64 14.35
CA PRO A 774 18.29 13.47 13.07
C PRO A 774 16.81 13.72 13.24
N GLU A 775 16.27 13.25 14.37
CA GLU A 775 14.92 13.57 14.80
C GLU A 775 14.96 13.82 16.30
N LYS A 776 13.97 14.56 16.81
CA LYS A 776 13.77 14.84 18.25
C LYS A 776 14.97 14.74 19.20
N ASP A 777 15.13 13.59 19.86
CA ASP A 777 16.22 13.41 20.83
C ASP A 777 17.02 12.15 20.51
N GLN A 778 17.39 12.01 19.24
CA GLN A 778 17.96 10.76 18.77
C GLN A 778 19.46 10.75 18.67
N ASN A 779 20.00 9.54 18.66
CA ASN A 779 21.44 9.35 18.55
C ASN A 779 22.04 10.06 17.33
N SER A 780 23.26 10.54 17.49
CA SER A 780 23.90 11.23 16.40
C SER A 780 24.39 10.24 15.36
N ILE A 781 24.65 10.71 14.16
CA ILE A 781 25.13 9.86 13.07
C ILE A 781 26.54 10.25 12.67
N ALA A 782 27.46 9.28 12.68
CA ALA A 782 28.82 9.52 12.27
C ALA A 782 29.00 8.95 10.88
N SER A 783 29.97 9.47 10.13
CA SER A 783 30.34 8.89 8.84
C SER A 783 31.83 8.90 8.64
N LEU A 784 32.35 7.94 7.88
CA LEU A 784 33.75 7.94 7.47
C LEU A 784 33.89 7.65 5.98
N VAL A 785 34.53 8.54 5.23
CA VAL A 785 34.80 8.28 3.81
C VAL A 785 36.29 8.13 3.57
N GLY A 786 36.68 7.56 2.44
CA GLY A 786 38.08 7.34 2.14
C GLY A 786 38.41 7.16 0.68
N SER A 787 39.56 7.70 0.27
CA SER A 787 40.12 7.56 -1.08
C SER A 787 40.52 6.12 -1.36
N TYR A 788 40.80 5.79 -2.62
CA TYR A 788 41.35 4.47 -2.88
C TYR A 788 42.38 4.41 -3.99
N ASP A 789 42.70 5.55 -4.57
CA ASP A 789 43.67 5.59 -5.67
C ASP A 789 44.60 6.78 -5.44
N ASP A 790 45.38 7.13 -6.46
CA ASP A 790 46.32 8.23 -6.40
C ASP A 790 45.79 9.43 -7.13
N LYS A 791 44.55 9.32 -7.60
CA LYS A 791 43.88 10.41 -8.30
C LYS A 791 42.96 11.21 -7.35
N PHE A 792 42.55 10.54 -6.26
CA PHE A 792 41.73 11.13 -5.21
C PHE A 792 40.39 11.68 -5.69
N THR A 793 39.82 10.94 -6.65
CA THR A 793 38.69 11.41 -7.40
C THR A 793 37.38 10.80 -6.90
N GLN A 794 37.49 9.68 -6.19
CA GLN A 794 36.34 8.91 -5.73
C GLN A 794 36.54 8.55 -4.25
N PHE A 795 35.51 8.82 -3.41
CA PHE A 795 35.54 8.59 -1.96
C PHE A 795 34.31 7.88 -1.42
N PRO A 796 34.23 6.57 -1.57
CA PRO A 796 33.08 5.92 -0.95
C PRO A 796 33.23 5.91 0.56
N GLY A 797 32.20 5.48 1.28
CA GLY A 797 32.27 5.50 2.72
C GLY A 797 31.09 4.79 3.37
N ASP A 798 31.12 4.79 4.70
CA ASP A 798 30.13 4.09 5.52
C ASP A 798 29.64 5.06 6.60
N TYR A 799 28.46 4.80 7.13
CA TYR A 799 27.90 5.67 8.15
C TYR A 799 27.41 4.79 9.25
N MET A 800 27.15 5.39 10.40
CA MET A 800 26.99 4.62 11.62
C MET A 800 26.25 5.44 12.65
N LEU A 801 25.27 4.81 13.27
CA LEU A 801 24.59 5.47 14.38
C LEU A 801 25.45 5.50 15.65
N GLN A 802 25.63 6.67 16.24
CA GLN A 802 26.32 6.76 17.53
C GLN A 802 25.45 6.10 18.59
N ASP A 803 26.00 5.87 19.78
CA ASP A 803 25.18 5.26 20.84
C ASP A 803 24.72 6.27 21.88
N GLY A 804 24.45 7.48 21.42
CA GLY A 804 23.88 8.53 22.26
C GLY A 804 23.54 9.79 21.48
N PRO A 805 22.68 10.64 22.05
CA PRO A 805 22.28 11.92 21.48
C PRO A 805 23.34 13.01 21.66
N GLY A 806 23.65 13.74 20.59
CA GLY A 806 24.69 14.73 20.67
C GLY A 806 26.02 14.17 21.14
N GLU A 807 26.36 12.97 20.70
CA GLU A 807 27.68 12.41 20.96
C GLU A 807 28.60 12.78 19.80
N GLU A 808 29.57 13.66 20.04
CA GLU A 808 30.46 14.13 18.95
C GLU A 808 31.72 13.29 18.73
N ILE A 809 32.20 12.61 19.76
CA ILE A 809 33.32 11.70 19.59
C ILE A 809 32.89 10.34 19.04
N ILE A 810 33.31 10.02 17.82
CA ILE A 810 33.03 8.73 17.20
C ILE A 810 33.86 7.65 17.91
N THR A 811 33.29 7.07 18.97
CA THR A 811 34.05 6.20 19.86
C THR A 811 34.51 4.91 19.22
N ASN A 812 33.75 4.42 18.24
CA ASN A 812 34.14 3.19 17.55
C ASN A 812 34.43 3.43 16.08
N VAL A 813 35.10 4.54 15.78
CA VAL A 813 35.37 4.91 14.39
C VAL A 813 36.22 3.87 13.68
N GLY A 814 36.98 3.11 14.44
CA GLY A 814 37.86 2.13 13.85
C GLY A 814 37.13 1.01 13.13
N SER A 815 35.95 0.65 13.62
CA SER A 815 35.18 -0.39 12.95
C SER A 815 34.91 -0.05 11.47
N LEU A 816 34.80 1.23 11.16
CA LEU A 816 34.54 1.70 9.80
C LEU A 816 35.78 1.72 8.91
N MET A 817 36.94 1.52 9.54
CA MET A 817 38.20 1.46 8.83
C MET A 817 38.34 0.18 8.02
N LEU A 818 37.43 -0.77 8.21
CA LEU A 818 37.59 -2.07 7.58
C LEU A 818 37.35 -2.00 6.07
N ASN A 819 36.31 -1.29 5.67
CA ASN A 819 36.06 -1.13 4.24
C ASN A 819 37.02 -0.18 3.57
N ARG A 820 37.47 0.86 4.28
CA ARG A 820 38.45 1.78 3.71
C ARG A 820 39.63 0.99 3.18
N LEU A 821 40.06 0.01 3.98
CA LEU A 821 41.21 -0.81 3.64
C LEU A 821 40.88 -1.77 2.52
N LYS A 822 39.74 -2.46 2.63
CA LYS A 822 39.40 -3.47 1.62
C LYS A 822 39.26 -2.93 0.20
N ILE A 823 38.57 -1.82 0.04
CA ILE A 823 38.54 -1.22 -1.28
C ILE A 823 39.85 -0.53 -1.67
N TYR A 824 40.63 -0.07 -0.70
CA TYR A 824 41.96 0.44 -1.02
C TYR A 824 42.80 -0.64 -1.66
N GLN A 825 42.83 -1.81 -1.02
CA GLN A 825 43.70 -2.85 -1.54
C GLN A 825 43.14 -3.40 -2.85
N LYS A 826 41.84 -3.26 -3.04
CA LYS A 826 41.27 -3.62 -4.32
C LYS A 826 41.88 -2.78 -5.45
N HIS A 827 42.02 -1.49 -5.22
CA HIS A 827 42.58 -0.65 -6.27
C HIS A 827 44.07 -0.44 -6.14
N ASN A 828 44.76 -1.27 -5.36
CA ASN A 828 46.21 -1.15 -5.29
C ASN A 828 46.90 -2.50 -5.22
N ASN A 829 46.37 -3.41 -6.02
CA ASN A 829 46.94 -4.74 -6.17
C ASN A 829 47.15 -5.45 -4.84
N GLY A 830 46.26 -5.20 -3.89
CA GLY A 830 46.19 -5.99 -2.70
C GLY A 830 46.99 -5.43 -1.56
N LYS A 831 47.63 -4.29 -1.81
CA LYS A 831 48.47 -3.68 -0.80
C LYS A 831 47.71 -2.70 0.09
N LEU A 832 48.12 -2.59 1.35
CA LEU A 832 47.49 -1.65 2.27
C LEU A 832 48.25 -0.34 2.26
N PRO A 833 47.54 0.78 2.50
CA PRO A 833 48.14 2.10 2.52
C PRO A 833 49.25 2.12 3.54
N THR A 834 50.26 2.95 3.33
CA THR A 834 51.40 2.94 4.23
C THR A 834 51.44 4.22 5.04
N LYS A 835 50.60 5.19 4.65
CA LYS A 835 50.36 6.40 5.42
C LYS A 835 48.86 6.66 5.43
N ILE A 836 48.35 7.30 6.49
CA ILE A 836 46.92 7.58 6.59
C ILE A 836 46.68 9.00 7.06
N MET A 837 45.87 9.77 6.34
CA MET A 837 45.42 11.08 6.83
C MET A 837 43.96 11.05 7.22
N TYR A 838 43.70 11.45 8.45
CA TYR A 838 42.36 11.46 8.97
C TYR A 838 41.91 12.92 9.11
N PHE A 839 41.00 13.36 8.24
CA PHE A 839 40.40 14.68 8.36
C PHE A 839 39.13 14.58 9.18
N ARG A 840 39.14 15.24 10.34
CA ARG A 840 38.02 15.16 11.27
C ARG A 840 37.26 16.47 11.34
N ASP A 841 35.96 16.43 11.02
CA ASP A 841 35.20 17.66 10.88
C ASP A 841 34.15 17.90 11.97
N GLY A 842 34.09 19.11 12.50
CA GLY A 842 33.00 19.50 13.34
C GLY A 842 33.24 19.30 14.81
N VAL A 843 34.50 19.22 15.20
CA VAL A 843 34.83 19.18 16.62
C VAL A 843 35.14 20.58 17.11
N SER A 844 34.75 20.86 18.35
CA SER A 844 35.14 22.10 19.01
C SER A 844 36.44 21.85 19.77
N VAL A 845 37.03 22.89 20.32
CA VAL A 845 38.38 22.77 20.89
C VAL A 845 38.48 21.84 22.10
N ASP A 846 37.47 21.86 22.96
CA ASP A 846 37.42 21.02 24.15
C ASP A 846 37.48 19.54 23.78
N GLN A 847 37.06 19.22 22.57
CA GLN A 847 37.05 17.85 22.10
C GLN A 847 38.34 17.37 21.42
N PHE A 848 39.30 18.27 21.18
CA PHE A 848 40.51 17.89 20.47
C PHE A 848 41.27 16.81 21.22
N SER A 849 41.32 16.93 22.54
CA SER A 849 42.03 15.94 23.34
C SER A 849 41.45 14.54 23.12
N GLN A 850 40.13 14.44 23.05
CA GLN A 850 39.47 13.14 22.92
C GLN A 850 39.57 12.58 21.51
N VAL A 851 39.49 13.44 20.50
CA VAL A 851 39.73 13.02 19.11
C VAL A 851 41.05 12.26 18.98
N VAL A 852 42.11 12.83 19.54
CA VAL A 852 43.41 12.16 19.58
C VAL A 852 43.44 10.95 20.51
N LYS A 853 42.99 11.13 21.76
CA LYS A 853 42.98 10.04 22.74
C LYS A 853 41.98 8.89 22.48
N ILE A 854 40.83 9.18 21.86
CA ILE A 854 39.84 8.15 21.60
C ILE A 854 39.75 7.69 20.12
N GLU A 855 39.49 8.62 19.20
CA GLU A 855 39.33 8.29 17.77
C GLU A 855 40.63 7.87 17.05
N VAL A 856 41.67 8.69 17.12
CA VAL A 856 42.94 8.33 16.50
C VAL A 856 43.47 7.02 17.06
N LYS A 857 43.53 6.88 18.38
CA LYS A 857 43.84 5.61 19.01
C LYS A 857 42.98 4.46 18.44
N SER A 858 41.67 4.65 18.38
CA SER A 858 40.77 3.65 17.77
C SER A 858 41.14 3.29 16.33
N ILE A 859 41.39 4.28 15.49
CA ILE A 859 41.87 3.99 14.15
C ILE A 859 43.15 3.17 14.16
N LYS A 860 44.19 3.71 14.82
CA LYS A 860 45.47 3.01 15.01
C LYS A 860 45.27 1.57 15.47
N GLU A 861 44.59 1.39 16.61
CA GLU A 861 44.37 0.06 17.15
C GLU A 861 43.60 -0.87 16.21
N SER A 862 42.66 -0.32 15.45
CA SER A 862 41.87 -1.12 14.50
C SER A 862 42.65 -1.61 13.27
N VAL A 863 43.39 -0.73 12.61
CA VAL A 863 44.12 -1.17 11.45
C VAL A 863 45.19 -2.17 11.87
N ARG A 864 45.68 -2.04 13.10
CA ARG A 864 46.65 -2.97 13.65
C ARG A 864 46.03 -4.37 13.75
N LYS A 865 44.73 -4.39 13.95
CA LYS A 865 43.98 -5.62 14.09
C LYS A 865 43.48 -6.11 12.73
N PHE A 866 42.85 -5.24 11.94
CA PHE A 866 42.38 -5.63 10.61
C PHE A 866 43.52 -5.89 9.65
N GLY A 867 44.67 -5.25 9.89
CA GLY A 867 45.81 -5.32 9.00
C GLY A 867 46.19 -6.75 8.68
N PRO A 868 46.82 -7.44 9.65
CA PRO A 868 47.17 -8.84 9.54
C PRO A 868 46.11 -9.70 8.85
N GLN A 869 44.84 -9.61 9.26
CA GLN A 869 43.85 -10.45 8.60
C GLN A 869 43.58 -10.08 7.14
N LEU A 870 44.36 -9.13 6.61
CA LEU A 870 44.17 -8.67 5.24
C LEU A 870 45.43 -8.79 4.37
N ASN A 871 46.61 -8.75 4.98
CA ASN A 871 47.83 -8.78 4.17
C ASN A 871 48.66 -10.07 4.30
N GLY A 872 48.01 -11.13 4.78
CA GLY A 872 48.65 -12.42 4.83
C GLY A 872 49.29 -12.71 6.16
N GLY A 873 48.84 -12.01 7.19
CA GLY A 873 49.29 -12.25 8.55
C GLY A 873 50.47 -11.41 9.00
N ASN A 874 50.69 -10.27 8.36
CA ASN A 874 51.84 -9.46 8.74
C ASN A 874 51.47 -8.26 9.57
N LYS A 875 52.43 -7.83 10.36
CA LYS A 875 52.31 -6.66 11.23
C LYS A 875 51.92 -5.43 10.41
N TYR A 876 50.91 -4.69 10.88
CA TYR A 876 50.47 -3.50 10.18
C TYR A 876 50.29 -2.35 11.17
N ASP A 877 51.16 -1.34 11.09
CA ASP A 877 51.01 -0.17 11.92
C ASP A 877 51.43 1.07 11.16
N PRO A 878 50.59 1.55 10.24
CA PRO A 878 50.97 2.69 9.42
C PRO A 878 50.86 3.94 10.25
N PRO A 879 51.71 4.94 9.96
CA PRO A 879 51.64 6.23 10.65
C PRO A 879 50.45 7.06 10.18
N VAL A 880 49.69 7.63 11.11
CA VAL A 880 48.59 8.49 10.71
C VAL A 880 48.82 9.92 11.15
N THR A 881 48.55 10.86 10.25
CA THR A 881 48.33 12.23 10.69
C THR A 881 46.83 12.52 10.74
N CYS A 882 46.43 13.35 11.68
CA CYS A 882 45.04 13.68 11.86
C CYS A 882 44.90 15.18 11.88
N ILE A 883 44.05 15.73 11.02
CA ILE A 883 43.79 17.17 11.01
C ILE A 883 42.31 17.45 11.19
N ALA A 884 41.98 18.18 12.25
CA ALA A 884 40.61 18.64 12.47
C ALA A 884 40.40 19.93 11.73
N THR A 885 39.24 20.06 11.12
CA THR A 885 38.90 21.26 10.41
C THR A 885 37.73 21.85 11.13
N VAL A 886 37.80 23.13 11.44
CA VAL A 886 36.59 23.80 11.90
C VAL A 886 36.25 24.91 10.90
N LYS A 887 35.18 24.66 10.14
CA LYS A 887 34.82 25.51 9.01
C LYS A 887 33.77 26.57 9.34
N ARG A 888 33.13 26.42 10.48
CA ARG A 888 32.28 27.47 11.01
C ARG A 888 33.00 28.14 12.16
N ASN A 889 33.46 29.36 11.94
CA ASN A 889 34.15 30.10 12.98
C ASN A 889 33.85 31.57 12.91
N GLN A 890 34.46 32.34 13.80
CA GLN A 890 34.13 33.72 13.91
C GLN A 890 35.26 34.59 13.35
N VAL A 891 36.21 33.94 12.67
CA VAL A 891 37.32 34.68 12.06
C VAL A 891 36.99 35.08 10.63
N ARG A 892 37.19 36.37 10.33
CA ARG A 892 37.01 36.91 8.98
C ARG A 892 38.25 37.68 8.55
N PHE A 893 38.43 37.82 7.23
CA PHE A 893 39.53 38.60 6.73
C PHE A 893 39.05 39.66 5.76
N ILE A 894 39.66 40.83 5.86
CA ILE A 894 39.50 41.83 4.80
C ILE A 894 40.86 42.08 4.14
N PRO A 895 40.90 42.18 2.79
CA PRO A 895 42.16 42.52 2.13
C PRO A 895 42.53 43.99 2.42
N ILE A 896 43.82 44.30 2.32
CA ILE A 896 44.34 45.64 2.59
C ILE A 896 44.82 46.26 1.27
N GLN A 897 45.31 45.42 0.37
CA GLN A 897 45.90 45.84 -0.89
C GLN A 897 45.13 45.27 -2.08
N GLU A 898 45.33 45.82 -3.28
CA GLU A 898 44.73 45.22 -4.47
C GLU A 898 45.78 44.33 -5.11
N ASN A 899 47.04 44.72 -4.92
CA ASN A 899 48.16 44.01 -5.53
C ASN A 899 49.33 43.81 -4.57
N ALA A 900 50.20 42.86 -4.89
CA ALA A 900 51.40 42.61 -4.10
C ALA A 900 52.43 41.95 -4.98
N LYS A 901 53.70 42.21 -4.71
CA LYS A 901 54.75 41.53 -5.45
C LYS A 901 54.88 40.07 -5.11
N ASN A 902 54.88 39.24 -6.15
CA ASN A 902 55.37 37.88 -6.01
C ASN A 902 56.89 37.93 -5.94
N GLU A 903 57.53 36.78 -6.00
CA GLU A 903 58.98 36.74 -5.80
C GLU A 903 59.81 37.21 -6.99
N LYS A 904 59.15 37.63 -8.06
CA LYS A 904 59.81 38.08 -9.28
C LYS A 904 59.67 39.59 -9.43
N GLY A 905 58.90 40.21 -8.54
CA GLY A 905 58.82 41.66 -8.54
C GLY A 905 57.63 42.17 -9.32
N GLU A 906 56.88 41.22 -9.88
CA GLU A 906 55.67 41.51 -10.63
C GLU A 906 54.51 41.74 -9.68
N GLU A 907 53.90 42.91 -9.76
CA GLU A 907 52.75 43.23 -8.93
C GLU A 907 51.57 42.32 -9.36
N VAL A 908 50.85 41.77 -8.39
CA VAL A 908 49.93 40.66 -8.63
C VAL A 908 48.72 40.68 -7.69
N ALA A 909 47.54 40.39 -8.23
CA ALA A 909 46.31 40.49 -7.44
C ALA A 909 46.32 39.63 -6.20
N VAL A 910 45.79 40.17 -5.11
CA VAL A 910 45.78 39.46 -3.84
C VAL A 910 44.42 39.59 -3.18
N GLN A 911 43.42 39.70 -4.01
CA GLN A 911 42.05 39.77 -3.53
C GLN A 911 41.15 39.54 -4.74
N SER A 912 40.01 38.91 -4.52
CA SER A 912 39.05 38.66 -5.58
C SER A 912 37.66 38.77 -4.97
N MET A 913 36.76 39.40 -5.70
CA MET A 913 35.41 39.71 -5.19
C MET A 913 35.47 40.35 -3.83
N GLY A 914 36.45 41.22 -3.64
CA GLY A 914 36.48 42.02 -2.43
C GLY A 914 36.78 41.25 -1.15
N ASN A 915 37.16 39.99 -1.29
CA ASN A 915 37.62 39.15 -0.18
C ASN A 915 39.07 38.85 -0.38
N VAL A 916 39.73 38.25 0.61
CA VAL A 916 41.13 37.94 0.42
C VAL A 916 41.27 36.85 -0.62
N MET A 917 42.32 36.92 -1.42
CA MET A 917 42.45 36.01 -2.55
C MET A 917 42.52 34.57 -2.06
N PRO A 918 41.76 33.67 -2.70
CA PRO A 918 41.96 32.25 -2.39
C PRO A 918 43.31 31.83 -2.96
N GLY A 919 44.07 30.98 -2.29
CA GLY A 919 43.88 30.64 -0.90
C GLY A 919 44.92 31.33 -0.04
N THR A 920 44.47 32.37 0.66
CA THR A 920 45.30 33.08 1.59
C THR A 920 45.50 32.13 2.76
N VAL A 921 46.75 31.85 3.07
CA VAL A 921 47.06 31.12 4.29
C VAL A 921 47.47 32.11 5.37
N VAL A 922 46.98 31.91 6.59
CA VAL A 922 47.37 32.78 7.71
C VAL A 922 47.71 31.87 8.86
N ASP A 923 48.96 31.87 9.31
CA ASP A 923 49.32 31.00 10.45
C ASP A 923 50.04 31.74 11.54
N ARG A 924 49.94 33.06 11.52
CA ARG A 924 50.59 33.85 12.54
C ARG A 924 49.63 34.91 13.10
N GLY A 925 49.92 35.34 14.33
CA GLY A 925 49.22 36.48 14.86
C GLY A 925 47.87 36.20 15.50
N ILE A 926 47.10 35.28 14.93
CA ILE A 926 45.82 34.93 15.54
C ILE A 926 45.68 33.44 15.72
N THR A 927 46.74 32.70 15.41
CA THR A 927 46.72 31.28 15.66
C THR A 927 47.15 31.03 17.10
N SER A 928 46.91 29.79 17.55
CA SER A 928 47.16 29.39 18.92
C SER A 928 48.61 29.48 19.43
N VAL A 929 48.73 29.37 20.75
CA VAL A 929 50.02 29.48 21.44
C VAL A 929 50.90 28.27 21.18
N ALA A 930 50.30 27.09 21.03
CA ALA A 930 51.09 25.87 20.98
C ALA A 930 50.60 24.80 20.01
N HIS A 931 49.32 24.85 19.65
CA HIS A 931 48.83 23.84 18.72
C HIS A 931 49.34 24.15 17.34
N PHE A 932 49.34 23.13 16.49
CA PHE A 932 49.82 23.23 15.12
C PHE A 932 48.65 23.65 14.28
N ASP A 933 48.33 24.94 14.27
CA ASP A 933 47.11 25.37 13.59
C ASP A 933 47.37 26.43 12.53
N PHE A 934 46.47 26.51 11.55
CA PHE A 934 46.51 27.55 10.55
C PHE A 934 45.16 27.79 9.91
N PHE A 935 44.96 29.00 9.40
CA PHE A 935 43.78 29.29 8.60
C PHE A 935 44.16 29.25 7.14
N ILE A 936 43.25 28.74 6.30
CA ILE A 936 43.41 28.82 4.84
C ILE A 936 42.06 29.15 4.30
N GLN A 937 42.00 30.17 3.44
CA GLN A 937 40.72 30.50 2.82
C GLN A 937 40.77 30.11 1.35
N SER A 938 40.22 28.94 1.04
CA SER A 938 40.55 28.22 -0.18
C SER A 938 39.71 28.61 -1.37
N HIS A 939 38.56 29.22 -1.10
CA HIS A 939 37.50 29.42 -2.10
C HIS A 939 37.29 30.84 -2.50
N GLN A 940 36.76 31.05 -3.71
CA GLN A 940 36.24 32.36 -4.10
C GLN A 940 34.98 32.55 -3.30
N ALA A 941 34.87 33.70 -2.66
CA ALA A 941 33.72 33.99 -1.82
C ALA A 941 32.67 34.68 -2.67
N LEU A 942 31.88 33.89 -3.36
CA LEU A 942 31.03 34.40 -4.41
C LEU A 942 30.02 35.36 -3.83
N LYS A 943 29.66 35.14 -2.57
CA LYS A 943 28.74 36.03 -1.90
C LYS A 943 29.29 36.41 -0.55
N GLY A 944 29.14 37.66 -0.16
CA GLY A 944 29.46 38.09 1.19
C GLY A 944 30.93 38.09 1.55
N THR A 945 31.23 37.81 2.83
CA THR A 945 32.60 37.75 3.30
C THR A 945 32.86 36.31 3.65
N GLY A 946 33.79 35.70 2.91
CA GLY A 946 34.08 34.28 3.04
C GLY A 946 34.58 33.89 4.42
N VAL A 947 34.37 32.62 4.77
CA VAL A 947 34.84 32.08 6.04
C VAL A 947 35.97 31.10 5.85
N PRO A 948 37.16 31.47 6.35
CA PRO A 948 38.35 30.62 6.23
C PRO A 948 38.16 29.41 7.12
N CYS A 949 38.74 28.28 6.74
CA CYS A 949 38.66 27.09 7.55
C CYS A 949 39.82 27.10 8.53
N HIS A 950 39.54 26.74 9.78
CA HIS A 950 40.61 26.68 10.75
C HIS A 950 41.06 25.23 10.90
N TYR A 951 42.30 24.97 10.47
CA TYR A 951 42.87 23.64 10.53
C TYR A 951 43.72 23.49 11.76
N TRP A 952 43.65 22.35 12.43
CA TRP A 952 44.56 22.03 13.52
C TRP A 952 45.11 20.65 13.27
N CYS A 953 46.40 20.52 13.10
CA CYS A 953 46.97 19.19 13.11
C CYS A 953 47.06 18.77 14.55
N LEU A 954 46.23 17.81 14.92
CA LEU A 954 46.14 17.34 16.29
C LEU A 954 47.08 16.18 16.59
N TYR A 955 47.64 15.56 15.56
CA TYR A 955 48.42 14.34 15.77
C TYR A 955 49.15 14.00 14.50
N ASP A 956 50.44 13.72 14.57
CA ASP A 956 51.19 13.56 13.33
C ASP A 956 52.42 12.63 13.40
N GLU A 957 52.27 11.43 12.88
CA GLU A 957 53.37 10.48 12.88
C GLU A 957 54.22 10.48 11.61
N ASN A 958 54.09 11.49 10.77
CA ASN A 958 54.95 11.52 9.58
C ASN A 958 55.64 12.85 9.36
N GLN A 959 56.14 13.43 10.45
CA GLN A 959 56.88 14.69 10.43
C GLN A 959 56.53 15.58 9.24
N SER A 960 55.34 16.16 9.31
CA SER A 960 54.88 17.05 8.27
C SER A 960 55.16 18.46 8.69
N THR A 961 55.78 19.21 7.80
CA THR A 961 55.98 20.62 7.97
C THR A 961 54.68 21.35 7.67
N SER A 962 54.57 22.60 8.11
CA SER A 962 53.42 23.42 7.76
C SER A 962 53.33 23.63 6.25
N ASP A 963 54.47 23.82 5.59
CA ASP A 963 54.43 24.01 4.15
C ASP A 963 53.80 22.81 3.46
N TYR A 964 54.13 21.62 3.95
CA TYR A 964 53.53 20.45 3.36
C TYR A 964 52.05 20.42 3.64
N LEU A 965 51.65 20.52 4.90
CA LEU A 965 50.24 20.34 5.25
C LEU A 965 49.35 21.40 4.61
N GLN A 966 49.84 22.63 4.58
CA GLN A 966 49.06 23.73 4.05
C GLN A 966 48.83 23.56 2.56
N GLU A 967 49.80 23.00 1.87
CA GLU A 967 49.65 22.77 0.44
C GLU A 967 48.63 21.66 0.11
N ILE A 968 48.66 20.54 0.82
CA ILE A 968 47.73 19.48 0.53
C ILE A 968 46.34 19.83 0.99
N CYS A 969 46.24 20.66 2.03
CA CYS A 969 44.92 21.09 2.45
C CYS A 969 44.29 21.94 1.37
N ASN A 970 44.99 23.01 0.99
CA ASN A 970 44.52 23.84 -0.12
C ASN A 970 44.26 23.00 -1.37
N ASN A 971 45.24 22.22 -1.80
CA ASN A 971 45.06 21.33 -2.96
C ASN A 971 43.81 20.44 -2.95
N LEU A 972 43.60 19.72 -1.86
CA LEU A 972 42.39 18.91 -1.71
C LEU A 972 41.06 19.68 -1.85
N CYS A 973 41.15 21.01 -1.95
CA CYS A 973 39.94 21.79 -2.11
C CYS A 973 39.57 21.93 -3.58
N TYR A 974 40.41 21.41 -4.49
CA TYR A 974 40.15 21.56 -5.92
C TYR A 974 39.57 20.29 -6.54
N ILE A 975 39.49 19.22 -5.76
CA ILE A 975 38.93 17.97 -6.28
C ILE A 975 37.64 17.59 -5.58
N PHE A 976 36.76 18.57 -5.49
CA PHE A 976 35.38 18.34 -5.11
C PHE A 976 34.65 18.20 -6.42
N GLY A 977 34.24 16.97 -6.69
CA GLY A 977 33.88 16.57 -8.03
C GLY A 977 32.48 16.90 -8.50
N ARG A 978 31.74 17.66 -7.71
CA ARG A 978 30.40 18.02 -8.14
C ARG A 978 30.26 19.50 -8.42
N SER A 979 31.37 20.23 -8.32
CA SER A 979 31.39 21.68 -8.64
C SER A 979 32.66 22.03 -9.36
N THR A 980 32.60 23.04 -10.22
CA THR A 980 33.76 23.56 -10.94
C THR A 980 34.53 24.60 -10.12
N THR A 981 34.61 24.41 -8.81
CA THR A 981 35.28 25.37 -7.95
C THR A 981 36.15 24.71 -6.91
N SER A 982 37.01 25.52 -6.31
CA SER A 982 37.68 25.14 -5.10
C SER A 982 36.63 25.38 -4.04
N VAL A 983 36.54 24.50 -3.06
CA VAL A 983 35.54 24.64 -2.01
C VAL A 983 36.22 25.06 -0.69
N LYS A 984 35.42 25.39 0.32
CA LYS A 984 35.96 26.00 1.52
C LYS A 984 36.65 25.07 2.52
N VAL A 985 36.71 23.78 2.18
CA VAL A 985 37.29 22.79 3.09
C VAL A 985 37.62 21.59 2.21
N PRO A 986 38.72 20.85 2.51
CA PRO A 986 39.13 19.73 1.66
C PRO A 986 37.98 18.77 1.31
N ALA A 987 37.88 18.40 0.05
CA ALA A 987 36.87 17.47 -0.43
C ALA A 987 36.49 16.31 0.53
N PRO A 988 37.48 15.62 1.12
CA PRO A 988 37.14 14.53 2.06
C PRO A 988 36.16 14.93 3.15
N VAL A 989 36.30 16.14 3.63
CA VAL A 989 35.42 16.63 4.69
C VAL A 989 34.00 16.96 4.17
N TYR A 990 33.91 17.68 3.07
CA TYR A 990 32.65 17.93 2.40
C TYR A 990 31.96 16.60 2.06
N TYR A 991 32.71 15.63 1.56
CA TYR A 991 32.10 14.36 1.22
C TYR A 991 31.54 13.69 2.49
N ALA A 992 32.29 13.77 3.56
CA ALA A 992 31.86 13.16 4.81
C ALA A 992 30.58 13.83 5.34
N ASP A 993 30.46 15.12 5.09
CA ASP A 993 29.27 15.86 5.52
C ASP A 993 28.07 15.43 4.72
N LEU A 994 28.26 15.28 3.41
CA LEU A 994 27.18 14.90 2.52
C LEU A 994 26.65 13.53 2.85
N LEU A 995 27.55 12.62 3.23
CA LEU A 995 27.19 11.26 3.63
C LEU A 995 26.41 11.23 4.93
N CYS A 996 26.80 12.09 5.86
CA CYS A 996 26.08 12.24 7.09
C CYS A 996 24.71 12.78 6.78
N THR A 997 24.65 13.70 5.83
CA THR A 997 23.38 14.28 5.45
C THR A 997 22.46 13.24 4.83
N ARG A 998 23.04 12.32 4.07
CA ARG A 998 22.24 11.29 3.41
C ARG A 998 21.79 10.23 4.40
N ALA A 999 22.65 9.89 5.34
CA ALA A 999 22.28 8.92 6.38
C ALA A 999 21.11 9.49 7.16
N THR A 1000 21.05 10.81 7.27
CA THR A 1000 19.98 11.48 7.98
C THR A 1000 18.65 11.39 7.24
N CYS A 1001 18.68 11.38 5.92
CA CYS A 1001 17.45 11.14 5.15
C CYS A 1001 16.97 9.72 5.37
N PHE A 1002 17.88 8.75 5.30
CA PHE A 1002 17.52 7.35 5.51
C PHE A 1002 16.87 7.19 6.88
N PHE A 1003 17.51 7.74 7.88
CA PHE A 1003 17.00 7.75 9.24
C PHE A 1003 15.59 8.33 9.25
N LYS A 1004 15.51 9.63 8.94
CA LYS A 1004 14.24 10.35 8.90
C LYS A 1004 13.14 9.65 8.10
N ALA A 1005 13.48 9.12 6.93
CA ALA A 1005 12.52 8.43 6.08
C ALA A 1005 11.76 7.34 6.80
N GLY A 1006 12.47 6.29 7.19
CA GLY A 1006 11.84 5.19 7.91
C GLY A 1006 11.99 5.36 9.41
N PHE A 1007 11.13 6.18 10.01
CA PHE A 1007 11.30 6.51 11.40
C PHE A 1007 9.97 6.51 12.11
N GLU A 1008 9.00 7.20 11.53
CA GLU A 1008 7.65 7.21 12.06
C GLU A 1008 7.18 5.79 12.17
N LEU A 1009 7.61 4.97 11.22
CA LEU A 1009 7.27 3.56 11.19
C LEU A 1009 8.02 2.86 12.32
N ASN A 1010 9.28 3.23 12.52
CA ASN A 1010 10.10 2.53 13.51
C ASN A 1010 9.78 2.94 14.95
N MET A 1011 8.96 3.98 15.11
CA MET A 1011 8.44 4.36 16.43
C MET A 1011 7.18 3.58 16.75
N ALA A 1012 6.44 3.20 15.70
CA ALA A 1012 5.25 2.40 15.86
C ALA A 1012 5.59 0.91 15.90
N GLN A 1013 6.34 0.45 14.89
CA GLN A 1013 6.67 -0.97 14.73
C GLN A 1013 7.54 -1.54 15.86
N ALA A 1014 7.94 -0.70 16.81
CA ALA A 1014 8.77 -1.10 17.95
C ALA A 1014 8.14 -2.24 18.76
N THR A 1025 13.35 1.62 23.74
CA THR A 1025 14.48 1.89 22.86
C THR A 1025 14.62 0.88 21.72
N VAL A 1026 15.14 1.35 20.59
CA VAL A 1026 15.21 0.55 19.36
C VAL A 1026 16.63 0.25 18.89
N SER A 1027 16.81 -0.91 18.27
CA SER A 1027 18.12 -1.36 17.78
C SER A 1027 18.74 -0.37 16.82
N LYS A 1028 20.06 -0.41 16.68
CA LYS A 1028 20.73 0.50 15.75
C LYS A 1028 20.36 0.28 14.28
N ASN A 1029 20.58 -0.91 13.72
CA ASN A 1029 20.24 -1.17 12.31
C ASN A 1029 18.79 -1.29 11.98
N VAL A 1030 17.89 -0.71 12.76
CA VAL A 1030 16.51 -0.73 12.30
C VAL A 1030 16.08 0.70 12.20
N LEU A 1031 16.80 1.55 12.93
CA LEU A 1031 16.64 2.98 12.86
C LEU A 1031 17.41 3.52 11.67
N LEU A 1032 18.66 3.07 11.55
CA LEU A 1032 19.56 3.46 10.47
C LEU A 1032 20.17 2.21 9.87
N PRO A 1033 19.45 1.56 8.94
CA PRO A 1033 19.88 0.32 8.29
C PRO A 1033 21.12 0.58 7.46
N GLN A 1034 21.90 -0.46 7.17
CA GLN A 1034 22.98 -0.31 6.21
C GLN A 1034 22.41 -0.15 4.82
N VAL A 1035 23.21 0.42 3.93
CA VAL A 1035 22.76 0.57 2.56
C VAL A 1035 22.98 -0.74 1.80
N ASN A 1036 22.21 -0.93 0.73
CA ASN A 1036 22.36 -2.07 -0.15
C ASN A 1036 23.84 -2.25 -0.52
N ASP A 1037 24.30 -3.50 -0.62
CA ASP A 1037 25.71 -3.76 -0.90
C ASP A 1037 26.18 -3.24 -2.25
N ASN A 1038 25.24 -3.21 -3.21
CA ASN A 1038 25.51 -2.73 -4.55
C ASN A 1038 26.21 -1.38 -4.50
N ILE A 1039 25.72 -0.48 -3.66
CA ILE A 1039 26.25 0.87 -3.63
C ILE A 1039 27.15 1.18 -2.43
N LYS A 1040 27.58 0.16 -1.69
CA LYS A 1040 28.42 0.42 -0.53
C LYS A 1040 29.77 1.00 -0.92
N SER A 1041 30.13 0.86 -2.19
CA SER A 1041 31.39 1.39 -2.67
C SER A 1041 31.26 2.46 -3.74
N VAL A 1042 30.09 3.10 -3.81
CA VAL A 1042 29.88 4.24 -4.69
C VAL A 1042 29.56 5.49 -3.89
N MET A 1043 29.72 6.64 -4.55
CA MET A 1043 29.39 7.91 -3.91
C MET A 1043 27.91 8.23 -4.15
N TYR A 1044 27.03 7.37 -3.64
CA TYR A 1044 25.59 7.54 -3.79
C TYR A 1044 25.12 8.83 -3.13
N TYR A 1045 25.96 9.39 -2.25
CA TYR A 1045 25.64 10.58 -1.48
C TYR A 1045 25.99 11.86 -2.19
N ILE A 1046 26.59 11.73 -3.38
CA ILE A 1046 27.07 12.88 -4.15
C ILE A 1046 25.95 13.61 -4.90
N ALA C 15 -54.92 -21.49 6.83
CA ALA C 15 -55.17 -22.25 8.06
C ALA C 15 -53.83 -22.81 8.53
N ILE C 16 -53.85 -23.74 9.50
CA ILE C 16 -52.98 -24.92 9.44
C ILE C 16 -52.34 -24.96 8.04
N TYR C 17 -51.02 -24.83 8.00
CA TYR C 17 -50.34 -24.72 6.73
C TYR C 17 -50.16 -26.11 6.14
N LYS C 18 -51.14 -26.51 5.35
CA LYS C 18 -51.09 -27.82 4.71
C LYS C 18 -50.60 -27.66 3.26
N VAL C 19 -49.79 -28.60 2.79
CA VAL C 19 -49.36 -28.56 1.41
C VAL C 19 -50.53 -28.73 0.45
N GLU C 20 -50.55 -27.89 -0.58
CA GLU C 20 -51.65 -27.80 -1.53
C GLU C 20 -51.87 -29.06 -2.33
N ASN C 21 -53.13 -29.47 -2.39
CA ASN C 21 -53.58 -30.55 -3.24
C ASN C 21 -53.76 -30.08 -4.69
N ARG C 22 -53.50 -30.95 -5.66
CA ARG C 22 -53.76 -30.58 -7.04
C ARG C 22 -55.25 -30.42 -7.22
N HIS C 23 -55.67 -29.40 -7.96
CA HIS C 23 -57.13 -29.21 -8.16
C HIS C 23 -57.55 -29.20 -9.62
N ASP C 24 -56.60 -29.06 -10.54
CA ASP C 24 -56.95 -29.24 -11.95
C ASP C 24 -55.75 -29.69 -12.74
N TYR C 25 -55.96 -29.86 -14.05
CA TYR C 25 -54.88 -30.05 -15.02
C TYR C 25 -55.01 -28.94 -16.04
N GLY C 26 -53.92 -28.66 -16.77
CA GLY C 26 -53.95 -27.58 -17.74
C GLY C 26 -54.60 -28.02 -19.02
N THR C 27 -54.98 -27.07 -19.88
CA THR C 27 -55.70 -27.39 -21.10
C THR C 27 -55.06 -26.74 -22.33
N LYS C 28 -54.41 -25.61 -22.13
CA LYS C 28 -53.92 -24.80 -23.23
C LYS C 28 -52.65 -25.35 -23.88
N GLY C 29 -52.39 -24.94 -25.12
CA GLY C 29 -51.17 -25.32 -25.82
C GLY C 29 -51.41 -26.33 -26.93
N THR C 30 -50.46 -26.40 -27.85
CA THR C 30 -50.44 -27.40 -28.91
C THR C 30 -50.09 -28.76 -28.35
N LYS C 31 -50.92 -29.77 -28.65
CA LYS C 31 -50.76 -31.12 -28.14
C LYS C 31 -49.81 -32.02 -28.95
N VAL C 32 -48.87 -32.65 -28.27
CA VAL C 32 -48.06 -33.74 -28.84
C VAL C 32 -47.66 -34.75 -27.78
N ASP C 33 -47.63 -36.03 -28.13
CA ASP C 33 -47.07 -37.02 -27.21
C ASP C 33 -45.55 -37.02 -27.31
N ILE C 34 -44.88 -37.25 -26.20
CA ILE C 34 -43.44 -37.29 -26.15
C ILE C 34 -43.09 -38.54 -25.31
N LEU C 35 -41.82 -38.95 -25.30
CA LEU C 35 -41.40 -40.06 -24.46
C LEU C 35 -40.64 -39.55 -23.26
N THR C 36 -40.74 -40.23 -22.13
CA THR C 36 -39.90 -39.85 -21.00
C THR C 36 -39.12 -41.05 -20.52
N ASN C 37 -37.99 -40.83 -19.85
CA ASN C 37 -37.16 -41.92 -19.38
C ASN C 37 -37.71 -42.62 -18.13
N HIS C 38 -38.97 -43.05 -18.21
CA HIS C 38 -39.57 -43.80 -17.13
C HIS C 38 -40.11 -45.10 -17.67
N ILE C 39 -40.12 -46.13 -16.82
CA ILE C 39 -40.81 -47.36 -17.14
C ILE C 39 -41.90 -47.59 -16.11
N LEU C 40 -43.08 -48.03 -16.55
CA LEU C 40 -44.13 -48.41 -15.62
C LEU C 40 -43.89 -49.80 -15.03
N LEU C 41 -43.66 -49.87 -13.72
CA LEU C 41 -43.52 -51.17 -13.05
C LEU C 41 -44.89 -51.77 -12.80
N ALA C 42 -45.79 -50.95 -12.27
CA ALA C 42 -47.08 -51.48 -11.85
C ALA C 42 -48.18 -50.45 -11.88
N VAL C 43 -49.40 -50.96 -11.98
CA VAL C 43 -50.58 -50.13 -11.79
C VAL C 43 -51.00 -50.32 -10.35
N GLY C 44 -51.41 -49.24 -9.69
CA GLY C 44 -51.80 -49.28 -8.29
C GLY C 44 -52.86 -50.31 -7.96
N ASN C 45 -52.80 -50.85 -6.75
CA ASN C 45 -53.79 -51.82 -6.30
C ASN C 45 -55.19 -51.24 -6.19
N ASP C 46 -55.27 -49.95 -5.93
CA ASP C 46 -56.55 -49.25 -5.78
C ASP C 46 -57.08 -48.65 -7.10
N VAL C 47 -56.63 -49.21 -8.21
CA VAL C 47 -57.18 -48.80 -9.49
C VAL C 47 -58.03 -49.97 -9.96
N PRO C 48 -59.31 -49.69 -10.24
CA PRO C 48 -60.30 -50.71 -10.62
C PRO C 48 -59.87 -51.41 -11.91
N THR C 49 -60.03 -52.74 -11.95
CA THR C 49 -59.62 -53.53 -13.10
C THR C 49 -60.26 -53.09 -14.42
N GLU C 50 -61.37 -52.35 -14.31
CA GLU C 50 -62.17 -51.88 -15.42
C GLU C 50 -61.76 -50.49 -15.90
N LYS C 51 -60.48 -50.16 -15.71
CA LYS C 51 -59.98 -48.80 -15.92
C LYS C 51 -58.93 -48.71 -16.98
N ILE C 52 -57.87 -49.48 -16.78
CA ILE C 52 -56.81 -49.55 -17.78
C ILE C 52 -57.01 -50.85 -18.53
N ASP C 53 -56.81 -50.78 -19.84
CA ASP C 53 -56.84 -51.97 -20.66
C ASP C 53 -55.90 -53.02 -20.08
N LYS C 54 -56.32 -54.28 -20.14
CA LYS C 54 -55.55 -55.41 -19.64
C LYS C 54 -54.22 -55.59 -20.39
N GLU C 55 -54.10 -54.93 -21.54
CA GLU C 55 -52.91 -55.08 -22.35
C GLU C 55 -51.90 -53.98 -22.02
N LEU C 56 -52.40 -52.82 -21.63
CA LEU C 56 -51.53 -51.70 -21.31
C LEU C 56 -50.87 -51.79 -19.92
N VAL C 57 -51.45 -52.62 -19.05
CA VAL C 57 -50.83 -52.90 -17.77
C VAL C 57 -49.61 -53.82 -17.94
N PRO C 58 -48.47 -53.39 -17.39
CA PRO C 58 -47.14 -53.97 -17.58
C PRO C 58 -47.05 -55.39 -17.04
N LYS C 59 -46.80 -56.37 -17.91
CA LYS C 59 -46.52 -57.72 -17.39
C LYS C 59 -45.16 -57.81 -16.74
N LEU C 60 -45.05 -57.20 -15.58
CA LEU C 60 -43.94 -57.53 -14.74
C LEU C 60 -44.52 -57.81 -13.37
N ASP C 61 -44.35 -59.05 -12.90
CA ASP C 61 -44.58 -59.37 -11.51
C ASP C 61 -43.24 -59.84 -10.95
N GLY C 62 -43.21 -60.19 -9.67
CA GLY C 62 -41.96 -60.59 -9.04
C GLY C 62 -41.91 -60.29 -7.57
N TRP C 63 -40.70 -60.36 -7.02
CA TRP C 63 -40.51 -60.19 -5.59
C TRP C 63 -40.83 -58.79 -5.21
N TRP C 64 -40.45 -57.88 -6.10
CA TRP C 64 -40.59 -56.47 -5.88
C TRP C 64 -42.05 -56.02 -5.83
N LYS C 65 -42.95 -56.94 -6.15
CA LYS C 65 -44.39 -56.67 -6.05
C LYS C 65 -45.01 -57.28 -4.80
N THR C 66 -44.46 -58.41 -4.38
CA THR C 66 -45.12 -59.26 -3.38
C THR C 66 -44.09 -59.98 -2.55
N ALA C 67 -43.42 -59.25 -1.66
CA ALA C 67 -42.39 -59.87 -0.85
C ALA C 67 -42.33 -59.23 0.50
N PHE C 68 -41.75 -59.96 1.43
CA PHE C 68 -41.48 -59.42 2.75
C PHE C 68 -39.99 -59.49 3.02
N ILE C 69 -39.40 -58.33 3.27
CA ILE C 69 -37.95 -58.22 3.39
C ILE C 69 -37.53 -58.11 4.85
N PHE C 70 -36.53 -58.88 5.25
CA PHE C 70 -35.96 -58.77 6.58
C PHE C 70 -35.05 -57.55 6.58
N THR C 71 -35.12 -56.77 7.66
CA THR C 71 -34.21 -55.64 7.79
C THR C 71 -33.47 -55.73 9.10
N TYR C 72 -32.21 -55.28 9.05
CA TYR C 72 -31.36 -55.32 10.22
C TYR C 72 -30.73 -53.95 10.36
N HIS C 73 -30.72 -53.40 11.56
CA HIS C 73 -29.97 -52.18 11.81
C HIS C 73 -28.53 -52.62 12.03
N ILE C 74 -27.56 -51.74 11.73
CA ILE C 74 -26.16 -52.14 11.75
C ILE C 74 -25.17 -51.01 12.08
N ASP C 75 -24.41 -51.17 13.15
CA ASP C 75 -23.39 -50.20 13.56
C ASP C 75 -22.00 -50.71 13.21
N PHE C 76 -21.02 -49.80 13.21
CA PHE C 76 -19.67 -50.13 12.76
C PHE C 76 -18.59 -49.74 13.78
N LYS C 97 -18.28 -43.78 4.34
CA LYS C 97 -18.97 -44.77 3.53
C LYS C 97 -18.09 -45.67 2.64
N PRO C 98 -17.04 -45.12 1.98
CA PRO C 98 -16.08 -45.96 1.25
C PRO C 98 -15.74 -47.24 1.99
N LYS C 99 -15.28 -47.10 3.22
CA LYS C 99 -14.89 -48.27 4.01
C LYS C 99 -16.10 -49.17 4.37
N LYS C 100 -17.20 -48.58 4.85
CA LYS C 100 -18.40 -49.37 5.18
C LYS C 100 -18.82 -50.21 4.00
N TYR C 101 -19.10 -49.51 2.90
CA TYR C 101 -19.61 -50.14 1.71
C TYR C 101 -18.64 -51.23 1.25
N GLU C 102 -17.35 -50.89 1.18
CA GLU C 102 -16.31 -51.85 0.83
C GLU C 102 -16.36 -53.02 1.79
N LEU C 103 -16.54 -52.71 3.06
CA LEU C 103 -16.62 -53.72 4.11
C LEU C 103 -17.73 -54.74 3.84
N ILE C 104 -18.91 -54.26 3.47
CA ILE C 104 -20.02 -55.17 3.24
C ILE C 104 -19.82 -56.10 2.04
N GLU C 105 -19.42 -55.55 0.88
CA GLU C 105 -19.22 -56.40 -0.29
C GLU C 105 -18.14 -57.44 -0.03
N ALA C 106 -17.12 -57.04 0.71
CA ALA C 106 -16.06 -57.97 1.09
C ALA C 106 -16.66 -59.24 1.69
N LEU C 107 -17.50 -59.08 2.72
CA LEU C 107 -18.20 -60.22 3.33
C LEU C 107 -19.07 -60.95 2.31
N LEU C 108 -19.88 -60.19 1.59
CA LEU C 108 -20.75 -60.76 0.57
C LEU C 108 -19.96 -61.46 -0.53
N ASP C 109 -18.68 -61.14 -0.66
CA ASP C 109 -17.88 -61.71 -1.73
C ASP C 109 -16.83 -62.70 -1.21
N GLU C 110 -16.30 -62.49 -0.02
CA GLU C 110 -15.36 -63.50 0.50
C GLU C 110 -15.94 -64.47 1.52
N ASP C 111 -16.93 -65.20 1.04
CA ASP C 111 -17.59 -66.28 1.76
C ASP C 111 -18.50 -66.96 0.77
N GLU C 112 -18.16 -68.21 0.43
CA GLU C 112 -18.89 -68.93 -0.63
C GLU C 112 -20.33 -69.24 -0.26
N ILE C 113 -20.62 -69.06 1.03
CA ILE C 113 -21.95 -69.29 1.59
C ILE C 113 -22.91 -68.10 1.35
N LEU C 114 -22.44 -66.91 1.67
CA LEU C 114 -23.24 -65.69 1.58
C LEU C 114 -23.32 -65.22 0.14
N TYR C 115 -22.25 -65.51 -0.60
CA TYR C 115 -22.10 -65.12 -1.99
C TYR C 115 -23.28 -65.50 -2.85
N LYS C 116 -23.92 -66.61 -2.48
CA LYS C 116 -25.10 -67.09 -3.20
C LYS C 116 -26.31 -66.19 -2.96
N TYR C 117 -26.23 -65.36 -1.91
CA TYR C 117 -27.30 -64.47 -1.53
C TYR C 117 -26.95 -63.02 -1.73
N ARG C 118 -26.02 -62.74 -2.63
CA ARG C 118 -25.51 -61.40 -2.78
C ARG C 118 -26.39 -60.58 -3.72
N ASP C 119 -27.38 -61.23 -4.31
CA ASP C 119 -28.36 -60.54 -5.13
C ASP C 119 -29.64 -60.39 -4.29
N ARG C 120 -29.55 -60.78 -3.02
CA ARG C 120 -30.69 -60.72 -2.13
C ARG C 120 -30.37 -59.98 -0.84
N ILE C 121 -29.17 -59.42 -0.75
CA ILE C 121 -28.78 -58.65 0.43
C ILE C 121 -28.23 -57.28 0.01
N ALA C 122 -28.67 -56.22 0.67
CA ALA C 122 -28.33 -54.88 0.22
C ALA C 122 -28.06 -53.95 1.39
N PHE C 123 -27.20 -52.96 1.16
CA PHE C 123 -26.85 -52.00 2.18
C PHE C 123 -27.59 -50.67 1.94
N ASN C 124 -28.00 -50.00 3.02
CA ASN C 124 -28.94 -48.87 2.93
C ASN C 124 -28.24 -47.61 2.51
N GLY C 125 -27.01 -47.64 2.99
CA GLY C 125 -25.88 -46.81 2.76
C GLY C 125 -25.19 -46.61 4.09
N GLU C 126 -25.90 -46.77 5.20
CA GLU C 126 -25.33 -46.44 6.50
C GLU C 126 -26.06 -47.04 7.69
N ASP C 127 -27.39 -46.97 7.68
CA ASP C 127 -28.17 -47.45 8.82
C ASP C 127 -28.45 -48.95 8.76
N THR C 128 -29.21 -49.35 7.75
CA THR C 128 -29.76 -50.71 7.72
C THR C 128 -29.22 -51.60 6.61
N ILE C 129 -29.63 -52.86 6.68
CA ILE C 129 -29.32 -53.86 5.67
C ILE C 129 -30.61 -54.57 5.33
N TYR C 130 -30.92 -54.67 4.05
CA TYR C 130 -32.11 -55.38 3.61
C TYR C 130 -31.75 -56.77 3.11
N SER C 131 -32.57 -57.76 3.45
CA SER C 131 -32.30 -59.11 2.96
C SER C 131 -33.57 -59.86 2.61
N HIS C 132 -33.54 -60.60 1.51
CA HIS C 132 -34.68 -61.44 1.16
C HIS C 132 -34.82 -62.57 2.15
N VAL C 133 -33.69 -63.00 2.73
CA VAL C 133 -33.63 -64.12 3.65
C VAL C 133 -33.27 -63.61 5.06
N PRO C 134 -33.36 -64.48 6.08
CA PRO C 134 -32.95 -63.98 7.40
C PRO C 134 -31.43 -64.09 7.60
N LEU C 135 -30.83 -63.11 8.26
CA LEU C 135 -29.37 -63.11 8.44
C LEU C 135 -28.89 -63.94 9.62
N GLU C 136 -29.83 -64.35 10.46
CA GLU C 136 -29.51 -65.19 11.59
C GLU C 136 -29.25 -66.64 11.18
N GLU C 137 -29.54 -66.97 9.91
CA GLU C 137 -29.29 -68.32 9.41
C GLU C 137 -27.88 -68.42 8.86
N PHE C 138 -27.05 -67.45 9.20
CA PHE C 138 -25.70 -67.46 8.68
C PHE C 138 -24.73 -67.69 9.80
N THR C 139 -23.92 -68.73 9.64
CA THR C 139 -22.92 -69.12 10.62
C THR C 139 -21.77 -68.12 10.63
N LEU C 140 -22.11 -66.86 10.40
CA LEU C 140 -21.13 -65.80 10.30
C LEU C 140 -21.30 -64.81 11.43
N PHE C 141 -22.49 -64.22 11.48
CA PHE C 141 -22.78 -63.13 12.40
C PHE C 141 -23.12 -63.66 13.79
N ASP C 142 -22.58 -64.83 14.13
CA ASP C 142 -22.79 -65.42 15.45
C ASP C 142 -22.01 -64.59 16.44
N GLY C 143 -22.69 -63.68 17.14
CA GLY C 143 -21.99 -62.77 18.03
C GLY C 143 -21.81 -61.42 17.36
N CYS C 144 -22.84 -60.98 16.67
CA CYS C 144 -22.89 -59.62 16.14
C CYS C 144 -24.15 -58.91 16.64
N TRP C 145 -24.90 -59.55 17.53
CA TRP C 145 -26.26 -59.09 17.86
C TRP C 145 -26.39 -58.42 19.24
N GLU C 146 -27.61 -58.33 19.77
CA GLU C 146 -27.79 -57.79 21.12
C GLU C 146 -27.11 -58.68 22.18
N GLU C 178 -12.86 -62.94 12.30
CA GLU C 178 -12.26 -62.33 11.12
C GLU C 178 -12.79 -60.91 10.93
N MET C 179 -13.13 -60.54 9.70
CA MET C 179 -13.50 -59.15 9.34
C MET C 179 -14.77 -58.66 10.02
N VAL C 180 -15.66 -59.60 10.32
CA VAL C 180 -16.97 -59.29 10.88
C VAL C 180 -16.89 -58.67 12.28
N SER C 181 -15.70 -58.39 12.76
CA SER C 181 -15.51 -57.93 14.13
C SER C 181 -15.96 -56.49 14.34
N GLN C 182 -16.23 -55.79 13.25
CA GLN C 182 -16.76 -54.44 13.37
C GLN C 182 -18.25 -54.34 13.00
N ILE C 183 -18.96 -55.47 12.92
CA ILE C 183 -20.42 -55.40 12.72
C ILE C 183 -21.28 -55.80 13.92
N THR C 184 -22.38 -55.06 14.07
CA THR C 184 -23.41 -55.37 15.05
C THR C 184 -24.73 -55.48 14.32
N LEU C 185 -25.41 -56.61 14.47
CA LEU C 185 -26.70 -56.79 13.82
C LEU C 185 -27.85 -56.64 14.80
N LYS C 186 -28.95 -56.07 14.31
CA LYS C 186 -30.16 -55.96 15.10
C LYS C 186 -31.39 -55.96 14.22
N PHE C 187 -32.12 -57.07 14.25
CA PHE C 187 -33.30 -57.23 13.43
C PHE C 187 -34.30 -56.11 13.70
N SER C 188 -34.57 -55.28 12.69
CA SER C 188 -35.44 -54.12 12.92
C SER C 188 -36.81 -54.23 12.26
N GLY C 189 -37.27 -55.47 12.05
CA GLY C 189 -38.61 -55.68 11.53
C GLY C 189 -38.64 -56.13 10.08
N LYS C 190 -39.84 -56.40 9.57
CA LYS C 190 -40.01 -56.70 8.16
C LYS C 190 -40.75 -55.62 7.40
N VAL C 191 -40.49 -55.53 6.09
CA VAL C 191 -41.08 -54.53 5.22
C VAL C 191 -41.84 -55.19 4.08
N GLY C 192 -43.17 -55.08 4.10
CA GLY C 192 -43.97 -55.53 2.99
C GLY C 192 -43.78 -54.59 1.81
N LEU C 193 -43.34 -55.13 0.69
CA LEU C 193 -43.00 -54.31 -0.46
C LEU C 193 -44.23 -53.95 -1.27
N LYS C 194 -45.33 -54.61 -0.97
CA LYS C 194 -46.52 -54.42 -1.80
C LYS C 194 -47.35 -53.24 -1.38
N ASP C 195 -46.97 -52.58 -0.29
CA ASP C 195 -47.67 -51.38 0.12
C ASP C 195 -47.22 -50.16 -0.70
N ILE C 196 -46.09 -50.32 -1.37
CA ILE C 196 -45.63 -49.35 -2.34
C ILE C 196 -46.71 -49.08 -3.38
N TYR C 197 -47.49 -50.12 -3.67
CA TYR C 197 -48.49 -50.10 -4.72
C TYR C 197 -49.87 -49.81 -4.18
N ASN C 198 -49.92 -49.14 -3.03
CA ASN C 198 -51.19 -48.88 -2.40
C ASN C 198 -51.86 -47.57 -2.75
N ASP C 199 -51.64 -46.54 -1.96
CA ASP C 199 -52.48 -45.35 -2.06
C ASP C 199 -52.20 -44.48 -3.29
N THR C 200 -52.27 -45.07 -4.50
CA THR C 200 -51.84 -44.39 -5.72
C THR C 200 -52.89 -43.50 -6.34
N THR C 201 -53.98 -43.31 -5.61
CA THR C 201 -55.08 -42.47 -6.06
C THR C 201 -55.35 -41.46 -4.97
N THR C 202 -55.00 -41.84 -3.76
CA THR C 202 -55.28 -41.08 -2.56
C THR C 202 -54.95 -39.61 -2.70
N GLN C 203 -55.97 -38.77 -2.58
CA GLN C 203 -55.77 -37.34 -2.72
C GLN C 203 -55.47 -36.66 -1.40
N ASP C 204 -54.40 -37.09 -0.75
CA ASP C 204 -53.94 -36.50 0.50
C ASP C 204 -52.44 -36.21 0.41
N THR C 205 -52.09 -34.93 0.28
CA THR C 205 -50.70 -34.54 0.13
C THR C 205 -49.81 -34.93 1.31
N GLU C 206 -50.41 -35.29 2.44
CA GLU C 206 -49.63 -35.71 3.60
C GLU C 206 -49.26 -37.19 3.55
N VAL C 207 -50.22 -37.99 3.09
CA VAL C 207 -50.02 -39.39 2.83
C VAL C 207 -48.97 -39.60 1.72
N GLN C 208 -49.18 -38.89 0.63
CA GLN C 208 -48.31 -39.03 -0.51
C GLN C 208 -46.89 -38.60 -0.18
N GLU C 209 -46.74 -37.80 0.86
CA GLU C 209 -45.42 -37.38 1.27
C GLU C 209 -44.71 -38.51 1.92
N SER C 210 -45.45 -39.18 2.78
CA SER C 210 -44.89 -40.20 3.62
C SER C 210 -44.61 -41.39 2.73
N ARG C 211 -45.33 -41.43 1.61
CA ARG C 211 -45.09 -42.45 0.62
C ARG C 211 -43.83 -42.16 -0.23
N MET C 212 -43.57 -40.90 -0.55
CA MET C 212 -42.46 -40.53 -1.46
C MET C 212 -41.12 -40.81 -0.81
N SER C 213 -41.05 -40.57 0.49
CA SER C 213 -39.83 -40.78 1.24
C SER C 213 -40.16 -41.85 2.24
N ALA C 214 -40.19 -43.10 1.79
CA ALA C 214 -40.70 -44.19 2.61
C ALA C 214 -39.66 -45.28 2.71
N ILE C 215 -39.79 -46.12 3.73
CA ILE C 215 -38.84 -47.21 3.88
C ILE C 215 -38.98 -48.24 2.78
N ASP C 216 -40.22 -48.62 2.46
CA ASP C 216 -40.45 -49.63 1.41
C ASP C 216 -39.83 -49.22 0.08
N LYS C 217 -40.00 -47.96 -0.30
CA LYS C 217 -39.40 -47.46 -1.55
C LYS C 217 -37.87 -47.56 -1.53
N THR C 218 -37.26 -47.20 -0.40
CA THR C 218 -35.81 -47.25 -0.25
C THR C 218 -35.28 -48.67 -0.25
N CYS C 219 -36.07 -49.55 0.34
CA CYS C 219 -35.75 -50.97 0.39
C CYS C 219 -35.71 -51.56 -1.03
N LEU C 220 -36.84 -51.48 -1.74
CA LEU C 220 -36.94 -51.91 -3.13
C LEU C 220 -35.81 -51.39 -4.01
N LEU C 221 -35.59 -50.09 -3.97
CA LEU C 221 -34.49 -49.51 -4.73
C LEU C 221 -33.18 -50.15 -4.36
N SER C 222 -32.92 -50.31 -3.06
CA SER C 222 -31.60 -50.80 -2.66
C SER C 222 -31.43 -52.28 -3.00
N LEU C 223 -32.52 -53.06 -2.91
CA LEU C 223 -32.49 -54.47 -3.33
C LEU C 223 -32.33 -54.62 -4.84
N LEU C 224 -32.88 -53.69 -5.62
CA LEU C 224 -32.64 -53.68 -7.06
C LEU C 224 -31.15 -53.50 -7.37
N GLY C 225 -30.49 -52.66 -6.58
CA GLY C 225 -29.06 -52.51 -6.71
C GLY C 225 -28.31 -53.81 -6.47
N ALA C 226 -28.79 -54.59 -5.51
CA ALA C 226 -28.19 -55.90 -5.26
C ALA C 226 -28.23 -56.73 -6.53
N LYS C 227 -29.38 -56.73 -7.21
CA LYS C 227 -29.55 -57.51 -8.42
C LYS C 227 -28.63 -57.02 -9.55
N PHE C 228 -28.59 -55.71 -9.73
CA PHE C 228 -27.73 -55.09 -10.75
C PHE C 228 -26.29 -55.56 -10.52
N MET C 229 -25.89 -55.61 -9.26
CA MET C 229 -24.50 -55.86 -8.89
C MET C 229 -24.10 -57.31 -9.08
N SER C 230 -25.09 -58.19 -9.05
CA SER C 230 -24.83 -59.60 -9.23
C SER C 230 -24.90 -59.92 -10.71
N THR C 231 -23.79 -59.68 -11.39
CA THR C 231 -23.63 -60.13 -12.76
C THR C 231 -22.20 -60.62 -12.88
N ASP C 232 -21.92 -61.43 -13.90
CA ASP C 232 -20.56 -61.91 -14.10
C ASP C 232 -19.68 -60.78 -14.67
N ASP C 233 -20.32 -59.74 -15.18
CA ASP C 233 -19.61 -58.56 -15.69
C ASP C 233 -18.98 -57.73 -14.57
N LEU C 234 -17.95 -56.97 -14.93
CA LEU C 234 -17.30 -56.10 -13.95
C LEU C 234 -18.20 -54.89 -13.76
N ILE C 235 -18.55 -54.59 -12.51
CA ILE C 235 -19.48 -53.49 -12.25
C ILE C 235 -19.13 -52.67 -11.02
N PHE C 236 -19.28 -51.34 -11.13
CA PHE C 236 -18.85 -50.40 -10.09
C PHE C 236 -20.03 -49.72 -9.46
N GLN C 237 -20.03 -49.62 -8.14
CA GLN C 237 -21.07 -48.91 -7.44
C GLN C 237 -20.47 -47.63 -6.86
N VAL C 238 -21.10 -46.50 -7.16
CA VAL C 238 -20.58 -45.20 -6.78
C VAL C 238 -21.71 -44.44 -6.13
N GLN C 239 -21.50 -44.04 -4.87
CA GLN C 239 -22.52 -43.36 -4.09
C GLN C 239 -23.81 -44.15 -3.97
N GLY C 240 -23.69 -45.46 -3.80
CA GLY C 240 -24.85 -46.29 -3.51
C GLY C 240 -25.88 -46.51 -4.60
N ASN C 241 -26.11 -45.54 -5.47
CA ASN C 241 -27.16 -45.70 -6.50
C ASN C 241 -26.73 -45.50 -7.96
N LYS C 242 -25.47 -45.15 -8.16
CA LYS C 242 -24.93 -45.06 -9.51
C LYS C 242 -24.06 -46.26 -9.92
N PHE C 243 -24.51 -47.00 -10.93
CA PHE C 243 -23.79 -48.18 -11.40
C PHE C 243 -23.10 -47.97 -12.75
N PHE C 244 -21.84 -48.34 -12.82
CA PHE C 244 -21.09 -48.30 -14.06
C PHE C 244 -20.62 -49.68 -14.51
N ILE C 245 -20.95 -50.09 -15.73
CA ILE C 245 -20.54 -51.42 -16.20
C ILE C 245 -19.35 -51.32 -17.14
N PHE C 246 -18.29 -52.06 -16.83
CA PHE C 246 -17.04 -51.97 -17.56
C PHE C 246 -16.82 -53.19 -18.48
N ASN C 247 -17.68 -53.36 -19.48
CA ASN C 247 -17.45 -54.37 -20.50
C ASN C 247 -16.98 -53.74 -21.82
N ASN C 248 -16.81 -54.54 -22.86
CA ASN C 248 -16.32 -54.03 -24.14
C ASN C 248 -17.29 -53.12 -24.87
N PHE C 249 -18.49 -52.98 -24.31
CA PHE C 249 -19.55 -52.16 -24.92
C PHE C 249 -19.72 -50.82 -24.21
N ALA C 250 -18.92 -50.61 -23.17
CA ALA C 250 -19.03 -49.42 -22.34
C ALA C 250 -18.59 -48.20 -23.11
N LYS C 251 -19.13 -47.05 -22.72
CA LYS C 251 -18.74 -45.79 -23.32
C LYS C 251 -17.68 -45.15 -22.43
N ALA C 252 -16.45 -45.05 -22.94
CA ALA C 252 -15.34 -44.53 -22.15
C ALA C 252 -14.29 -43.80 -23.00
N ILE C 253 -13.73 -42.73 -22.44
CA ILE C 253 -12.67 -41.97 -23.11
C ILE C 253 -11.58 -41.69 -22.09
N PRO C 254 -10.31 -41.60 -22.56
CA PRO C 254 -9.21 -41.26 -21.64
C PRO C 254 -9.43 -39.85 -21.15
N PHE C 255 -9.18 -39.60 -19.87
CA PHE C 255 -9.62 -38.34 -19.26
C PHE C 255 -8.53 -37.32 -19.01
N GLN C 256 -7.93 -37.36 -17.83
CA GLN C 256 -6.98 -36.31 -17.51
C GLN C 256 -5.59 -36.87 -17.38
N ILE C 257 -5.23 -37.23 -16.14
CA ILE C 257 -3.99 -37.94 -15.88
C ILE C 257 -4.33 -39.30 -15.30
N GLY C 258 -3.92 -40.34 -16.01
CA GLY C 258 -4.14 -41.72 -15.59
C GLY C 258 -5.60 -42.11 -15.39
N GLY C 259 -6.50 -41.37 -16.03
CA GLY C 259 -7.92 -41.59 -15.80
C GLY C 259 -8.78 -41.62 -17.04
N TYR C 260 -9.91 -42.30 -16.93
CA TYR C 260 -10.93 -42.30 -17.97
C TYR C 260 -12.30 -41.85 -17.47
N LEU C 261 -13.17 -41.43 -18.39
CA LEU C 261 -14.55 -41.15 -18.04
C LEU C 261 -15.38 -42.32 -18.48
N LEU C 262 -16.42 -42.62 -17.73
CA LEU C 262 -17.23 -43.79 -18.04
C LEU C 262 -18.70 -43.44 -17.88
N GLN C 263 -19.54 -43.94 -18.78
CA GLN C 263 -20.97 -43.69 -18.66
C GLN C 263 -21.65 -44.81 -17.89
N GLY C 264 -22.29 -44.43 -16.79
CA GLY C 264 -23.08 -45.38 -16.02
C GLY C 264 -24.53 -44.97 -16.04
N PHE C 265 -25.33 -45.62 -15.22
CA PHE C 265 -26.76 -45.34 -15.14
C PHE C 265 -27.19 -45.34 -13.70
N THR C 266 -28.35 -44.78 -13.43
CA THR C 266 -28.87 -44.78 -12.07
C THR C 266 -30.39 -44.88 -12.11
N VAL C 267 -30.98 -45.57 -11.14
CA VAL C 267 -32.43 -45.69 -11.13
C VAL C 267 -33.01 -45.21 -9.80
N SER C 268 -34.20 -44.62 -9.89
CA SER C 268 -34.93 -44.19 -8.72
C SER C 268 -36.39 -44.39 -9.09
N LEU C 269 -37.25 -44.55 -8.08
CA LEU C 269 -38.63 -44.78 -8.43
C LEU C 269 -39.50 -43.65 -7.98
N THR C 270 -40.40 -43.24 -8.86
CA THR C 270 -41.23 -42.07 -8.65
C THR C 270 -42.68 -42.53 -8.66
N HIS C 271 -43.46 -42.05 -7.72
CA HIS C 271 -44.88 -42.37 -7.70
C HIS C 271 -45.58 -41.45 -8.68
N VAL C 272 -46.39 -42.04 -9.56
CA VAL C 272 -47.25 -41.26 -10.42
C VAL C 272 -48.70 -41.61 -10.07
N TYR C 273 -49.65 -40.88 -10.62
CA TYR C 273 -51.05 -41.17 -10.33
C TYR C 273 -51.44 -42.55 -10.82
N GLY C 274 -51.53 -43.50 -9.88
CA GLY C 274 -52.08 -44.83 -10.11
C GLY C 274 -51.46 -45.78 -11.12
N GLY C 275 -50.19 -46.17 -10.95
CA GLY C 275 -49.43 -45.88 -9.75
C GLY C 275 -47.91 -45.70 -9.79
N VAL C 276 -47.14 -46.73 -10.17
CA VAL C 276 -45.68 -46.71 -9.86
C VAL C 276 -44.64 -46.89 -10.99
N ALA C 277 -43.84 -45.84 -11.19
CA ALA C 277 -42.91 -45.76 -12.33
C ALA C 277 -41.48 -45.88 -11.89
N LEU C 278 -40.62 -46.32 -12.79
CA LEU C 278 -39.21 -46.43 -12.51
C LEU C 278 -38.49 -45.54 -13.49
N ASN C 279 -37.55 -44.75 -12.97
CA ASN C 279 -36.92 -43.71 -13.77
C ASN C 279 -35.45 -44.04 -13.93
N THR C 280 -34.92 -43.88 -15.14
CA THR C 280 -33.50 -44.17 -15.37
C THR C 280 -32.83 -43.10 -16.19
N VAL C 281 -31.60 -42.76 -15.80
CA VAL C 281 -30.83 -41.73 -16.48
C VAL C 281 -29.35 -42.07 -16.33
N SER C 282 -28.55 -41.73 -17.35
CA SER C 282 -27.13 -42.01 -17.39
C SER C 282 -26.31 -41.04 -16.55
N VAL C 283 -25.20 -41.53 -16.01
CA VAL C 283 -24.35 -40.71 -15.16
C VAL C 283 -22.92 -40.92 -15.57
N PRO C 284 -22.17 -39.81 -15.69
CA PRO C 284 -20.73 -39.84 -15.96
C PRO C 284 -19.87 -39.86 -14.68
N ALA C 285 -18.84 -40.69 -14.69
CA ALA C 285 -17.85 -40.63 -13.63
C ALA C 285 -16.45 -40.87 -14.15
N PRO C 286 -15.47 -40.19 -13.57
CA PRO C 286 -14.05 -40.47 -13.80
C PRO C 286 -13.56 -41.58 -12.91
N PHE C 287 -12.72 -42.43 -13.46
CA PHE C 287 -12.10 -43.51 -12.73
C PHE C 287 -10.64 -43.59 -13.12
N ILE C 288 -9.80 -44.23 -12.31
CA ILE C 288 -8.40 -44.42 -12.67
C ILE C 288 -8.25 -45.61 -13.62
N LYS C 289 -7.42 -45.42 -14.64
CA LYS C 289 -7.31 -46.39 -15.71
C LYS C 289 -6.66 -47.64 -15.13
N HIS C 290 -7.28 -48.79 -15.33
CA HIS C 290 -6.72 -50.02 -14.80
C HIS C 290 -6.50 -51.02 -15.93
N THR C 291 -6.55 -50.54 -17.14
CA THR C 291 -6.41 -51.40 -18.30
C THR C 291 -5.46 -50.78 -19.30
N LYS C 292 -4.91 -51.60 -20.19
CA LYS C 292 -4.03 -51.08 -21.23
C LYS C 292 -4.87 -50.20 -22.14
N TYR C 293 -6.04 -50.73 -22.52
CA TYR C 293 -6.91 -50.11 -23.47
C TYR C 293 -8.29 -49.95 -22.89
N LEU C 294 -9.04 -48.94 -23.37
CA LEU C 294 -10.39 -48.69 -22.87
C LEU C 294 -11.46 -49.28 -23.78
N PRO C 295 -12.60 -49.64 -23.19
CA PRO C 295 -13.67 -50.29 -23.96
C PRO C 295 -13.98 -49.58 -25.27
N GLY C 296 -14.29 -50.32 -26.33
CA GLY C 296 -14.58 -49.72 -27.61
C GLY C 296 -13.40 -49.85 -28.56
N ASP C 297 -12.24 -49.37 -28.13
CA ASP C 297 -10.98 -49.65 -28.81
C ASP C 297 -10.87 -51.14 -29.22
N PRO C 298 -10.53 -51.42 -30.50
CA PRO C 298 -10.58 -52.83 -30.91
C PRO C 298 -9.44 -53.69 -30.32
N ARG C 299 -8.38 -53.06 -29.81
CA ARG C 299 -7.33 -53.79 -29.12
C ARG C 299 -7.79 -54.23 -27.72
N PHE C 300 -9.00 -53.86 -27.35
CA PHE C 300 -9.58 -54.21 -26.06
C PHE C 300 -10.44 -55.46 -26.21
N LYS C 301 -11.24 -55.51 -27.28
CA LYS C 301 -12.14 -56.65 -27.53
C LYS C 301 -11.36 -57.97 -27.61
N ASN C 302 -10.15 -57.89 -28.15
CA ASN C 302 -9.29 -59.07 -28.27
C ASN C 302 -8.67 -59.44 -26.93
N ASN C 303 -7.84 -58.56 -26.37
CA ASN C 303 -7.32 -58.79 -25.03
C ASN C 303 -7.74 -57.72 -24.04
N GLU C 304 -8.89 -57.94 -23.42
CA GLU C 304 -9.36 -57.08 -22.35
C GLU C 304 -8.40 -57.17 -21.17
N LYS C 305 -7.67 -58.29 -21.11
CA LYS C 305 -6.76 -58.57 -20.01
C LYS C 305 -5.29 -58.65 -20.47
N GLU C 306 -4.93 -57.76 -21.40
CA GLU C 306 -3.56 -57.60 -21.86
C GLU C 306 -2.75 -56.86 -20.80
N GLN C 307 -1.54 -57.34 -20.51
CA GLN C 307 -0.76 -56.85 -19.37
C GLN C 307 -0.63 -55.32 -19.27
N PHE C 308 -1.17 -54.79 -18.18
CA PHE C 308 -1.05 -53.37 -17.85
C PHE C 308 -0.72 -53.28 -16.36
N THR C 309 0.57 -53.09 -16.07
CA THR C 309 1.06 -53.07 -14.71
C THR C 309 0.95 -51.68 -14.16
N LEU C 310 1.47 -51.49 -12.94
CA LEU C 310 1.53 -50.16 -12.35
C LEU C 310 2.51 -49.27 -13.09
N MET C 311 3.62 -49.83 -13.53
CA MET C 311 4.59 -49.04 -14.26
C MET C 311 3.99 -48.46 -15.53
N ASP C 312 3.31 -49.32 -16.30
CA ASP C 312 2.63 -48.93 -17.54
C ASP C 312 1.72 -47.71 -17.31
N TRP C 313 1.11 -47.68 -16.13
CA TRP C 313 0.27 -46.58 -15.73
C TRP C 313 1.07 -45.28 -15.51
N ILE C 314 2.20 -45.40 -14.81
CA ILE C 314 2.97 -44.22 -14.43
C ILE C 314 3.59 -43.55 -15.65
N ILE C 315 4.02 -44.36 -16.62
CA ILE C 315 4.54 -43.82 -17.87
C ILE C 315 3.47 -42.98 -18.53
N GLU C 316 2.26 -43.52 -18.59
CA GLU C 316 1.15 -42.82 -19.21
C GLU C 316 1.02 -41.48 -18.53
N CYS C 317 0.85 -41.52 -17.22
CA CYS C 317 0.68 -40.31 -16.41
C CYS C 317 1.82 -39.32 -16.68
N TYR C 318 3.03 -39.83 -16.85
CA TYR C 318 4.16 -38.97 -17.19
C TYR C 318 3.88 -38.22 -18.49
N HIS C 319 3.75 -38.97 -19.58
CA HIS C 319 3.50 -38.40 -20.91
C HIS C 319 2.33 -37.43 -20.92
N GLN C 320 1.19 -37.92 -20.45
CA GLN C 320 -0.02 -37.12 -20.31
C GLN C 320 0.30 -35.81 -19.59
N SER C 321 0.94 -35.91 -18.42
CA SER C 321 1.19 -34.74 -17.56
C SER C 321 2.02 -33.66 -18.24
N LYS C 322 3.07 -34.08 -18.93
CA LYS C 322 3.92 -33.11 -19.62
C LYS C 322 3.25 -32.61 -20.89
N ALA C 323 2.44 -33.46 -21.53
CA ALA C 323 1.79 -33.06 -22.78
C ALA C 323 0.75 -31.96 -22.56
N ILE C 324 0.33 -31.81 -21.31
CA ILE C 324 -0.71 -30.83 -20.93
C ILE C 324 -0.15 -29.72 -20.04
N ARG C 325 1.03 -29.95 -19.44
CA ARG C 325 1.77 -28.92 -18.70
C ARG C 325 2.83 -28.25 -19.60
N ASP C 326 3.08 -28.85 -20.77
CA ASP C 326 3.91 -28.28 -21.83
C ASP C 326 3.18 -28.52 -23.14
N ILE C 327 3.47 -27.75 -24.18
CA ILE C 327 2.71 -27.91 -25.43
C ILE C 327 3.60 -28.45 -26.54
N ARG C 328 2.98 -29.21 -27.45
CA ARG C 328 3.67 -29.86 -28.56
C ARG C 328 4.72 -30.77 -27.96
N TYR C 329 4.38 -31.29 -26.79
CA TYR C 329 5.20 -32.27 -26.13
C TYR C 329 5.21 -33.53 -26.99
N ASN C 330 4.01 -33.91 -27.43
CA ASN C 330 3.77 -35.10 -28.24
C ASN C 330 4.45 -36.38 -27.75
N PRO C 331 3.71 -37.17 -26.96
CA PRO C 331 4.14 -38.49 -26.49
C PRO C 331 4.51 -39.46 -27.62
N LYS C 332 3.96 -39.27 -28.82
CA LYS C 332 4.27 -40.15 -29.96
C LYS C 332 5.72 -39.98 -30.44
N THR C 333 6.32 -38.82 -30.15
CA THR C 333 7.74 -38.62 -30.46
C THR C 333 8.58 -38.65 -29.20
N ALA C 334 8.19 -37.82 -28.23
CA ALA C 334 8.95 -37.56 -26.99
C ALA C 334 9.72 -38.76 -26.46
N PRO C 335 11.00 -38.54 -26.10
CA PRO C 335 11.83 -39.66 -25.66
C PRO C 335 11.31 -40.24 -24.34
N PRO C 336 11.23 -41.57 -24.25
CA PRO C 336 10.71 -42.22 -23.05
C PRO C 336 11.62 -41.91 -21.86
N PRO C 337 11.02 -41.68 -20.68
CA PRO C 337 11.78 -41.42 -19.43
C PRO C 337 12.74 -42.61 -19.20
N SER C 338 14.07 -42.49 -19.04
CA SER C 338 14.80 -41.50 -18.24
C SER C 338 14.33 -41.75 -16.83
N VAL C 339 14.65 -42.94 -16.34
CA VAL C 339 14.21 -43.42 -15.01
C VAL C 339 14.81 -42.57 -13.90
N LYS C 340 15.79 -41.75 -14.28
CA LYS C 340 16.23 -40.63 -13.47
C LYS C 340 15.06 -39.67 -13.20
N ASP C 341 14.19 -39.50 -14.20
CA ASP C 341 13.00 -38.66 -14.07
C ASP C 341 11.81 -39.45 -13.51
N LEU C 342 11.72 -40.72 -13.89
CA LEU C 342 10.59 -41.57 -13.51
C LEU C 342 10.59 -41.97 -12.03
N ASN C 343 11.69 -41.69 -11.32
CA ASN C 343 11.69 -41.77 -9.87
C ASN C 343 11.48 -40.39 -9.28
N TYR C 344 11.84 -39.36 -10.04
CA TYR C 344 11.62 -37.97 -9.63
C TYR C 344 10.12 -37.64 -9.71
N PHE C 345 9.47 -38.15 -10.76
CA PHE C 345 8.02 -38.04 -10.93
C PHE C 345 7.34 -38.40 -9.62
N VAL C 346 7.38 -39.69 -9.31
CA VAL C 346 6.64 -40.28 -8.19
C VAL C 346 6.70 -39.50 -6.88
N GLU C 347 7.89 -39.01 -6.52
CA GLU C 347 8.06 -38.31 -5.24
C GLU C 347 7.66 -36.82 -5.31
N LYS C 348 8.22 -36.08 -6.27
CA LYS C 348 8.11 -34.62 -6.21
C LYS C 348 7.11 -34.02 -7.22
N ASN C 349 6.27 -34.84 -7.83
CA ASN C 349 5.23 -34.30 -8.73
C ASN C 349 3.80 -34.43 -8.17
N THR C 350 3.16 -33.27 -8.01
CA THR C 350 1.82 -33.16 -7.45
C THR C 350 0.77 -33.99 -8.20
N ASP C 351 0.65 -33.72 -9.50
CA ASP C 351 -0.38 -34.37 -10.31
C ASP C 351 -0.10 -35.86 -10.58
N ILE C 352 0.26 -36.57 -9.52
CA ILE C 352 0.22 -38.03 -9.50
C ILE C 352 0.31 -38.54 -8.07
N SER C 353 1.07 -37.83 -7.24
CA SER C 353 1.11 -38.09 -5.81
C SER C 353 -0.32 -38.19 -5.28
N ALA C 354 -1.15 -37.25 -5.71
CA ALA C 354 -2.56 -37.22 -5.36
C ALA C 354 -3.24 -38.53 -5.73
N LEU C 355 -2.84 -39.07 -6.89
CA LEU C 355 -3.50 -40.23 -7.49
C LEU C 355 -3.16 -41.56 -6.79
N LEU C 356 -1.87 -41.81 -6.59
CA LEU C 356 -1.44 -42.96 -5.81
C LEU C 356 -1.24 -42.55 -4.37
N LYS C 357 -2.09 -41.63 -3.92
CA LYS C 357 -2.10 -41.24 -2.52
C LYS C 357 -2.34 -42.51 -1.73
N GLY C 358 -3.50 -43.10 -1.96
CA GLY C 358 -3.82 -44.38 -1.33
C GLY C 358 -4.40 -45.33 -2.35
N LEU C 359 -3.79 -45.36 -3.53
CA LEU C 359 -4.32 -46.15 -4.63
C LEU C 359 -4.33 -47.64 -4.28
N LYS C 360 -5.52 -48.23 -4.20
CA LYS C 360 -5.60 -49.67 -3.97
C LYS C 360 -5.07 -50.42 -5.21
N VAL C 361 -4.23 -51.42 -4.98
CA VAL C 361 -3.44 -52.06 -6.02
C VAL C 361 -3.03 -53.46 -5.58
N TYR C 362 -3.11 -54.47 -6.44
CA TYR C 362 -2.75 -55.81 -5.98
C TYR C 362 -1.70 -56.65 -6.76
N ARG C 363 -1.46 -57.87 -6.29
CA ARG C 363 -0.36 -58.72 -6.76
C ARG C 363 -0.84 -60.03 -7.38
N PRO C 364 -0.50 -60.24 -8.66
CA PRO C 364 -0.95 -61.34 -9.54
C PRO C 364 -0.16 -62.64 -9.49
N TYR C 365 0.69 -62.85 -8.49
CA TYR C 365 1.52 -64.05 -8.43
C TYR C 365 1.17 -65.00 -7.29
N ILE C 366 0.43 -64.48 -6.31
CA ILE C 366 -0.08 -65.32 -5.23
C ILE C 366 -1.41 -65.93 -5.67
N ASN C 367 -2.04 -66.71 -4.81
CA ASN C 367 -3.28 -67.39 -5.16
C ASN C 367 -4.33 -67.40 -4.04
N SER C 383 -8.78 -59.20 -2.79
CA SER C 383 -7.79 -59.05 -1.72
C SER C 383 -6.99 -57.76 -1.84
N SER C 384 -7.68 -56.64 -1.59
CA SER C 384 -7.17 -55.30 -1.83
C SER C 384 -6.01 -54.89 -0.91
N LYS C 385 -5.18 -53.99 -1.41
CA LYS C 385 -4.03 -53.48 -0.65
C LYS C 385 -3.72 -52.03 -1.04
N GLY C 386 -4.06 -51.07 -0.18
CA GLY C 386 -3.77 -49.67 -0.47
C GLY C 386 -2.28 -49.35 -0.39
N ILE C 387 -1.89 -48.13 -0.75
CA ILE C 387 -0.46 -47.76 -0.67
C ILE C 387 -0.07 -46.61 0.25
N VAL C 388 1.23 -46.50 0.44
CA VAL C 388 1.86 -45.55 1.34
C VAL C 388 2.25 -44.26 0.62
N VAL C 453 7.77 -54.78 -2.91
CA VAL C 453 7.26 -55.02 -4.25
C VAL C 453 7.44 -53.80 -5.17
N PRO C 454 7.99 -54.02 -6.41
CA PRO C 454 8.22 -52.97 -7.41
C PRO C 454 6.99 -52.70 -8.26
N PRO C 455 6.81 -51.45 -8.70
CA PRO C 455 5.68 -51.04 -9.52
C PRO C 455 5.56 -51.87 -10.79
N GLU C 456 6.69 -52.32 -11.32
CA GLU C 456 6.71 -53.08 -12.57
C GLU C 456 5.84 -54.36 -12.60
N CYS C 457 5.51 -54.89 -11.42
CA CYS C 457 4.64 -56.05 -11.36
C CYS C 457 3.61 -55.88 -10.23
N LEU C 458 2.58 -55.11 -10.54
CA LEU C 458 1.66 -54.64 -9.51
C LEU C 458 0.46 -54.00 -10.23
N THR C 459 -0.57 -54.78 -10.52
CA THR C 459 -1.70 -54.27 -11.30
C THR C 459 -2.63 -53.44 -10.42
N ILE C 460 -3.46 -52.61 -11.04
CA ILE C 460 -4.30 -51.65 -10.31
C ILE C 460 -5.75 -52.11 -10.22
N VAL C 461 -6.33 -52.06 -9.02
CA VAL C 461 -7.70 -52.55 -8.83
C VAL C 461 -8.72 -51.60 -9.46
N PRO C 462 -9.62 -52.14 -10.31
CA PRO C 462 -10.57 -51.34 -11.09
C PRO C 462 -11.55 -50.55 -10.25
N GLY C 463 -12.19 -49.56 -10.87
CA GLY C 463 -13.34 -48.90 -10.30
C GLY C 463 -13.05 -47.86 -9.25
N GLN C 464 -11.78 -47.48 -9.12
CA GLN C 464 -11.41 -46.49 -8.13
C GLN C 464 -11.71 -45.10 -8.65
N LYS C 465 -12.43 -44.32 -7.85
CA LYS C 465 -12.75 -42.94 -8.19
C LYS C 465 -11.47 -42.16 -8.51
N LEU C 466 -11.54 -41.28 -9.47
CA LEU C 466 -10.42 -40.41 -9.79
C LEU C 466 -10.54 -39.16 -8.94
N LYS C 467 -9.94 -39.20 -7.76
CA LYS C 467 -10.03 -38.08 -6.82
C LYS C 467 -9.30 -36.86 -7.38
N GLY C 468 -9.84 -35.69 -7.08
CA GLY C 468 -9.25 -34.45 -7.53
C GLY C 468 -10.34 -33.51 -8.00
N GLN C 469 -9.93 -32.30 -8.36
CA GLN C 469 -10.83 -31.34 -8.96
C GLN C 469 -10.76 -31.54 -10.47
N ILE C 470 -11.89 -31.46 -11.16
CA ILE C 470 -11.87 -31.50 -12.61
C ILE C 470 -11.20 -30.23 -13.11
N PHE C 471 -10.12 -30.39 -13.88
CA PHE C 471 -9.49 -29.23 -14.50
C PHE C 471 -9.70 -29.19 -16.02
N ASP C 472 -9.81 -30.36 -16.63
CA ASP C 472 -10.18 -30.43 -18.05
C ASP C 472 -11.69 -30.45 -18.20
N THR C 473 -12.31 -29.31 -17.92
CA THR C 473 -13.76 -29.19 -17.94
C THR C 473 -14.36 -29.47 -19.31
N LYS C 474 -13.69 -29.01 -20.37
CA LYS C 474 -14.22 -29.20 -21.71
C LYS C 474 -14.45 -30.67 -22.05
N THR C 475 -13.43 -31.51 -21.85
CA THR C 475 -13.61 -32.93 -22.07
C THR C 475 -14.73 -33.51 -21.22
N TYR C 476 -14.76 -33.16 -19.94
CA TYR C 476 -15.78 -33.66 -19.02
C TYR C 476 -17.17 -33.29 -19.47
N ILE C 477 -17.32 -32.08 -19.98
CA ILE C 477 -18.63 -31.60 -20.39
C ILE C 477 -19.11 -32.19 -21.72
N ASP C 478 -18.23 -32.17 -22.72
CA ASP C 478 -18.52 -32.76 -24.02
C ASP C 478 -18.89 -34.24 -23.94
N PHE C 479 -18.36 -34.92 -22.94
CA PHE C 479 -18.55 -36.35 -22.79
C PHE C 479 -20.04 -36.65 -22.57
N SER C 480 -20.72 -35.75 -21.87
CA SER C 480 -22.10 -35.98 -21.47
C SER C 480 -23.11 -35.17 -22.27
N ALA C 481 -22.62 -34.31 -23.15
CA ALA C 481 -23.48 -33.45 -23.94
C ALA C 481 -24.05 -34.18 -25.17
N ILE C 482 -24.89 -35.17 -24.90
CA ILE C 482 -25.47 -36.02 -25.91
C ILE C 482 -26.87 -35.56 -26.21
N ARG C 483 -27.26 -35.55 -27.49
CA ARG C 483 -28.59 -35.13 -27.90
C ARG C 483 -29.61 -36.21 -27.48
N PRO C 484 -30.92 -35.88 -27.43
CA PRO C 484 -31.82 -36.85 -26.81
C PRO C 484 -31.90 -38.20 -27.50
N THR C 485 -31.98 -38.25 -28.82
CA THR C 485 -32.03 -39.53 -29.49
C THR C 485 -30.85 -40.42 -29.08
N GLU C 486 -29.64 -39.88 -29.17
CA GLU C 486 -28.43 -40.60 -28.79
C GLU C 486 -28.38 -40.91 -27.30
N LYS C 487 -29.00 -40.04 -26.49
CA LYS C 487 -28.95 -40.23 -25.02
C LYS C 487 -30.00 -41.22 -24.49
N PHE C 488 -31.13 -41.35 -25.17
CA PHE C 488 -32.17 -42.28 -24.76
C PHE C 488 -31.77 -43.69 -25.14
N ASP C 489 -31.02 -43.80 -26.23
CA ASP C 489 -30.48 -45.07 -26.65
C ASP C 489 -29.52 -45.52 -25.57
N LEU C 490 -28.61 -44.64 -25.20
CA LEU C 490 -27.63 -44.91 -24.16
C LEU C 490 -28.27 -45.37 -22.86
N ILE C 491 -29.27 -44.63 -22.39
CA ILE C 491 -29.97 -45.02 -21.19
C ILE C 491 -30.58 -46.40 -21.37
N SER C 492 -31.22 -46.62 -22.51
CA SER C 492 -31.85 -47.91 -22.80
C SER C 492 -30.82 -49.03 -22.84
N ARG C 493 -29.67 -48.73 -23.42
CA ARG C 493 -28.61 -49.72 -23.66
C ARG C 493 -27.76 -50.02 -22.40
N LEU C 494 -27.71 -49.11 -21.44
CA LEU C 494 -27.06 -49.38 -20.15
C LEU C 494 -28.04 -49.92 -19.07
N SER C 495 -29.22 -49.31 -18.97
CA SER C 495 -30.24 -49.66 -17.99
C SER C 495 -30.89 -51.02 -18.19
N MET C 496 -31.50 -51.21 -19.36
CA MET C 496 -32.47 -52.29 -19.57
C MET C 496 -32.00 -53.70 -19.20
N PRO C 497 -30.79 -54.10 -19.62
CA PRO C 497 -30.25 -55.36 -19.10
C PRO C 497 -30.37 -55.44 -17.57
N ALA C 498 -29.78 -54.51 -16.87
CA ALA C 498 -29.78 -54.51 -15.40
C ALA C 498 -31.17 -54.49 -14.81
N ILE C 499 -32.08 -53.72 -15.40
CA ILE C 499 -33.43 -53.66 -14.88
C ILE C 499 -34.19 -54.97 -15.10
N LYS C 500 -33.98 -55.60 -16.27
CA LYS C 500 -34.60 -56.90 -16.57
C LYS C 500 -34.10 -57.96 -15.60
N ARG C 501 -32.80 -57.92 -15.32
CA ARG C 501 -32.17 -58.79 -14.35
C ARG C 501 -32.77 -58.55 -12.98
N GLY C 502 -33.00 -57.28 -12.66
CA GLY C 502 -33.54 -56.88 -11.37
C GLY C 502 -34.98 -57.35 -11.13
N LEU C 503 -35.83 -57.16 -12.13
CA LEU C 503 -37.27 -57.39 -12.00
C LEU C 503 -37.71 -58.82 -12.35
N THR C 504 -36.80 -59.77 -12.25
CA THR C 504 -37.17 -61.18 -12.40
C THR C 504 -36.64 -62.01 -11.23
N ASP C 505 -37.13 -63.24 -11.08
CA ASP C 505 -36.70 -64.11 -9.97
C ASP C 505 -35.83 -65.30 -10.44
N ASN C 516 -39.91 -57.61 -23.48
CA ASN C 516 -39.68 -56.32 -24.11
C ASN C 516 -40.81 -55.34 -23.85
N SER C 517 -42.05 -55.80 -24.01
CA SER C 517 -43.13 -54.83 -24.21
C SER C 517 -43.44 -54.07 -22.94
N ALA C 518 -42.99 -54.63 -21.82
CA ALA C 518 -43.16 -54.00 -20.52
C ALA C 518 -41.99 -53.05 -20.24
N TYR C 519 -40.82 -53.37 -20.78
CA TYR C 519 -39.62 -52.53 -20.63
C TYR C 519 -39.50 -51.56 -21.78
N GLN C 520 -40.36 -50.54 -21.76
CA GLN C 520 -40.26 -49.47 -22.75
C GLN C 520 -40.73 -48.17 -22.15
N PHE C 521 -40.16 -47.09 -22.67
CA PHE C 521 -40.35 -45.78 -22.09
C PHE C 521 -41.79 -45.33 -22.16
N MET C 522 -42.25 -44.78 -21.04
CA MET C 522 -43.58 -44.21 -20.96
C MET C 522 -43.78 -43.13 -22.02
N ARG C 523 -44.98 -43.12 -22.57
CA ARG C 523 -45.37 -42.08 -23.49
C ARG C 523 -46.43 -41.22 -22.83
N VAL C 524 -46.11 -39.95 -22.64
CA VAL C 524 -47.01 -39.05 -21.94
C VAL C 524 -47.40 -37.93 -22.88
N PRO C 525 -48.54 -37.30 -22.61
CA PRO C 525 -48.96 -36.13 -23.36
C PRO C 525 -48.32 -34.82 -22.88
N SER C 526 -48.07 -33.95 -23.83
CA SER C 526 -47.50 -32.66 -23.52
C SER C 526 -48.27 -31.63 -24.29
N ARG C 527 -48.06 -30.39 -23.90
CA ARG C 527 -48.70 -29.30 -24.54
C ARG C 527 -47.65 -28.21 -24.66
N ILE C 528 -47.56 -27.59 -25.83
CA ILE C 528 -46.56 -26.56 -26.05
C ILE C 528 -47.15 -25.17 -25.99
N LEU C 529 -46.78 -24.41 -24.96
CA LEU C 529 -47.27 -23.04 -24.77
C LEU C 529 -46.59 -22.03 -25.67
N ASP C 530 -47.34 -21.02 -26.10
CA ASP C 530 -46.78 -19.99 -26.97
C ASP C 530 -45.80 -19.18 -26.18
N ALA C 531 -44.77 -18.68 -26.86
CA ALA C 531 -43.81 -17.82 -26.20
C ALA C 531 -44.51 -16.50 -26.02
N PRO C 532 -44.09 -15.73 -25.02
CA PRO C 532 -44.67 -14.40 -24.87
C PRO C 532 -44.08 -13.46 -25.90
N VAL C 533 -44.52 -12.22 -25.87
CA VAL C 533 -43.96 -11.23 -26.75
C VAL C 533 -42.82 -10.55 -26.02
N VAL C 534 -41.61 -10.62 -26.58
CA VAL C 534 -40.49 -9.89 -26.00
C VAL C 534 -40.53 -8.44 -26.46
N GLN C 535 -40.49 -7.49 -25.52
CA GLN C 535 -40.52 -6.07 -25.85
C GLN C 535 -39.15 -5.41 -25.74
N PHE C 536 -38.73 -4.67 -26.76
CA PHE C 536 -37.56 -3.83 -26.67
C PHE C 536 -38.07 -2.41 -26.66
N LYS C 537 -37.22 -1.43 -26.95
CA LYS C 537 -37.61 -0.03 -26.83
C LYS C 537 -38.69 0.37 -27.83
N GLU C 538 -38.52 -0.04 -29.10
CA GLU C 538 -39.52 0.26 -30.13
C GLU C 538 -39.72 -0.88 -31.10
N SER C 539 -39.74 -2.10 -30.60
CA SER C 539 -39.69 -3.28 -31.44
C SER C 539 -40.20 -4.44 -30.61
N THR C 540 -40.57 -5.54 -31.26
CA THR C 540 -40.96 -6.75 -30.52
C THR C 540 -40.36 -7.99 -31.14
N PHE C 541 -40.37 -9.08 -30.39
CA PHE C 541 -40.03 -10.38 -30.97
C PHE C 541 -40.98 -11.46 -30.51
N GLU C 542 -41.89 -11.85 -31.42
CA GLU C 542 -42.81 -12.95 -31.17
C GLU C 542 -42.48 -14.07 -32.09
N TYR C 543 -42.26 -15.25 -31.55
CA TYR C 543 -42.00 -16.39 -32.41
C TYR C 543 -43.33 -16.72 -33.07
N LYS C 544 -43.32 -16.86 -34.39
CA LYS C 544 -44.49 -17.34 -35.15
C LYS C 544 -44.18 -18.76 -35.49
N ASP C 545 -45.10 -19.67 -35.15
CA ASP C 545 -44.93 -21.10 -35.38
C ASP C 545 -44.72 -21.36 -36.86
N LYS C 546 -44.00 -22.44 -37.19
CA LYS C 546 -43.76 -22.80 -38.58
C LYS C 546 -43.35 -24.29 -38.66
N SER C 547 -43.36 -24.90 -39.85
CA SER C 547 -43.02 -26.32 -40.01
C SER C 547 -41.57 -26.62 -39.78
N TYR C 548 -41.28 -27.87 -39.43
CA TYR C 548 -39.95 -28.26 -38.99
C TYR C 548 -38.91 -28.24 -40.12
N GLY C 549 -39.37 -28.08 -41.35
CA GLY C 549 -38.46 -27.91 -42.47
C GLY C 549 -37.12 -27.17 -42.38
N THR C 550 -37.16 -25.85 -42.40
CA THR C 550 -35.95 -25.05 -42.24
C THR C 550 -35.61 -25.14 -40.78
N LYS C 551 -34.68 -24.33 -40.28
CA LYS C 551 -34.39 -24.39 -38.84
C LYS C 551 -35.07 -23.31 -37.99
N HIS C 552 -36.27 -22.89 -38.39
CA HIS C 552 -36.97 -21.77 -37.78
C HIS C 552 -37.26 -21.94 -36.29
N GLU C 553 -37.60 -23.16 -35.87
CA GLU C 553 -37.77 -23.51 -34.46
C GLU C 553 -36.69 -22.95 -33.54
N GLU C 554 -35.46 -22.88 -34.03
CA GLU C 554 -34.33 -22.59 -33.17
C GLU C 554 -34.35 -21.15 -32.67
N SER C 555 -35.36 -20.39 -33.06
CA SER C 555 -35.43 -19.01 -32.64
C SER C 555 -36.47 -18.77 -31.53
N LYS C 556 -37.29 -19.76 -31.23
CA LYS C 556 -38.26 -19.58 -30.19
C LYS C 556 -37.48 -19.48 -28.91
N GLY C 557 -37.64 -18.38 -28.18
CA GLY C 557 -36.92 -18.21 -26.94
C GLY C 557 -35.43 -18.10 -27.20
N ASN C 558 -35.09 -17.55 -28.35
CA ASN C 558 -33.69 -17.36 -28.69
C ASN C 558 -33.50 -16.27 -29.73
N TRP C 559 -33.41 -15.03 -29.26
CA TRP C 559 -33.26 -13.90 -30.15
C TRP C 559 -31.91 -13.26 -30.00
N ASN C 560 -31.78 -12.06 -30.55
CA ASN C 560 -30.58 -11.24 -30.36
C ASN C 560 -30.92 -9.77 -30.39
N MET C 561 -29.96 -8.94 -30.02
CA MET C 561 -30.23 -7.53 -29.81
C MET C 561 -30.15 -6.72 -31.08
N LYS C 562 -29.87 -7.39 -32.20
CA LYS C 562 -29.63 -6.70 -33.47
C LYS C 562 -30.86 -6.00 -34.01
N GLY C 563 -30.68 -4.73 -34.35
CA GLY C 563 -31.76 -3.92 -34.87
C GLY C 563 -32.71 -3.58 -33.76
N HIS C 564 -32.24 -3.74 -32.54
CA HIS C 564 -33.05 -3.48 -31.36
C HIS C 564 -32.33 -2.56 -30.37
N GLN C 565 -33.09 -1.93 -29.48
CA GLN C 565 -32.48 -1.13 -28.45
C GLN C 565 -33.06 -1.54 -27.10
N PHE C 566 -32.33 -1.28 -26.03
CA PHE C 566 -32.84 -1.47 -24.68
C PHE C 566 -33.99 -0.51 -24.37
N ILE C 567 -34.88 -0.96 -23.50
CA ILE C 567 -36.09 -0.23 -23.13
C ILE C 567 -35.78 1.04 -22.36
N SER C 568 -34.90 0.92 -21.38
CA SER C 568 -34.57 2.06 -20.52
C SER C 568 -33.07 2.15 -20.29
N THR C 569 -32.49 3.30 -20.57
CA THR C 569 -31.06 3.47 -20.48
C THR C 569 -30.77 4.76 -19.76
N PRO C 570 -29.58 4.85 -19.12
CA PRO C 570 -29.18 6.02 -18.35
C PRO C 570 -29.43 7.30 -19.11
N ALA C 571 -30.02 8.27 -18.43
CA ALA C 571 -30.35 9.57 -19.01
C ALA C 571 -29.10 10.33 -19.46
N LYS C 572 -28.08 10.28 -18.58
CA LYS C 572 -26.81 10.96 -18.76
C LYS C 572 -25.78 10.04 -19.38
N GLN C 573 -24.85 10.62 -20.14
CA GLN C 573 -23.65 9.88 -20.51
C GLN C 573 -22.92 9.58 -19.21
N VAL C 574 -22.39 8.36 -19.06
CA VAL C 574 -21.72 7.95 -17.83
C VAL C 574 -20.25 7.66 -18.11
N ASN C 575 -19.41 7.78 -17.09
CA ASN C 575 -17.97 7.57 -17.25
C ASN C 575 -17.55 6.13 -17.07
N LEU C 576 -17.05 5.53 -18.14
CA LEU C 576 -16.55 4.17 -18.08
C LEU C 576 -15.04 4.16 -17.95
N ARG C 577 -14.54 3.54 -16.88
CA ARG C 577 -13.13 3.59 -16.58
C ARG C 577 -12.48 2.21 -16.48
N ALA C 578 -11.56 1.93 -17.37
CA ALA C 578 -10.83 0.66 -17.36
C ALA C 578 -9.86 0.61 -16.18
N ILE C 579 -9.90 -0.51 -15.46
CA ILE C 579 -8.81 -0.86 -14.58
C ILE C 579 -8.29 -2.25 -14.95
N PHE C 580 -7.03 -2.33 -15.34
CA PHE C 580 -6.48 -3.59 -15.81
C PHE C 580 -5.90 -4.32 -14.62
N ILE C 581 -6.64 -5.28 -14.09
CA ILE C 581 -6.08 -6.12 -13.04
C ILE C 581 -5.06 -7.07 -13.69
N ASN C 582 -3.82 -7.01 -13.22
CA ASN C 582 -2.74 -7.79 -13.84
C ASN C 582 -2.40 -9.05 -13.05
N ASN C 583 -3.39 -9.91 -12.89
CA ASN C 583 -3.25 -11.11 -12.09
C ASN C 583 -2.35 -12.17 -12.72
N ALA C 584 -1.09 -11.79 -12.98
CA ALA C 584 -0.10 -12.69 -13.55
C ALA C 584 1.28 -12.36 -13.00
N ASN C 585 2.21 -13.30 -13.14
CA ASN C 585 3.56 -13.16 -12.62
C ASN C 585 4.49 -12.49 -13.62
N THR C 586 3.91 -11.82 -14.60
CA THR C 586 4.65 -11.12 -15.64
C THR C 586 3.89 -9.87 -16.03
N ALA C 587 4.62 -8.80 -16.35
CA ALA C 587 3.97 -7.55 -16.75
C ALA C 587 3.38 -7.74 -18.14
N PRO C 588 2.28 -7.04 -18.46
CA PRO C 588 1.58 -7.24 -19.74
C PRO C 588 2.34 -6.63 -20.91
N PRO C 589 2.23 -7.25 -22.10
CA PRO C 589 2.86 -6.81 -23.36
C PRO C 589 2.72 -5.31 -23.62
N ALA C 590 3.67 -4.72 -24.34
CA ALA C 590 3.64 -3.28 -24.60
C ALA C 590 2.46 -2.93 -25.48
N SER C 591 2.07 -3.90 -26.30
CA SER C 591 1.01 -3.71 -27.27
C SER C 591 -0.35 -3.92 -26.62
N MET C 592 -0.44 -3.82 -25.30
CA MET C 592 -1.74 -4.01 -24.66
C MET C 592 -2.40 -2.67 -24.38
N GLU C 593 -1.61 -1.65 -24.00
CA GLU C 593 -2.14 -0.33 -23.72
C GLU C 593 -2.91 0.15 -24.92
N SER C 594 -2.23 0.11 -26.06
CA SER C 594 -2.84 0.49 -27.33
C SER C 594 -4.00 -0.43 -27.70
N GLU C 595 -3.91 -1.70 -27.33
CA GLU C 595 -4.94 -2.68 -27.69
C GLU C 595 -6.21 -2.44 -26.89
N LEU C 596 -6.04 -2.03 -25.65
CA LEU C 596 -7.17 -1.76 -24.77
C LEU C 596 -7.82 -0.42 -25.10
N ASP C 597 -7.01 0.61 -25.32
CA ASP C 597 -7.56 1.90 -25.76
C ASP C 597 -8.41 1.70 -27.00
N ILE C 598 -7.97 0.82 -27.89
CA ILE C 598 -8.72 0.44 -29.07
C ILE C 598 -10.03 -0.22 -28.64
N SER C 599 -9.94 -1.22 -27.77
CA SER C 599 -11.10 -1.99 -27.33
C SER C 599 -12.16 -1.15 -26.62
N MET C 600 -11.70 -0.32 -25.68
CA MET C 600 -12.60 0.57 -24.96
C MET C 600 -13.37 1.47 -25.92
N ASP C 601 -12.68 2.03 -26.90
CA ASP C 601 -13.31 2.97 -27.81
C ASP C 601 -14.41 2.28 -28.61
N LYS C 602 -14.11 1.08 -29.09
CA LYS C 602 -15.06 0.35 -29.91
C LYS C 602 -16.22 -0.11 -29.06
N PHE C 603 -15.94 -0.51 -27.82
CA PHE C 603 -17.00 -0.88 -26.90
C PHE C 603 -17.98 0.27 -26.67
N ALA C 604 -17.46 1.46 -26.44
CA ALA C 604 -18.27 2.64 -26.18
C ALA C 604 -19.13 2.97 -27.42
N SER C 605 -18.62 2.63 -28.59
CA SER C 605 -19.31 2.91 -29.83
C SER C 605 -20.40 1.87 -30.15
N ASP C 606 -20.14 0.61 -29.81
CA ASP C 606 -21.09 -0.45 -30.09
C ASP C 606 -22.33 -0.27 -29.26
N VAL C 607 -22.13 -0.11 -27.97
CA VAL C 607 -23.25 -0.08 -27.05
C VAL C 607 -24.09 1.19 -27.21
N LYS C 608 -23.51 2.23 -27.81
CA LYS C 608 -24.26 3.42 -28.15
C LYS C 608 -25.45 3.02 -28.98
N GLN C 609 -25.26 2.02 -29.84
CA GLN C 609 -26.34 1.62 -30.74
C GLN C 609 -27.46 0.94 -29.99
N LEU C 610 -27.17 0.43 -28.79
CA LEU C 610 -28.22 -0.16 -27.95
C LEU C 610 -28.94 0.88 -27.10
N GLY C 611 -28.34 2.06 -26.98
CA GLY C 611 -28.94 3.12 -26.19
C GLY C 611 -28.08 3.54 -25.02
N VAL C 612 -26.85 3.05 -24.96
CA VAL C 612 -25.98 3.35 -23.82
C VAL C 612 -24.80 4.27 -24.13
N ASP C 613 -24.86 5.48 -23.58
CA ASP C 613 -23.81 6.46 -23.79
C ASP C 613 -22.75 6.33 -22.72
N PHE C 614 -21.63 5.71 -23.06
CA PHE C 614 -20.49 5.77 -22.18
C PHE C 614 -19.47 6.77 -22.69
N ASN C 615 -18.92 7.57 -21.78
CA ASN C 615 -17.70 8.32 -22.04
C ASN C 615 -16.49 7.52 -21.58
N VAL C 616 -15.76 7.03 -22.55
CA VAL C 616 -14.71 6.08 -22.25
C VAL C 616 -13.38 6.80 -22.29
N SER C 617 -13.43 8.13 -22.31
CA SER C 617 -12.24 8.94 -22.55
C SER C 617 -11.35 9.12 -21.31
N GLY C 618 -11.50 8.26 -20.32
CA GLY C 618 -10.55 8.21 -19.23
C GLY C 618 -9.25 7.61 -19.74
N LYS C 619 -8.34 7.26 -18.84
CA LYS C 619 -7.17 6.50 -19.24
C LYS C 619 -7.09 5.25 -18.39
N PRO C 620 -7.02 4.08 -19.05
CA PRO C 620 -6.89 2.80 -18.35
C PRO C 620 -5.77 2.81 -17.33
N ILE C 621 -6.06 2.20 -16.18
CA ILE C 621 -5.19 2.16 -15.02
C ILE C 621 -4.73 0.72 -14.75
N LEU C 622 -3.42 0.51 -14.70
CA LEU C 622 -2.88 -0.83 -14.50
C LEU C 622 -2.57 -1.10 -13.04
N ILE C 623 -2.95 -2.29 -12.57
CA ILE C 623 -2.74 -2.68 -11.19
C ILE C 623 -2.06 -4.05 -11.14
N ASN C 624 -0.77 -4.05 -10.82
CA ASN C 624 -0.05 -5.31 -10.69
C ASN C 624 -0.18 -5.83 -9.28
N GLN C 625 0.27 -7.06 -9.09
CA GLN C 625 0.35 -7.66 -7.76
C GLN C 625 -0.99 -7.77 -7.03
N PHE C 626 -2.12 -7.50 -7.68
CA PHE C 626 -3.40 -7.60 -6.98
C PHE C 626 -3.72 -9.04 -6.56
N GLY C 627 -4.20 -9.18 -5.33
CA GLY C 627 -4.49 -10.49 -4.79
C GLY C 627 -4.98 -10.43 -3.37
N PRO C 628 -5.49 -11.55 -2.84
CA PRO C 628 -6.04 -11.63 -1.48
C PRO C 628 -4.94 -11.44 -0.44
N PRO C 629 -5.29 -10.94 0.76
CA PRO C 629 -4.38 -10.87 1.90
C PRO C 629 -3.55 -12.13 1.99
N ILE C 630 -2.32 -11.93 2.44
CA ILE C 630 -1.33 -13.01 2.47
C ILE C 630 -0.47 -12.81 3.71
N LYS C 631 -0.06 -13.94 4.29
CA LYS C 631 0.70 -14.00 5.54
C LYS C 631 2.11 -13.42 5.45
N THR C 661 -0.58 -13.88 10.82
CA THR C 661 -0.90 -12.51 10.42
C THR C 661 -0.84 -12.29 8.90
N PHE C 662 -1.83 -11.59 8.37
CA PHE C 662 -1.87 -11.19 6.97
C PHE C 662 -1.85 -9.69 6.91
N GLU C 663 -1.25 -9.14 5.85
CA GLU C 663 -1.36 -7.72 5.57
C GLU C 663 -1.77 -7.53 4.10
N THR C 664 -2.58 -6.50 3.86
CA THR C 664 -3.11 -6.13 2.54
C THR C 664 -1.99 -6.15 1.51
N SER C 665 -2.30 -6.59 0.31
CA SER C 665 -1.34 -6.57 -0.77
C SER C 665 -1.51 -5.27 -1.52
N PRO C 666 -0.51 -4.93 -2.34
CA PRO C 666 -0.77 -4.04 -3.49
C PRO C 666 -1.31 -4.95 -4.55
N GLY C 667 -1.94 -4.45 -5.61
CA GLY C 667 -2.40 -3.09 -5.65
C GLY C 667 -3.83 -3.13 -5.15
N GLU C 668 -4.06 -3.88 -4.08
CA GLU C 668 -5.29 -3.71 -3.34
C GLU C 668 -5.12 -2.37 -2.66
N ILE C 669 -3.92 -2.16 -2.12
CA ILE C 669 -3.55 -0.86 -1.58
C ILE C 669 -3.78 0.22 -2.63
N SER C 670 -3.34 -0.04 -3.86
CA SER C 670 -3.55 0.91 -4.95
C SER C 670 -5.04 1.08 -5.24
N LEU C 671 -5.73 -0.04 -5.36
CA LEU C 671 -7.11 -0.01 -5.81
C LEU C 671 -7.96 0.75 -4.79
N LEU C 672 -7.67 0.54 -3.51
CA LEU C 672 -8.47 1.13 -2.43
C LEU C 672 -8.41 2.64 -2.55
N ASN C 673 -7.18 3.15 -2.65
CA ASN C 673 -6.95 4.57 -2.88
C ASN C 673 -7.81 5.07 -4.02
N LEU C 674 -7.72 4.36 -5.14
CA LEU C 674 -8.47 4.68 -6.35
C LEU C 674 -9.99 4.73 -6.12
N LEU C 675 -10.50 3.82 -5.31
CA LEU C 675 -11.94 3.67 -5.11
C LEU C 675 -12.53 4.75 -4.19
N GLU C 676 -11.72 5.25 -3.26
CA GLU C 676 -12.23 6.27 -2.34
C GLU C 676 -12.08 7.69 -2.90
N ASN C 677 -11.44 7.78 -4.05
CA ASN C 677 -11.28 9.04 -4.75
C ASN C 677 -11.88 8.91 -6.13
N ILE C 678 -12.90 8.08 -6.24
CA ILE C 678 -13.53 7.87 -7.52
C ILE C 678 -14.49 9.03 -7.79
N PRO C 679 -14.43 9.57 -9.02
CA PRO C 679 -15.38 10.55 -9.54
C PRO C 679 -16.84 10.07 -9.44
N SER C 680 -17.75 11.03 -9.48
CA SER C 680 -19.17 10.73 -9.56
C SER C 680 -19.47 10.20 -10.95
N ASN C 681 -20.57 9.45 -11.08
CA ASN C 681 -21.02 8.97 -12.37
C ASN C 681 -19.99 8.09 -13.07
N THR C 682 -19.29 7.28 -12.28
CA THR C 682 -18.27 6.43 -12.85
C THR C 682 -18.59 4.94 -12.73
N TYR C 683 -18.55 4.27 -13.86
CA TYR C 683 -18.68 2.82 -13.88
C TYR C 683 -17.30 2.19 -14.09
N ILE C 684 -16.91 1.28 -13.20
CA ILE C 684 -15.62 0.62 -13.30
C ILE C 684 -15.69 -0.66 -14.15
N LEU C 685 -14.82 -0.73 -15.15
CA LEU C 685 -14.69 -1.94 -15.93
C LEU C 685 -13.40 -2.62 -15.59
N TYR C 686 -13.47 -3.68 -14.79
CA TYR C 686 -12.28 -4.45 -14.46
C TYR C 686 -11.89 -5.34 -15.63
N VAL C 687 -10.70 -5.15 -16.16
CA VAL C 687 -10.21 -6.03 -17.22
C VAL C 687 -9.18 -7.01 -16.66
N LEU C 688 -9.57 -8.26 -16.47
CA LEU C 688 -8.72 -9.29 -15.88
C LEU C 688 -7.76 -9.88 -16.91
N ARG C 689 -6.50 -10.02 -16.52
CA ARG C 689 -5.49 -10.47 -17.46
C ARG C 689 -5.65 -11.96 -17.69
N ARG C 690 -5.67 -12.71 -16.59
CA ARG C 690 -6.04 -14.12 -16.64
C ARG C 690 -7.47 -14.27 -16.11
N GLY C 691 -8.29 -14.97 -16.86
CA GLY C 691 -9.60 -15.34 -16.35
C GLY C 691 -9.44 -16.47 -15.35
N ASN C 692 -10.54 -16.80 -14.69
CA ASN C 692 -10.59 -17.94 -13.77
C ASN C 692 -9.88 -17.79 -12.43
N ASP C 693 -9.65 -16.55 -12.03
CA ASP C 693 -8.99 -16.30 -10.77
C ASP C 693 -10.03 -16.13 -9.69
N SER C 694 -10.58 -17.26 -9.22
CA SER C 694 -11.58 -17.25 -8.18
C SER C 694 -11.20 -16.31 -7.03
N ALA C 695 -9.98 -16.45 -6.54
CA ALA C 695 -9.53 -15.65 -5.40
C ALA C 695 -9.51 -14.16 -5.69
N VAL C 696 -9.16 -13.81 -6.93
CA VAL C 696 -9.10 -12.42 -7.35
C VAL C 696 -10.50 -11.84 -7.58
N TYR C 697 -11.34 -12.59 -8.29
CA TYR C 697 -12.69 -12.12 -8.59
C TYR C 697 -13.45 -11.89 -7.28
N ASP C 698 -13.37 -12.86 -6.38
CA ASP C 698 -14.00 -12.73 -5.07
C ASP C 698 -13.60 -11.46 -4.33
N ARG C 699 -12.33 -11.09 -4.45
CA ARG C 699 -11.82 -9.90 -3.76
C ARG C 699 -12.28 -8.60 -4.43
N LEU C 700 -12.06 -8.49 -5.74
CA LEU C 700 -12.57 -7.36 -6.50
C LEU C 700 -14.05 -7.06 -6.20
N LYS C 701 -14.85 -8.13 -6.14
CA LYS C 701 -16.26 -7.99 -5.80
C LYS C 701 -16.46 -7.62 -4.34
N TYR C 702 -15.78 -8.32 -3.44
CA TYR C 702 -15.80 -8.00 -2.01
C TYR C 702 -15.47 -6.54 -1.70
N ILE C 703 -14.40 -6.03 -2.33
CA ILE C 703 -13.97 -4.66 -2.09
C ILE C 703 -14.89 -3.65 -2.79
N THR C 704 -15.21 -3.89 -4.06
CA THR C 704 -15.93 -2.88 -4.83
C THR C 704 -17.43 -2.92 -4.57
N ASP C 705 -18.01 -4.11 -4.51
CA ASP C 705 -19.42 -4.21 -4.21
C ASP C 705 -19.64 -3.93 -2.72
N LEU C 706 -19.09 -4.81 -1.87
CA LEU C 706 -19.46 -4.85 -0.46
C LEU C 706 -18.95 -3.66 0.32
N LYS C 707 -17.64 -3.47 0.27
CA LYS C 707 -17.01 -2.37 0.97
C LYS C 707 -17.42 -1.03 0.36
N PHE C 708 -17.17 -0.86 -0.93
CA PHE C 708 -17.37 0.44 -1.55
C PHE C 708 -18.72 0.74 -2.16
N GLY C 709 -19.44 -0.29 -2.57
CA GLY C 709 -20.74 -0.06 -3.19
C GLY C 709 -20.60 0.74 -4.48
N ALA C 710 -19.57 0.39 -5.26
CA ALA C 710 -19.32 1.02 -6.55
C ALA C 710 -19.76 0.13 -7.69
N LEU C 711 -20.41 0.72 -8.69
CA LEU C 711 -20.87 -0.06 -9.83
C LEU C 711 -19.71 -0.61 -10.64
N ASN C 712 -19.67 -1.93 -10.84
CA ASN C 712 -18.56 -2.53 -11.56
C ASN C 712 -18.86 -3.85 -12.26
N SER C 713 -18.27 -4.02 -13.43
CA SER C 713 -18.39 -5.26 -14.16
C SER C 713 -16.99 -5.79 -14.46
N CYS C 714 -16.81 -7.10 -14.35
CA CYS C 714 -15.57 -7.72 -14.79
C CYS C 714 -15.67 -8.26 -16.20
N VAL C 715 -14.53 -8.32 -16.86
CA VAL C 715 -14.44 -8.71 -18.24
C VAL C 715 -13.04 -9.36 -18.38
N VAL C 716 -12.93 -10.43 -19.16
CA VAL C 716 -11.66 -11.17 -19.24
C VAL C 716 -10.87 -10.81 -20.50
N TRP C 717 -9.66 -10.30 -20.30
CA TRP C 717 -8.96 -9.59 -21.38
C TRP C 717 -8.95 -10.36 -22.69
N ASP C 718 -8.65 -11.66 -22.64
CA ASP C 718 -8.51 -12.44 -23.86
C ASP C 718 -9.83 -12.56 -24.65
N ASN C 719 -10.93 -12.24 -23.99
CA ASN C 719 -12.22 -12.14 -24.67
C ASN C 719 -12.47 -10.73 -25.16
N PHE C 720 -12.31 -9.79 -24.25
CA PHE C 720 -12.70 -8.42 -24.49
C PHE C 720 -11.93 -7.89 -25.69
N LYS C 721 -10.68 -8.32 -25.84
CA LYS C 721 -9.79 -7.77 -26.84
C LYS C 721 -10.13 -8.21 -28.26
N LYS C 722 -10.91 -9.27 -28.38
CA LYS C 722 -11.36 -9.69 -29.70
C LYS C 722 -12.36 -8.69 -30.27
N ASN C 723 -12.87 -7.80 -29.43
CA ASN C 723 -13.79 -6.77 -29.89
C ASN C 723 -15.02 -7.25 -30.67
N SER C 724 -15.66 -8.33 -30.22
CA SER C 724 -16.91 -8.79 -30.84
C SER C 724 -18.08 -7.91 -30.41
N ILE C 725 -18.84 -7.37 -31.36
CA ILE C 725 -20.00 -6.56 -30.99
C ILE C 725 -21.01 -7.39 -30.20
N GLN C 726 -20.96 -8.71 -30.39
CA GLN C 726 -21.88 -9.55 -29.65
C GLN C 726 -21.44 -9.69 -28.20
N TYR C 727 -20.13 -9.77 -27.99
CA TYR C 727 -19.59 -9.83 -26.65
C TYR C 727 -19.90 -8.51 -25.95
N ASN C 728 -19.57 -7.42 -26.61
CA ASN C 728 -19.83 -6.12 -26.05
C ASN C 728 -21.32 -5.96 -25.75
N SER C 729 -22.19 -6.47 -26.62
CA SER C 729 -23.61 -6.29 -26.42
C SER C 729 -24.16 -7.08 -25.24
N ASN C 730 -23.58 -8.25 -24.97
CA ASN C 730 -23.95 -9.05 -23.79
C ASN C 730 -23.39 -8.51 -22.47
N VAL C 731 -22.41 -7.63 -22.58
CA VAL C 731 -21.79 -7.03 -21.41
C VAL C 731 -22.60 -5.86 -20.89
N VAL C 732 -23.01 -4.94 -21.76
CA VAL C 732 -23.77 -3.76 -21.34
C VAL C 732 -25.07 -4.15 -20.75
N MET C 733 -25.61 -5.28 -21.24
CA MET C 733 -26.87 -5.80 -20.76
C MET C 733 -26.83 -5.87 -19.24
N LYS C 734 -25.70 -6.33 -18.72
CA LYS C 734 -25.49 -6.39 -17.27
C LYS C 734 -25.33 -4.98 -16.69
N MET C 735 -24.45 -4.20 -17.31
CA MET C 735 -24.15 -2.85 -16.88
C MET C 735 -25.43 -2.02 -16.77
N ASN C 736 -26.28 -2.14 -17.79
CA ASN C 736 -27.51 -1.36 -17.84
C ASN C 736 -28.38 -1.67 -16.66
N LEU C 737 -28.57 -2.97 -16.38
CA LEU C 737 -29.35 -3.39 -15.22
C LEU C 737 -28.80 -2.75 -13.95
N LYS C 738 -27.48 -2.75 -13.84
CA LYS C 738 -26.80 -2.20 -12.69
C LYS C 738 -27.02 -0.68 -12.59
N LEU C 739 -27.15 -0.03 -13.75
CA LEU C 739 -27.43 1.41 -13.81
C LEU C 739 -28.93 1.68 -13.78
N LEU C 740 -29.68 0.71 -13.24
CA LEU C 740 -31.14 0.74 -13.05
C LEU C 740 -31.98 0.75 -14.32
N GLY C 741 -31.38 0.37 -15.43
CA GLY C 741 -32.09 0.38 -16.70
C GLY C 741 -32.97 -0.84 -16.82
N SER C 742 -33.46 -1.09 -18.04
CA SER C 742 -34.29 -2.24 -18.35
C SER C 742 -33.93 -2.56 -19.77
N ASN C 743 -33.66 -3.82 -20.07
CA ASN C 743 -33.25 -4.18 -21.42
C ASN C 743 -34.41 -4.61 -22.29
N HIS C 744 -34.92 -5.80 -22.07
CA HIS C 744 -36.20 -6.18 -22.68
C HIS C 744 -37.18 -6.55 -21.57
N SER C 745 -38.47 -6.46 -21.85
CA SER C 745 -39.49 -6.90 -20.89
C SER C 745 -40.51 -7.74 -21.62
N LEU C 746 -41.63 -8.05 -20.98
CA LEU C 746 -42.67 -8.76 -21.69
C LEU C 746 -43.57 -7.76 -22.37
N SER C 747 -44.53 -8.20 -23.17
CA SER C 747 -45.38 -7.25 -23.85
C SER C 747 -46.34 -6.64 -22.84
N ILE C 748 -47.03 -5.57 -23.21
CA ILE C 748 -48.03 -5.00 -22.31
C ILE C 748 -49.14 -5.98 -21.86
N GLU C 749 -49.53 -6.90 -22.74
CA GLU C 749 -50.61 -7.84 -22.44
C GLU C 749 -50.11 -8.95 -21.56
N ASN C 750 -48.89 -9.38 -21.83
CA ASN C 750 -48.30 -10.43 -21.03
C ASN C 750 -48.14 -10.05 -19.56
N ASN C 751 -47.86 -8.78 -19.31
CA ASN C 751 -47.58 -8.30 -17.96
C ASN C 751 -48.88 -8.15 -17.23
N LYS C 752 -49.97 -8.08 -17.99
CA LYS C 752 -51.28 -7.87 -17.39
C LYS C 752 -51.64 -9.00 -16.45
N LEU C 753 -51.10 -10.19 -16.70
CA LEU C 753 -51.49 -11.30 -15.84
C LEU C 753 -50.62 -11.51 -14.61
N LEU C 754 -49.66 -10.62 -14.38
CA LEU C 754 -48.99 -10.55 -13.09
C LEU C 754 -49.37 -9.27 -12.37
N ILE C 755 -50.53 -8.73 -12.76
CA ILE C 755 -51.06 -7.55 -12.11
C ILE C 755 -52.37 -7.96 -11.44
N ASP C 756 -52.51 -7.61 -10.17
CA ASP C 756 -53.77 -7.81 -9.47
C ASP C 756 -54.80 -6.85 -10.02
N LYS C 757 -55.86 -7.39 -10.61
CA LYS C 757 -56.88 -6.53 -11.23
C LYS C 757 -57.58 -5.65 -10.18
N GLU C 758 -57.77 -6.23 -8.99
CA GLU C 758 -58.55 -5.62 -7.94
C GLU C 758 -57.93 -4.33 -7.43
N SER C 759 -56.64 -4.16 -7.64
CA SER C 759 -56.01 -2.94 -7.17
C SER C 759 -55.15 -2.28 -8.23
N ASN C 760 -55.12 -2.89 -9.42
CA ASN C 760 -54.22 -2.46 -10.51
C ASN C 760 -52.85 -2.23 -9.92
N LEU C 761 -52.38 -3.25 -9.23
CA LEU C 761 -51.14 -3.18 -8.51
C LEU C 761 -50.47 -4.50 -8.81
N PRO C 762 -49.27 -4.44 -9.39
CA PRO C 762 -48.57 -5.65 -9.79
C PRO C 762 -48.35 -6.57 -8.60
N ILE C 763 -48.01 -7.82 -8.91
CA ILE C 763 -47.76 -8.80 -7.90
C ILE C 763 -46.33 -8.63 -7.44
N LEU C 764 -46.09 -8.91 -6.17
CA LEU C 764 -44.73 -8.98 -5.68
C LEU C 764 -44.24 -10.39 -5.95
N VAL C 765 -43.35 -10.51 -6.92
CA VAL C 765 -42.73 -11.79 -7.21
C VAL C 765 -41.43 -11.92 -6.42
N LEU C 766 -41.31 -12.97 -5.60
CA LEU C 766 -40.07 -13.23 -4.87
C LEU C 766 -39.35 -14.46 -5.40
N GLY C 767 -38.03 -14.47 -5.29
CA GLY C 767 -37.26 -15.69 -5.49
C GLY C 767 -36.32 -15.93 -4.31
N SER C 768 -36.24 -17.16 -3.82
CA SER C 768 -35.22 -17.46 -2.81
C SER C 768 -34.45 -18.72 -3.12
N ASP C 769 -33.14 -18.70 -2.84
CA ASP C 769 -32.30 -19.89 -3.00
C ASP C 769 -31.49 -20.10 -1.72
N VAL C 770 -30.95 -21.31 -1.53
CA VAL C 770 -29.98 -21.55 -0.47
C VAL C 770 -28.80 -22.32 -1.02
N THR C 771 -27.60 -21.79 -0.81
CA THR C 771 -26.37 -22.49 -1.18
C THR C 771 -25.81 -22.98 0.12
N HIS C 772 -25.08 -24.09 0.08
CA HIS C 772 -24.55 -24.67 1.31
C HIS C 772 -23.04 -24.68 1.32
N TYR C 773 -22.48 -24.60 2.53
CA TYR C 773 -21.04 -24.75 2.71
C TYR C 773 -20.22 -23.84 1.82
N PRO C 774 -20.17 -22.53 2.15
CA PRO C 774 -19.36 -21.58 1.40
C PRO C 774 -17.89 -21.92 1.56
N GLU C 775 -17.52 -22.30 2.77
CA GLU C 775 -16.21 -22.88 3.06
C GLU C 775 -16.41 -24.06 4.01
N LYS C 776 -15.43 -24.96 4.05
CA LYS C 776 -15.39 -26.13 4.95
C LYS C 776 -16.69 -26.64 5.56
N ASP C 777 -17.01 -26.20 6.77
CA ASP C 777 -18.22 -26.69 7.46
C ASP C 777 -19.05 -25.52 7.93
N GLN C 778 -19.27 -24.57 7.04
CA GLN C 778 -19.89 -23.33 7.43
C GLN C 778 -21.38 -23.21 7.16
N ASN C 779 -21.99 -22.27 7.87
CA ASN C 779 -23.42 -22.01 7.75
C ASN C 779 -23.82 -21.73 6.32
N SER C 780 -25.02 -22.17 5.95
CA SER C 780 -25.49 -21.97 4.61
C SER C 780 -25.91 -20.53 4.42
N ILE C 781 -25.98 -20.08 3.17
CA ILE C 781 -26.41 -18.73 2.85
C ILE C 781 -27.74 -18.75 2.11
N ALA C 782 -28.71 -17.99 2.61
CA ALA C 782 -29.99 -17.88 1.93
C ALA C 782 -30.06 -16.51 1.27
N SER C 783 -30.91 -16.35 0.26
CA SER C 783 -31.14 -15.06 -0.35
C SER C 783 -32.59 -14.92 -0.73
N LEU C 784 -33.08 -13.69 -0.74
CA LEU C 784 -34.43 -13.40 -1.22
C LEU C 784 -34.39 -12.18 -2.15
N VAL C 785 -34.90 -12.34 -3.37
CA VAL C 785 -35.03 -11.20 -4.27
C VAL C 785 -36.50 -10.90 -4.54
N GLY C 786 -36.79 -9.73 -5.10
CA GLY C 786 -38.17 -9.37 -5.37
C GLY C 786 -38.35 -8.26 -6.38
N SER C 787 -39.42 -8.34 -7.16
CA SER C 787 -39.79 -7.34 -8.17
C SER C 787 -40.26 -6.05 -7.49
N TYR C 788 -40.42 -4.97 -8.24
CA TYR C 788 -41.04 -3.79 -7.66
C TYR C 788 -41.92 -2.98 -8.60
N ASP C 789 -42.09 -3.47 -9.81
CA ASP C 789 -42.94 -2.75 -10.75
C ASP C 789 -43.81 -3.77 -11.48
N ASP C 790 -44.41 -3.34 -12.58
CA ASP C 790 -45.27 -4.20 -13.38
C ASP C 790 -44.56 -4.64 -14.66
N LYS C 791 -43.29 -4.25 -14.77
CA LYS C 791 -42.49 -4.65 -15.92
C LYS C 791 -41.64 -5.90 -15.61
N PHE C 792 -41.37 -6.10 -14.32
CA PHE C 792 -40.64 -7.25 -13.78
C PHE C 792 -39.26 -7.36 -14.34
N THR C 793 -38.64 -6.19 -14.50
CA THR C 793 -37.39 -6.09 -15.20
C THR C 793 -36.19 -5.98 -14.24
N GLN C 794 -36.48 -5.61 -13.00
CA GLN C 794 -35.44 -5.37 -11.99
C GLN C 794 -35.82 -6.08 -10.65
N PHE C 795 -34.88 -6.85 -10.09
CA PHE C 795 -35.10 -7.63 -8.86
C PHE C 795 -33.98 -7.49 -7.84
N PRO C 796 -33.96 -6.39 -7.09
CA PRO C 796 -32.93 -6.35 -6.06
C PRO C 796 -33.24 -7.35 -4.97
N GLY C 797 -32.36 -7.48 -3.99
CA GLY C 797 -32.60 -8.43 -2.92
C GLY C 797 -31.58 -8.38 -1.81
N ASP C 798 -31.76 -9.26 -0.83
CA ASP C 798 -30.93 -9.31 0.36
C ASP C 798 -30.47 -10.75 0.59
N TYR C 799 -29.38 -10.91 1.31
CA TYR C 799 -28.89 -12.25 1.56
C TYR C 799 -28.61 -12.34 3.04
N MET C 800 -28.42 -13.56 3.51
CA MET C 800 -28.47 -13.81 4.93
C MET C 800 -27.79 -15.13 5.26
N LEU C 801 -26.95 -15.11 6.28
CA LEU C 801 -26.34 -16.33 6.77
C LEU C 801 -27.35 -17.13 7.58
N GLN C 802 -27.51 -18.40 7.23
CA GLN C 802 -28.33 -19.32 8.03
C GLN C 802 -27.64 -19.56 9.37
N ASP C 803 -28.34 -20.14 10.33
CA ASP C 803 -27.69 -20.41 11.62
C ASP C 803 -27.31 -21.87 11.79
N GLY C 804 -26.88 -22.49 10.70
CA GLY C 804 -26.33 -23.84 10.73
C GLY C 804 -25.80 -24.25 9.37
N PRO C 805 -24.94 -25.28 9.35
CA PRO C 805 -24.38 -25.88 8.12
C PRO C 805 -25.38 -26.78 7.40
N GLY C 806 -25.52 -26.63 6.08
CA GLY C 806 -26.48 -27.44 5.36
C GLY C 806 -27.90 -27.29 5.88
N GLU C 807 -28.29 -26.08 6.28
CA GLU C 807 -29.66 -25.79 6.68
C GLU C 807 -30.41 -25.28 5.45
N GLU C 808 -31.32 -26.09 4.91
CA GLU C 808 -32.04 -25.70 3.69
C GLU C 808 -33.31 -24.87 3.93
N ILE C 809 -33.96 -25.03 5.08
CA ILE C 809 -35.14 -24.22 5.38
C ILE C 809 -34.74 -22.86 5.94
N ILE C 810 -35.04 -21.81 5.17
CA ILE C 810 -34.79 -20.43 5.59
C ILE C 810 -35.77 -20.06 6.71
N THR C 811 -35.37 -20.32 7.95
CA THR C 811 -36.29 -20.26 9.08
C THR C 811 -36.78 -18.85 9.39
N ASN C 812 -35.96 -17.85 9.07
CA ASN C 812 -36.34 -16.47 9.33
C ASN C 812 -36.43 -15.68 8.04
N VAL C 813 -36.98 -16.30 7.01
CA VAL C 813 -37.06 -15.67 5.70
C VAL C 813 -37.91 -14.39 5.72
N GLY C 814 -38.81 -14.31 6.70
CA GLY C 814 -39.70 -13.17 6.81
C GLY C 814 -38.97 -11.87 7.09
N SER C 815 -37.87 -11.94 7.85
CA SER C 815 -37.08 -10.74 8.13
C SER C 815 -36.64 -10.02 6.85
N LEU C 816 -36.39 -10.79 5.78
CA LEU C 816 -35.94 -10.25 4.50
C LEU C 816 -37.08 -9.62 3.69
N MET C 817 -38.31 -9.87 4.13
CA MET C 817 -39.49 -9.34 3.46
C MET C 817 -39.62 -7.84 3.66
N LEU C 818 -38.83 -7.27 4.57
CA LEU C 818 -39.01 -5.86 4.91
C LEU C 818 -38.57 -4.93 3.78
N ASN C 819 -37.44 -5.23 3.17
CA ASN C 819 -37.01 -4.43 2.03
C ASN C 819 -37.82 -4.68 0.78
N ARG C 820 -38.24 -5.93 0.54
CA ARG C 820 -39.12 -6.22 -0.60
C ARG C 820 -40.29 -5.25 -0.66
N LEU C 821 -40.88 -5.00 0.52
CA LEU C 821 -42.03 -4.12 0.66
C LEU C 821 -41.63 -2.67 0.50
N LYS C 822 -40.57 -2.26 1.18
CA LYS C 822 -40.20 -0.84 1.17
C LYS C 822 -39.87 -0.35 -0.23
N ILE C 823 -39.11 -1.12 -0.98
CA ILE C 823 -38.86 -0.67 -2.33
C ILE C 823 -40.07 -0.86 -3.25
N TYR C 824 -40.93 -1.83 -2.93
CA TYR C 824 -42.16 -1.98 -3.71
C TYR C 824 -42.99 -0.73 -3.58
N GLN C 825 -43.20 -0.28 -2.35
CA GLN C 825 -44.08 0.86 -2.17
C GLN C 825 -43.43 2.13 -2.73
N LYS C 826 -42.10 2.16 -2.75
CA LYS C 826 -41.41 3.27 -3.39
C LYS C 826 -41.80 3.38 -4.86
N HIS C 827 -41.86 2.27 -5.56
CA HIS C 827 -42.23 2.33 -6.97
C HIS C 827 -43.71 2.08 -7.22
N ASN C 828 -44.53 2.18 -6.19
CA ASN C 828 -45.98 2.09 -6.40
C ASN C 828 -46.78 3.09 -5.59
N ASN C 829 -46.22 4.30 -5.49
CA ASN C 829 -46.85 5.41 -4.80
C ASN C 829 -47.26 5.08 -3.37
N GLY C 830 -46.45 4.27 -2.70
CA GLY C 830 -46.61 4.05 -1.28
C GLY C 830 -47.51 2.89 -0.92
N LYS C 831 -48.06 2.23 -1.94
CA LYS C 831 -48.94 1.10 -1.70
C LYS C 831 -48.18 -0.22 -1.56
N LEU C 832 -48.74 -1.14 -0.80
CA LEU C 832 -48.17 -2.47 -0.64
C LEU C 832 -48.80 -3.43 -1.63
N PRO C 833 -48.05 -4.44 -2.08
CA PRO C 833 -48.57 -5.45 -3.00
C PRO C 833 -49.78 -6.11 -2.39
N THR C 834 -50.69 -6.56 -3.23
CA THR C 834 -51.94 -7.12 -2.73
C THR C 834 -52.00 -8.62 -2.95
N LYS C 835 -51.07 -9.12 -3.78
CA LYS C 835 -50.78 -10.54 -3.93
C LYS C 835 -49.27 -10.77 -3.91
N ILE C 836 -48.84 -11.96 -3.49
CA ILE C 836 -47.42 -12.28 -3.41
C ILE C 836 -47.12 -13.66 -3.95
N MET C 837 -46.20 -13.75 -4.89
CA MET C 837 -45.71 -15.06 -5.32
C MET C 837 -44.31 -15.35 -4.82
N TYR C 838 -44.16 -16.48 -4.15
CA TYR C 838 -42.91 -16.86 -3.57
C TYR C 838 -42.37 -18.05 -4.36
N PHE C 839 -41.34 -17.83 -5.17
CA PHE C 839 -40.65 -18.92 -5.85
C PHE C 839 -39.51 -19.41 -4.99
N ARG C 840 -39.56 -20.68 -4.60
CA ARG C 840 -38.57 -21.24 -3.70
C ARG C 840 -37.73 -22.26 -4.44
N ASP C 841 -36.42 -22.07 -4.46
CA ASP C 841 -35.56 -22.91 -5.26
C ASP C 841 -34.62 -23.82 -4.47
N GLY C 842 -34.54 -25.08 -4.87
CA GLY C 842 -33.53 -25.98 -4.34
C GLY C 842 -33.95 -26.80 -3.14
N VAL C 843 -35.25 -26.98 -2.96
CA VAL C 843 -35.73 -27.87 -1.91
C VAL C 843 -36.00 -29.22 -2.52
N SER C 844 -35.76 -30.27 -1.74
CA SER C 844 -36.13 -31.63 -2.12
C SER C 844 -37.53 -31.91 -1.54
N VAL C 845 -38.09 -33.05 -1.90
CA VAL C 845 -39.50 -33.30 -1.59
C VAL C 845 -39.81 -33.40 -0.10
N ASP C 846 -38.91 -34.03 0.65
CA ASP C 846 -39.06 -34.16 2.10
C ASP C 846 -39.20 -32.80 2.79
N GLN C 847 -38.66 -31.77 2.14
CA GLN C 847 -38.68 -30.43 2.70
C GLN C 847 -39.92 -29.59 2.35
N PHE C 848 -40.78 -30.08 1.45
CA PHE C 848 -41.93 -29.30 1.00
C PHE C 848 -42.84 -28.96 2.16
N SER C 849 -43.01 -29.92 3.07
CA SER C 849 -43.88 -29.69 4.23
C SER C 849 -43.39 -28.51 5.05
N GLN C 850 -42.07 -28.43 5.24
CA GLN C 850 -41.51 -27.38 6.08
C GLN C 850 -41.51 -26.02 5.37
N VAL C 851 -41.26 -26.01 4.07
CA VAL C 851 -41.34 -24.78 3.30
C VAL C 851 -42.70 -24.10 3.54
N VAL C 852 -43.77 -24.87 3.44
CA VAL C 852 -45.09 -24.35 3.72
C VAL C 852 -45.30 -24.05 5.21
N LYS C 853 -44.96 -24.99 6.07
CA LYS C 853 -45.18 -24.85 7.52
C LYS C 853 -44.25 -23.86 8.22
N ILE C 854 -43.04 -23.67 7.70
CA ILE C 854 -42.07 -22.76 8.32
C ILE C 854 -41.85 -21.44 7.54
N GLU C 855 -41.45 -21.53 6.27
CA GLU C 855 -41.14 -20.34 5.46
C GLU C 855 -42.35 -19.53 5.00
N VAL C 856 -43.35 -20.18 4.40
CA VAL C 856 -44.56 -19.47 4.01
C VAL C 856 -45.21 -18.82 5.23
N LYS C 857 -45.42 -19.60 6.28
CA LYS C 857 -45.92 -19.05 7.53
C LYS C 857 -45.12 -17.82 7.97
N SER C 858 -43.79 -17.95 7.97
CA SER C 858 -42.90 -16.83 8.30
C SER C 858 -43.16 -15.59 7.43
N ILE C 859 -43.28 -15.79 6.13
CA ILE C 859 -43.57 -14.67 5.24
C ILE C 859 -44.90 -14.05 5.65
N LYS C 860 -45.97 -14.86 5.64
CA LYS C 860 -47.29 -14.43 6.04
C LYS C 860 -47.24 -13.66 7.36
N GLU C 861 -46.72 -14.29 8.40
CA GLU C 861 -46.68 -13.64 9.72
C GLU C 861 -45.89 -12.32 9.70
N SER C 862 -44.81 -12.26 8.93
CA SER C 862 -43.97 -11.07 8.86
C SER C 862 -44.62 -9.87 8.18
N VAL C 863 -45.22 -10.07 7.01
CA VAL C 863 -45.85 -8.96 6.32
C VAL C 863 -47.05 -8.47 7.13
N ARG C 864 -47.67 -9.37 7.88
CA ARG C 864 -48.74 -9.00 8.79
C ARG C 864 -48.22 -8.03 9.86
N LYS C 865 -46.96 -8.18 10.21
CA LYS C 865 -46.34 -7.36 11.23
C LYS C 865 -45.71 -6.10 10.59
N PHE C 866 -44.96 -6.26 9.51
CA PHE C 866 -44.36 -5.11 8.81
C PHE C 866 -45.40 -4.24 8.13
N GLY C 867 -46.52 -4.86 7.77
CA GLY C 867 -47.55 -4.17 7.01
C GLY C 867 -48.00 -2.86 7.63
N PRO C 868 -48.78 -2.96 8.71
CA PRO C 868 -49.23 -1.82 9.52
C PRO C 868 -48.16 -0.77 9.74
N GLN C 869 -46.95 -1.14 10.16
CA GLN C 869 -45.92 -0.11 10.35
C GLN C 869 -45.46 0.56 9.03
N LEU C 870 -46.10 0.21 7.92
CA LEU C 870 -45.72 0.76 6.63
C LEU C 870 -46.87 1.46 5.90
N ASN C 871 -48.11 1.05 6.18
CA ASN C 871 -49.24 1.62 5.44
C ASN C 871 -50.16 2.53 6.27
N GLY C 872 -49.62 3.03 7.38
CA GLY C 872 -50.35 3.98 8.20
C GLY C 872 -51.17 3.33 9.30
N GLY C 873 -50.79 2.11 9.67
CA GLY C 873 -51.44 1.41 10.76
C GLY C 873 -52.60 0.52 10.38
N ASN C 874 -52.66 0.09 9.13
CA ASN C 874 -53.76 -0.77 8.69
C ASN C 874 -53.41 -2.23 8.56
N LYS C 875 -54.43 -3.06 8.78
CA LYS C 875 -54.35 -4.51 8.67
C LYS C 875 -53.78 -4.91 7.32
N TYR C 876 -52.78 -5.79 7.32
CA TYR C 876 -52.18 -6.25 6.07
C TYR C 876 -52.04 -7.75 6.06
N ASP C 877 -52.87 -8.40 5.25
CA ASP C 877 -52.70 -9.83 5.09
C ASP C 877 -52.92 -10.30 3.65
N PRO C 878 -51.91 -10.08 2.77
CA PRO C 878 -52.11 -10.40 1.35
C PRO C 878 -52.02 -11.89 1.17
N PRO C 879 -52.74 -12.42 0.17
CA PRO C 879 -52.67 -13.86 -0.14
C PRO C 879 -51.36 -14.17 -0.84
N VAL C 880 -50.68 -15.21 -0.40
CA VAL C 880 -49.47 -15.64 -1.12
C VAL C 880 -49.65 -16.99 -1.78
N THR C 881 -49.20 -17.10 -3.03
CA THR C 881 -48.94 -18.42 -3.60
C THR C 881 -47.44 -18.71 -3.55
N CYS C 882 -47.10 -19.98 -3.38
CA CYS C 882 -45.72 -20.40 -3.25
C CYS C 882 -45.47 -21.55 -4.19
N ILE C 883 -44.46 -21.40 -5.04
CA ILE C 883 -44.11 -22.45 -5.99
C ILE C 883 -42.65 -22.82 -5.84
N ALA C 884 -42.40 -24.07 -5.50
CA ALA C 884 -41.05 -24.60 -5.44
C ALA C 884 -40.68 -25.10 -6.82
N THR C 885 -39.45 -24.81 -7.21
CA THR C 885 -38.94 -25.24 -8.49
C THR C 885 -37.79 -26.16 -8.19
N VAL C 886 -37.80 -27.34 -8.80
CA VAL C 886 -36.61 -28.17 -8.73
C VAL C 886 -36.06 -28.36 -10.14
N LYS C 887 -34.93 -27.69 -10.39
CA LYS C 887 -34.38 -27.58 -11.74
C LYS C 887 -33.34 -28.62 -12.04
N ARG C 888 -32.88 -29.31 -11.01
CA ARG C 888 -32.01 -30.46 -11.18
C ARG C 888 -32.81 -31.70 -10.88
N ASN C 889 -33.12 -32.46 -11.91
CA ASN C 889 -33.87 -33.68 -11.71
C ASN C 889 -33.46 -34.75 -12.69
N GLN C 890 -34.14 -35.88 -12.65
CA GLN C 890 -33.72 -37.02 -13.42
C GLN C 890 -34.68 -37.29 -14.56
N VAL C 891 -35.62 -36.37 -14.74
CA VAL C 891 -36.58 -36.50 -15.84
C VAL C 891 -36.08 -35.87 -17.14
N ARG C 892 -36.12 -36.63 -18.22
CA ARG C 892 -35.74 -36.12 -19.53
C ARG C 892 -36.87 -36.37 -20.54
N PHE C 893 -36.88 -35.60 -21.62
CA PHE C 893 -37.87 -35.80 -22.67
C PHE C 893 -37.23 -35.96 -24.03
N ILE C 894 -37.79 -36.86 -24.82
CA ILE C 894 -37.39 -36.93 -26.21
C ILE C 894 -38.64 -36.66 -27.05
N PRO C 895 -38.51 -35.87 -28.13
CA PRO C 895 -39.66 -35.66 -29.02
C PRO C 895 -39.96 -36.93 -29.80
N ILE C 896 -41.20 -37.07 -30.27
CA ILE C 896 -41.67 -38.25 -31.00
C ILE C 896 -41.93 -37.86 -32.45
N GLN C 897 -42.37 -36.62 -32.64
CA GLN C 897 -42.79 -36.08 -33.94
C GLN C 897 -41.95 -34.88 -34.33
N GLU C 898 -41.95 -34.50 -35.61
CA GLU C 898 -41.26 -33.27 -36.04
C GLU C 898 -42.24 -32.14 -36.08
N ASN C 899 -43.51 -32.50 -36.33
CA ASN C 899 -44.61 -31.55 -36.47
C ASN C 899 -45.90 -32.03 -35.78
N ALA C 900 -46.78 -31.09 -35.46
CA ALA C 900 -48.07 -31.40 -34.88
C ALA C 900 -49.04 -30.33 -35.26
N LYS C 901 -50.32 -30.68 -35.42
CA LYS C 901 -51.32 -29.65 -35.65
C LYS C 901 -51.57 -28.75 -34.45
N ASN C 902 -51.50 -27.45 -34.67
CA ASN C 902 -52.13 -26.52 -33.75
C ASN C 902 -53.62 -26.56 -33.94
N GLU C 903 -54.34 -25.62 -33.31
CA GLU C 903 -55.79 -25.70 -33.33
C GLU C 903 -56.46 -25.20 -34.60
N LYS C 904 -55.64 -24.87 -35.60
CA LYS C 904 -56.11 -24.41 -36.90
C LYS C 904 -55.86 -25.48 -37.97
N GLY C 905 -55.18 -26.55 -37.59
CA GLY C 905 -54.97 -27.65 -38.50
C GLY C 905 -53.67 -27.52 -39.29
N GLU C 906 -52.93 -26.46 -38.99
CA GLU C 906 -51.65 -26.20 -39.62
C GLU C 906 -50.59 -27.00 -38.92
N GLU C 907 -49.86 -27.82 -39.68
CA GLU C 907 -48.83 -28.65 -39.10
C GLU C 907 -47.71 -27.72 -38.65
N VAL C 908 -47.13 -27.99 -37.48
CA VAL C 908 -46.26 -27.02 -36.80
C VAL C 908 -45.17 -27.67 -35.95
N ALA C 909 -43.97 -27.09 -35.99
CA ALA C 909 -42.82 -27.69 -35.31
C ALA C 909 -43.05 -27.86 -33.82
N VAL C 910 -42.61 -28.99 -33.29
CA VAL C 910 -42.81 -29.32 -31.89
C VAL C 910 -41.54 -29.88 -31.30
N GLN C 911 -40.41 -29.47 -31.88
CA GLN C 911 -39.11 -29.86 -31.38
C GLN C 911 -38.08 -28.94 -32.02
N SER C 912 -37.04 -28.64 -31.25
CA SER C 912 -35.97 -27.78 -31.73
C SER C 912 -34.63 -28.28 -31.15
N MET C 913 -33.61 -28.27 -32.00
CA MET C 913 -32.32 -28.88 -31.70
C MET C 913 -32.47 -30.26 -31.11
N GLY C 914 -33.45 -31.01 -31.63
CA GLY C 914 -33.58 -32.41 -31.28
C GLY C 914 -34.09 -32.67 -29.88
N ASN C 915 -34.49 -31.60 -29.19
CA ASN C 915 -35.14 -31.68 -27.89
C ASN C 915 -36.58 -31.32 -28.02
N VAL C 916 -37.37 -31.49 -26.97
CA VAL C 916 -38.77 -31.12 -27.12
C VAL C 916 -38.84 -29.63 -27.19
N MET C 917 -39.79 -29.12 -27.96
CA MET C 917 -39.88 -27.67 -28.22
C MET C 917 -40.12 -26.91 -26.93
N PRO C 918 -39.35 -25.84 -26.71
CA PRO C 918 -39.68 -24.97 -25.58
C PRO C 918 -40.99 -24.28 -25.89
N GLY C 919 -41.89 -24.06 -24.94
CA GLY C 919 -41.87 -24.70 -23.65
C GLY C 919 -42.94 -25.76 -23.59
N THR C 920 -42.49 -27.00 -23.72
CA THR C 920 -43.37 -28.14 -23.60
C THR C 920 -43.77 -28.22 -22.12
N VAL C 921 -45.07 -28.16 -21.88
CA VAL C 921 -45.60 -28.42 -20.56
C VAL C 921 -46.04 -29.88 -20.48
N VAL C 922 -45.72 -30.55 -19.38
CA VAL C 922 -46.18 -31.92 -19.16
C VAL C 922 -46.72 -32.02 -17.75
N ASP C 923 -48.01 -32.30 -17.59
CA ASP C 923 -48.55 -32.37 -16.23
C ASP C 923 -49.33 -33.63 -16.00
N ARG C 924 -49.13 -34.61 -16.87
CA ARG C 924 -49.84 -35.85 -16.71
C ARG C 924 -48.89 -37.03 -16.86
N GLY C 925 -49.27 -38.17 -16.29
CA GLY C 925 -48.56 -39.39 -16.55
C GLY C 925 -47.31 -39.62 -15.71
N ILE C 926 -46.55 -38.56 -15.45
CA ILE C 926 -45.37 -38.70 -14.57
C ILE C 926 -45.36 -37.70 -13.44
N THR C 927 -46.44 -36.94 -13.32
CA THR C 927 -46.56 -36.04 -12.19
C THR C 927 -47.20 -36.77 -11.01
N SER C 928 -47.11 -36.16 -9.84
CA SER C 928 -47.52 -36.76 -8.58
C SER C 928 -48.99 -37.14 -8.46
N VAL C 929 -49.28 -37.92 -7.42
CA VAL C 929 -50.60 -38.43 -7.16
C VAL C 929 -51.55 -37.34 -6.70
N ALA C 930 -51.03 -36.35 -5.98
CA ALA C 930 -51.90 -35.40 -5.30
C ALA C 930 -51.39 -33.96 -5.22
N HIS C 931 -50.08 -33.79 -5.34
CA HIS C 931 -49.55 -32.43 -5.28
C HIS C 931 -49.89 -31.74 -6.58
N PHE C 932 -49.86 -30.41 -6.54
CA PHE C 932 -50.14 -29.59 -7.70
C PHE C 932 -48.83 -29.38 -8.43
N ASP C 933 -48.43 -30.33 -9.27
CA ASP C 933 -47.11 -30.23 -9.87
C ASP C 933 -47.16 -30.33 -11.39
N PHE C 934 -46.15 -29.76 -12.06
CA PHE C 934 -46.03 -29.90 -13.50
C PHE C 934 -44.61 -29.68 -13.93
N PHE C 935 -44.26 -30.21 -15.10
CA PHE C 935 -42.97 -29.95 -15.71
C PHE C 935 -43.17 -28.94 -16.83
N ILE C 936 -42.23 -28.01 -16.96
CA ILE C 936 -42.19 -27.13 -18.13
C ILE C 936 -40.76 -27.06 -18.60
N GLN C 937 -40.53 -27.25 -19.89
CA GLN C 937 -39.19 -27.12 -20.41
C GLN C 937 -39.09 -25.86 -21.23
N SER C 938 -38.56 -24.80 -20.62
CA SER C 938 -38.81 -23.46 -21.10
C SER C 938 -37.82 -22.99 -22.14
N HIS C 939 -36.66 -23.65 -22.20
CA HIS C 939 -35.50 -23.12 -22.92
C HIS C 939 -35.16 -23.94 -24.13
N GLN C 940 -34.50 -23.30 -25.10
CA GLN C 940 -33.82 -24.03 -26.16
C GLN C 940 -32.66 -24.76 -25.52
N ALA C 941 -32.52 -26.04 -25.81
CA ALA C 941 -31.47 -26.84 -25.22
C ALA C 941 -30.26 -26.82 -26.14
N LEU C 942 -29.47 -25.76 -26.04
CA LEU C 942 -28.44 -25.49 -27.05
C LEU C 942 -27.44 -26.63 -27.11
N LYS C 943 -27.27 -27.32 -25.99
CA LYS C 943 -26.37 -28.46 -25.97
C LYS C 943 -27.05 -29.62 -25.27
N GLY C 944 -26.84 -30.82 -25.79
CA GLY C 944 -27.27 -32.02 -25.09
C GLY C 944 -28.77 -32.22 -25.03
N THR C 945 -29.21 -32.85 -23.93
CA THR C 945 -30.63 -33.06 -23.69
C THR C 945 -31.03 -32.17 -22.53
N GLY C 946 -31.90 -31.21 -22.81
CA GLY C 946 -32.36 -30.26 -21.81
C GLY C 946 -33.07 -30.89 -20.62
N VAL C 947 -33.00 -30.16 -19.51
CA VAL C 947 -33.63 -30.58 -18.26
C VAL C 947 -34.78 -29.70 -17.89
N PRO C 948 -36.01 -30.25 -17.94
CA PRO C 948 -37.22 -29.53 -17.64
C PRO C 948 -37.25 -29.23 -16.14
N CYS C 949 -37.84 -28.10 -15.78
CA CYS C 949 -37.93 -27.75 -14.38
C CYS C 949 -39.18 -28.38 -13.83
N HIS C 950 -39.09 -28.91 -12.61
CA HIS C 950 -40.27 -29.48 -11.98
C HIS C 950 -40.84 -28.46 -11.01
N TYR C 951 -42.01 -27.95 -11.34
CA TYR C 951 -42.70 -27.00 -10.48
C TYR C 951 -43.71 -27.70 -9.58
N TRP C 952 -43.79 -27.28 -8.32
CA TRP C 952 -44.83 -27.74 -7.41
C TRP C 952 -45.44 -26.54 -6.76
N CYS C 953 -46.72 -26.30 -6.98
CA CYS C 953 -47.37 -25.30 -6.20
C CYS C 953 -47.63 -25.93 -4.84
N LEU C 954 -46.93 -25.42 -3.84
CA LEU C 954 -47.02 -25.97 -2.49
C LEU C 954 -48.09 -25.31 -1.64
N TYR C 955 -48.58 -24.15 -2.08
CA TYR C 955 -49.47 -23.36 -1.24
C TYR C 955 -50.06 -22.25 -2.06
N ASP C 956 -51.38 -22.07 -1.99
CA ASP C 956 -52.01 -21.12 -2.91
C ASP C 956 -53.30 -20.46 -2.41
N GLU C 957 -53.19 -19.20 -1.99
CA GLU C 957 -54.35 -18.47 -1.48
C GLU C 957 -55.08 -17.65 -2.54
N ASN C 958 -54.75 -17.84 -3.81
CA ASN C 958 -55.44 -17.05 -4.84
C ASN C 958 -55.99 -17.86 -5.98
N GLN C 959 -56.56 -19.03 -5.65
CA GLN C 959 -57.27 -19.86 -6.62
C GLN C 959 -56.66 -19.84 -8.00
N SER C 960 -55.45 -20.35 -8.13
CA SER C 960 -54.80 -20.33 -9.43
C SER C 960 -55.02 -21.67 -10.10
N THR C 961 -55.49 -21.60 -11.33
CA THR C 961 -55.62 -22.77 -12.18
C THR C 961 -54.25 -23.15 -12.70
N SER C 962 -54.10 -24.38 -13.16
CA SER C 962 -52.86 -24.81 -13.79
C SER C 962 -52.59 -23.94 -15.02
N ASP C 963 -53.62 -23.65 -15.81
CA ASP C 963 -53.40 -22.85 -16.99
C ASP C 963 -52.77 -21.51 -16.62
N TYR C 964 -53.23 -20.93 -15.52
CA TYR C 964 -52.68 -19.66 -15.11
C TYR C 964 -51.22 -19.84 -14.70
N LEU C 965 -50.95 -20.74 -13.76
CA LEU C 965 -49.61 -20.88 -13.22
C LEU C 965 -48.59 -21.27 -14.29
N GLN C 966 -48.98 -22.19 -15.16
CA GLN C 966 -48.07 -22.69 -16.17
C GLN C 966 -47.68 -21.58 -17.13
N GLU C 967 -48.60 -20.65 -17.37
CA GLU C 967 -48.31 -19.55 -18.27
C GLU C 967 -47.35 -18.54 -17.68
N ILE C 968 -47.55 -18.18 -16.40
CA ILE C 968 -46.66 -17.20 -15.79
C ILE C 968 -45.30 -17.78 -15.48
N CYS C 969 -45.26 -19.08 -15.22
CA CYS C 969 -43.96 -19.71 -15.04
C CYS C 969 -43.17 -19.64 -16.33
N ASN C 970 -43.73 -20.19 -17.41
CA ASN C 970 -43.08 -20.11 -18.70
C ASN C 970 -42.75 -18.66 -19.06
N ASN C 971 -43.73 -17.76 -18.93
CA ASN C 971 -43.48 -16.34 -19.23
C ASN C 971 -42.30 -15.73 -18.50
N LEU C 972 -42.24 -15.93 -17.20
CA LEU C 972 -41.13 -15.39 -16.41
C LEU C 972 -39.76 -15.91 -16.83
N CYS C 973 -39.73 -16.87 -17.74
CA CYS C 973 -38.46 -17.35 -18.23
C CYS C 973 -37.93 -16.50 -19.35
N TYR C 974 -38.70 -15.51 -19.82
CA TYR C 974 -38.24 -14.67 -20.94
C TYR C 974 -37.69 -13.33 -20.49
N ILE C 975 -37.76 -13.03 -19.20
CA ILE C 975 -37.26 -11.75 -18.73
C ILE C 975 -36.09 -11.92 -17.78
N PHE C 976 -35.17 -12.78 -18.21
CA PHE C 976 -33.86 -12.89 -17.59
C PHE C 976 -32.98 -11.93 -18.36
N GLY C 977 -32.62 -10.85 -17.67
CA GLY C 977 -32.16 -9.66 -18.35
C GLY C 977 -30.71 -9.63 -18.75
N ARG C 978 -30.00 -10.74 -18.54
CA ARG C 978 -28.59 -10.78 -18.95
C ARG C 978 -28.30 -11.73 -20.12
N SER C 979 -29.36 -12.30 -20.70
CA SER C 979 -29.22 -13.17 -21.86
C SER C 979 -30.39 -12.93 -22.79
N THR C 980 -30.15 -13.14 -24.09
CA THR C 980 -31.19 -13.01 -25.11
C THR C 980 -31.97 -14.30 -25.29
N THR C 981 -32.21 -15.01 -24.20
CA THR C 981 -32.91 -16.29 -24.29
C THR C 981 -33.93 -16.46 -23.20
N SER C 982 -34.77 -17.47 -23.40
CA SER C 982 -35.65 -17.95 -22.35
C SER C 982 -34.73 -18.85 -21.58
N VAL C 983 -34.80 -18.81 -20.25
CA VAL C 983 -33.94 -19.64 -19.43
C VAL C 983 -34.72 -20.83 -18.82
N LYS C 984 -34.03 -21.74 -18.14
CA LYS C 984 -34.67 -23.00 -17.75
C LYS C 984 -35.52 -22.94 -16.50
N VAL C 985 -35.61 -21.77 -15.89
CA VAL C 985 -36.40 -21.61 -14.68
C VAL C 985 -36.70 -20.11 -14.61
N PRO C 986 -37.87 -19.72 -14.04
CA PRO C 986 -38.26 -18.31 -13.96
C PRO C 986 -37.15 -17.39 -13.44
N ALA C 987 -36.90 -16.29 -14.14
CA ALA C 987 -35.90 -15.30 -13.74
C ALA C 987 -35.72 -15.08 -12.23
N PRO C 988 -36.82 -14.91 -11.46
CA PRO C 988 -36.69 -14.72 -10.01
C PRO C 988 -35.82 -15.76 -9.31
N VAL C 989 -35.93 -16.99 -9.78
CA VAL C 989 -35.15 -18.05 -9.19
C VAL C 989 -33.67 -17.97 -9.60
N TYR C 990 -33.40 -17.82 -10.89
CA TYR C 990 -32.04 -17.57 -11.35
C TYR C 990 -31.41 -16.38 -10.65
N TYR C 991 -32.17 -15.31 -10.47
CA TYR C 991 -31.63 -14.13 -9.83
C TYR C 991 -31.28 -14.48 -8.40
N ALA C 992 -32.14 -15.25 -7.76
CA ALA C 992 -31.90 -15.61 -6.37
C ALA C 992 -30.63 -16.47 -6.25
N ASP C 993 -30.36 -17.30 -7.25
CA ASP C 993 -29.20 -18.18 -7.24
C ASP C 993 -27.95 -17.34 -7.40
N LEU C 994 -28.00 -16.38 -8.32
CA LEU C 994 -26.86 -15.52 -8.57
C LEU C 994 -26.48 -14.74 -7.32
N LEU C 995 -27.49 -14.25 -6.59
CA LEU C 995 -27.27 -13.50 -5.35
C LEU C 995 -26.65 -14.36 -4.27
N CYS C 996 -27.11 -15.60 -4.16
CA CYS C 996 -26.49 -16.55 -3.26
C CYS C 996 -25.05 -16.81 -3.69
N THR C 997 -24.82 -16.90 -4.99
CA THR C 997 -23.46 -17.10 -5.48
C THR C 997 -22.56 -15.91 -5.14
N ARG C 998 -23.11 -14.70 -5.16
CA ARG C 998 -22.33 -13.51 -4.88
C ARG C 998 -22.09 -13.34 -3.39
N ALA C 999 -23.08 -13.70 -2.58
CA ALA C 999 -22.88 -13.66 -1.13
C ALA C 999 -21.75 -14.61 -0.77
N THR C 1000 -21.60 -15.67 -1.56
CA THR C 1000 -20.60 -16.69 -1.30
C THR C 1000 -19.19 -16.16 -1.62
N CYS C 1001 -19.08 -15.27 -2.60
CA CYS C 1001 -17.80 -14.62 -2.86
C CYS C 1001 -17.44 -13.73 -1.69
N PHE C 1002 -18.40 -12.92 -1.23
CA PHE C 1002 -18.20 -12.02 -0.10
C PHE C 1002 -17.72 -12.79 1.12
N PHE C 1003 -18.43 -13.88 1.43
CA PHE C 1003 -18.04 -14.79 2.50
C PHE C 1003 -16.63 -15.27 2.30
N LYS C 1004 -16.42 -16.02 1.21
CA LYS C 1004 -15.12 -16.58 0.89
C LYS C 1004 -13.98 -15.55 0.92
N ALA C 1005 -14.21 -14.39 0.33
CA ALA C 1005 -13.20 -13.33 0.26
C ALA C 1005 -12.62 -13.01 1.64
N GLY C 1006 -13.45 -12.48 2.53
CA GLY C 1006 -12.99 -12.11 3.86
C GLY C 1006 -13.29 -13.21 4.85
N PHE C 1007 -12.45 -14.23 4.87
CA PHE C 1007 -12.73 -15.40 5.66
C PHE C 1007 -11.51 -15.92 6.37
N GLU C 1008 -10.43 -16.07 5.61
CA GLU C 1008 -9.14 -16.44 6.17
C GLU C 1008 -8.79 -15.44 7.27
N LEU C 1009 -9.16 -14.19 7.02
CA LEU C 1009 -8.96 -13.13 8.00
C LEU C 1009 -9.88 -13.33 9.20
N ASN C 1010 -11.13 -13.69 8.95
CA ASN C 1010 -12.09 -13.83 10.02
C ASN C 1010 -11.92 -15.08 10.86
N MET C 1011 -11.06 -15.99 10.40
CA MET C 1011 -10.66 -17.17 11.18
C MET C 1011 -9.50 -16.82 12.12
N ALA C 1012 -8.68 -15.86 11.67
CA ALA C 1012 -7.57 -15.37 12.46
C ALA C 1012 -8.03 -14.29 13.45
N GLN C 1013 -8.71 -13.28 12.91
CA GLN C 1013 -9.11 -12.09 13.68
C GLN C 1013 -10.17 -12.38 14.77
N ALA C 1014 -10.60 -13.63 14.85
CA ALA C 1014 -11.56 -14.06 15.86
C ALA C 1014 -11.11 -13.77 17.30
N THR C 1025 -16.75 -19.62 17.99
CA THR C 1025 -17.76 -19.25 16.99
C THR C 1025 -17.82 -17.73 16.76
N VAL C 1026 -18.16 -17.33 15.54
CA VAL C 1026 -18.11 -15.94 15.12
C VAL C 1026 -19.49 -15.37 14.78
N SER C 1027 -19.68 -14.07 15.06
CA SER C 1027 -20.94 -13.38 14.78
C SER C 1027 -21.36 -13.49 13.31
N LYS C 1028 -22.65 -13.33 13.05
CA LYS C 1028 -23.16 -13.41 11.68
C LYS C 1028 -22.61 -12.31 10.76
N ASN C 1029 -22.83 -11.03 11.09
CA ASN C 1029 -22.33 -9.89 10.27
C ASN C 1029 -20.84 -9.63 10.25
N VAL C 1030 -20.02 -10.59 10.59
CA VAL C 1030 -18.61 -10.34 10.46
C VAL C 1030 -18.06 -11.37 9.50
N LEU C 1031 -18.79 -12.48 9.41
CA LEU C 1031 -18.54 -13.53 8.44
C LEU C 1031 -19.13 -13.12 7.10
N LEU C 1032 -20.38 -12.67 7.15
CA LEU C 1032 -21.10 -12.23 5.97
C LEU C 1032 -21.75 -10.86 6.25
N PRO C 1033 -20.95 -9.80 6.10
CA PRO C 1033 -21.40 -8.43 6.33
C PRO C 1033 -22.50 -8.06 5.35
N GLN C 1034 -23.28 -7.05 5.67
CA GLN C 1034 -24.24 -6.50 4.73
C GLN C 1034 -23.50 -5.75 3.65
N VAL C 1035 -24.13 -5.57 2.51
CA VAL C 1035 -23.48 -4.82 1.44
C VAL C 1035 -23.71 -3.33 1.70
N ASN C 1036 -22.81 -2.50 1.15
CA ASN C 1036 -22.95 -1.05 1.20
C ASN C 1036 -24.37 -0.62 0.83
N ASP C 1037 -24.89 0.42 1.49
CA ASP C 1037 -26.27 0.83 1.26
C ASP C 1037 -26.54 1.34 -0.15
N ASN C 1038 -25.49 1.89 -0.75
CA ASN C 1038 -25.56 2.38 -2.12
C ASN C 1038 -26.18 1.36 -3.06
N ILE C 1039 -25.75 0.11 -2.96
CA ILE C 1039 -26.19 -0.93 -3.88
C ILE C 1039 -27.20 -1.91 -3.29
N LYS C 1040 -27.77 -1.61 -2.12
CA LYS C 1040 -28.73 -2.54 -1.54
C LYS C 1040 -29.96 -2.69 -2.42
N SER C 1041 -30.16 -1.75 -3.33
CA SER C 1041 -31.32 -1.79 -4.21
C SER C 1041 -30.99 -1.89 -5.70
N VAL C 1042 -29.78 -2.39 -5.99
CA VAL C 1042 -29.40 -2.67 -7.37
C VAL C 1042 -29.09 -4.13 -7.52
N MET C 1043 -29.07 -4.59 -8.77
CA MET C 1043 -28.77 -5.98 -9.04
C MET C 1043 -27.26 -6.11 -9.23
N TYR C 1044 -26.52 -5.87 -8.15
CA TYR C 1044 -25.06 -5.90 -8.20
C TYR C 1044 -24.59 -7.31 -8.49
N TYR C 1045 -25.50 -8.27 -8.30
CA TYR C 1045 -25.18 -9.68 -8.44
C TYR C 1045 -25.31 -10.17 -9.87
N ILE C 1046 -25.76 -9.29 -10.76
CA ILE C 1046 -26.07 -9.67 -12.14
C ILE C 1046 -24.82 -9.80 -13.01
#